data_1LYL
#
_entry.id   1LYL
#
_cell.length_a   144.270
_cell.length_b   257.800
_cell.length_c   182.080
_cell.angle_alpha   90.00
_cell.angle_beta   90.00
_cell.angle_gamma   90.00
#
_symmetry.space_group_name_H-M   'C 2 2 21'
#
loop_
_entity.id
_entity.type
_entity.pdbx_description
1 polymer 'LYSYL-TRNA SYNTHETASE (LYSU)'
2 non-polymer LYSINE
3 water water
#
_entity_poly.entity_id   1
_entity_poly.type   'polypeptide(L)'
_entity_poly.pdbx_seq_one_letter_code
;SEQETRGANEAIDFNDELRNRREKLAALRQQGVAFPNDFRRDHTSDQLHEEFDAKDNQELESLNIEVSVAGRMMTRRIMG
KASFVTLQDVGGRIQLYVARDSLPEGVYNDQFKKWDLGDIIGARGTLFKTQTGELSIHCTELRLLTKALRPLPDKFHGLQ
DQEVRYRQRYLDLIANDKSRQTFVVRSKILAAIRQFMVARGFMEVETPMMQVIPGGASARPFITHHNALDLDMYLRIAPE
LYLKRLVVGGFERVFEINRNFRNEGISVRHNPEFTMMELYMAYADYHDLIELTESLFRTLAQEVLGTTKVTYGEHVFDFG
KPFEKLTMREAIKKYRPETDMADLDNFDAAKALAESIGITVEKSWGLGRIVTEIFDEVAEAHLIQPTFITEYPAEVSPLA
RRNDVNPEITDRFEFFIGGREIGNGFSELNDAEDQAERFQEQVNAKAAGDDEAMFYDEDYVTALEYGLPPTAGLGIGIDR
MIMLFTNSHTIRDVILFPAMRPQK
;
_entity_poly.pdbx_strand_id   A,B,C
#
# COMPACT_ATOMS: atom_id res chain seq x y z
N PHE A 14 -5.61 -49.28 -1.63
CA PHE A 14 -4.32 -48.74 -2.06
C PHE A 14 -3.21 -49.62 -1.53
N ASN A 15 -3.17 -49.80 -0.20
CA ASN A 15 -2.16 -50.64 0.43
C ASN A 15 -2.22 -52.05 -0.17
N ASP A 16 -3.42 -52.47 -0.54
CA ASP A 16 -3.61 -53.77 -1.19
C ASP A 16 -3.16 -53.69 -2.66
N GLU A 17 -3.38 -52.54 -3.28
CA GLU A 17 -2.92 -52.33 -4.66
C GLU A 17 -1.41 -52.42 -4.75
N LEU A 18 -0.70 -51.74 -3.86
CA LEU A 18 0.74 -51.74 -3.86
C LEU A 18 1.33 -53.14 -3.68
N ARG A 19 0.78 -53.92 -2.75
CA ARG A 19 1.27 -55.27 -2.51
C ARG A 19 1.06 -56.12 -3.76
N ASN A 20 -0.11 -56.01 -4.36
CA ASN A 20 -0.44 -56.79 -5.53
C ASN A 20 0.55 -56.54 -6.67
N ARG A 21 0.78 -55.26 -6.97
CA ARG A 21 1.67 -54.87 -8.04
C ARG A 21 3.09 -55.31 -7.75
N ARG A 22 3.50 -55.17 -6.51
CA ARG A 22 4.84 -55.58 -6.11
C ARG A 22 5.01 -57.10 -6.23
N GLU A 23 3.97 -57.86 -5.91
CA GLU A 23 4.03 -59.32 -6.05
C GLU A 23 4.17 -59.67 -7.53
N LYS A 24 3.45 -58.96 -8.37
CA LYS A 24 3.50 -59.20 -9.80
C LYS A 24 4.88 -58.89 -10.39
N LEU A 25 5.52 -57.83 -9.89
CA LEU A 25 6.85 -57.47 -10.36
C LEU A 25 7.80 -58.60 -10.00
N ALA A 26 7.66 -59.12 -8.78
CA ALA A 26 8.52 -60.21 -8.30
C ALA A 26 8.45 -61.39 -9.24
N ALA A 27 7.25 -61.72 -9.70
CA ALA A 27 7.08 -62.83 -10.63
C ALA A 27 7.81 -62.54 -11.94
N LEU A 28 7.73 -61.28 -12.41
CA LEU A 28 8.38 -60.88 -13.65
C LEU A 28 9.88 -61.08 -13.55
N ARG A 29 10.46 -60.55 -12.48
CA ARG A 29 11.89 -60.68 -12.28
C ARG A 29 12.28 -62.13 -12.37
N GLN A 30 11.47 -62.98 -11.75
CA GLN A 30 11.77 -64.39 -11.66
C GLN A 30 11.91 -65.08 -13.01
N GLN A 31 11.31 -64.51 -14.05
CA GLN A 31 11.41 -65.19 -15.33
C GLN A 31 12.16 -64.52 -16.45
N GLY A 32 13.00 -63.55 -16.12
CA GLY A 32 13.81 -62.95 -17.16
C GLY A 32 13.95 -61.47 -17.00
N VAL A 33 13.80 -60.75 -18.11
CA VAL A 33 13.93 -59.30 -18.06
C VAL A 33 12.57 -58.69 -17.73
N ALA A 34 12.54 -57.93 -16.65
CA ALA A 34 11.35 -57.28 -16.19
C ALA A 34 11.23 -55.90 -16.82
N PHE A 35 12.38 -55.32 -17.18
CA PHE A 35 12.41 -53.96 -17.72
C PHE A 35 13.08 -53.94 -19.10
N PRO A 36 12.44 -54.54 -20.10
CA PRO A 36 13.01 -54.56 -21.44
C PRO A 36 12.97 -53.19 -22.10
N ASN A 37 13.93 -52.92 -22.98
CA ASN A 37 13.97 -51.65 -23.70
C ASN A 37 14.11 -51.84 -25.20
N ASP A 38 13.73 -53.02 -25.70
CA ASP A 38 13.86 -53.30 -27.12
C ASP A 38 12.62 -52.98 -27.98
N PHE A 39 11.49 -52.69 -27.36
CA PHE A 39 10.30 -52.41 -28.15
C PHE A 39 10.42 -51.06 -28.83
N ARG A 40 10.07 -51.01 -30.12
CA ARG A 40 10.10 -49.77 -30.88
C ARG A 40 8.73 -49.50 -31.48
N ARG A 41 8.24 -48.28 -31.32
CA ARG A 41 6.93 -47.88 -31.86
C ARG A 41 7.19 -47.02 -33.09
N ASP A 42 6.24 -47.00 -34.03
CA ASP A 42 6.40 -46.19 -35.22
C ASP A 42 5.34 -45.12 -35.43
N HIS A 43 4.50 -44.90 -34.43
CA HIS A 43 3.43 -43.92 -34.56
C HIS A 43 2.98 -43.50 -33.19
N THR A 44 2.54 -42.25 -33.10
CA THR A 44 1.92 -41.78 -31.88
C THR A 44 0.42 -41.65 -32.21
N SER A 45 -0.43 -41.73 -31.18
CA SER A 45 -1.87 -41.72 -31.37
C SER A 45 -2.32 -40.60 -32.28
N ASP A 46 -1.82 -39.40 -32.01
CA ASP A 46 -2.16 -38.22 -32.82
C ASP A 46 -1.92 -38.40 -34.32
N GLN A 47 -0.77 -38.94 -34.71
CA GLN A 47 -0.48 -39.17 -36.12
C GLN A 47 -1.53 -40.09 -36.72
N LEU A 48 -1.78 -41.20 -36.05
CA LEU A 48 -2.78 -42.17 -36.50
C LEU A 48 -4.11 -41.47 -36.68
N HIS A 49 -4.45 -40.62 -35.71
CA HIS A 49 -5.71 -39.90 -35.76
C HIS A 49 -5.81 -38.97 -36.96
N GLU A 50 -4.86 -38.06 -37.10
CA GLU A 50 -4.88 -37.07 -38.19
C GLU A 50 -4.98 -37.73 -39.57
N GLU A 51 -4.31 -38.86 -39.72
CA GLU A 51 -4.23 -39.53 -41.00
C GLU A 51 -5.39 -40.49 -41.30
N PHE A 52 -6.02 -41.04 -40.26
CA PHE A 52 -7.02 -42.09 -40.49
C PHE A 52 -8.40 -41.91 -39.90
N ASP A 53 -8.59 -40.87 -39.09
CA ASP A 53 -9.89 -40.65 -38.47
C ASP A 53 -11.01 -40.42 -39.48
N ALA A 54 -10.65 -40.08 -40.71
CA ALA A 54 -11.65 -39.79 -41.74
C ALA A 54 -11.79 -40.87 -42.82
N LYS A 55 -11.22 -42.05 -42.57
CA LYS A 55 -11.30 -43.12 -43.56
C LYS A 55 -12.29 -44.20 -43.19
N ASP A 56 -13.07 -44.63 -44.17
CA ASP A 56 -14.09 -45.63 -43.95
C ASP A 56 -13.46 -46.96 -43.56
N ASN A 57 -14.18 -47.74 -42.77
CA ASN A 57 -13.69 -49.04 -42.32
C ASN A 57 -13.29 -49.86 -43.54
N GLN A 58 -14.10 -49.78 -44.59
CA GLN A 58 -13.81 -50.48 -45.83
C GLN A 58 -12.47 -50.02 -46.39
N GLU A 59 -12.22 -48.72 -46.35
CA GLU A 59 -10.96 -48.17 -46.84
C GLU A 59 -9.81 -48.69 -45.98
N LEU A 60 -9.96 -48.59 -44.65
CA LEU A 60 -8.94 -49.06 -43.74
C LEU A 60 -8.70 -50.57 -43.83
N GLU A 61 -9.73 -51.31 -44.19
CA GLU A 61 -9.63 -52.76 -44.30
C GLU A 61 -8.87 -53.18 -45.55
N SER A 62 -8.98 -52.39 -46.61
CA SER A 62 -8.31 -52.70 -47.87
C SER A 62 -6.82 -52.37 -47.80
N LEU A 63 -6.43 -51.59 -46.80
CA LEU A 63 -5.04 -51.21 -46.57
C LEU A 63 -4.63 -51.84 -45.24
N ASN A 64 -3.83 -52.89 -45.27
CA ASN A 64 -3.38 -53.46 -44.01
C ASN A 64 -2.28 -52.62 -43.41
N ILE A 65 -2.69 -51.45 -42.91
CA ILE A 65 -1.80 -50.50 -42.29
C ILE A 65 -1.49 -51.00 -40.88
N GLU A 66 -0.39 -51.73 -40.78
CA GLU A 66 0.09 -52.26 -39.51
C GLU A 66 0.96 -51.24 -38.80
N VAL A 67 0.53 -50.84 -37.60
CA VAL A 67 1.29 -49.89 -36.82
C VAL A 67 1.73 -50.49 -35.50
N SER A 68 2.67 -49.82 -34.86
CA SER A 68 3.08 -50.20 -33.51
C SER A 68 3.12 -48.90 -32.72
N VAL A 69 2.48 -48.95 -31.56
CA VAL A 69 2.38 -47.79 -30.68
C VAL A 69 2.85 -48.28 -29.32
N ALA A 70 2.98 -47.35 -28.38
CA ALA A 70 3.38 -47.70 -27.02
C ALA A 70 2.96 -46.55 -26.13
N GLY A 71 2.59 -46.87 -24.91
CA GLY A 71 2.13 -45.85 -24.00
C GLY A 71 1.56 -46.48 -22.74
N ARG A 72 0.78 -45.70 -22.00
CA ARG A 72 0.26 -46.12 -20.72
C ARG A 72 -1.16 -46.64 -20.83
N MET A 73 -1.42 -47.79 -20.21
CA MET A 73 -2.74 -48.40 -20.25
C MET A 73 -3.65 -47.67 -19.30
N MET A 74 -4.54 -46.85 -19.83
CA MET A 74 -5.42 -46.05 -18.99
C MET A 74 -6.74 -46.71 -18.61
N THR A 75 -7.36 -47.44 -19.54
CA THR A 75 -8.61 -48.14 -19.26
C THR A 75 -8.62 -49.50 -19.92
N ARG A 76 -9.49 -50.38 -19.44
CA ARG A 76 -9.60 -51.73 -19.97
C ARG A 76 -10.96 -52.35 -19.64
N ARG A 77 -11.55 -53.03 -20.60
CA ARG A 77 -12.81 -53.73 -20.41
C ARG A 77 -12.66 -55.13 -20.99
N ILE A 78 -12.43 -56.10 -20.11
CA ILE A 78 -12.23 -57.49 -20.50
C ILE A 78 -13.59 -58.15 -20.57
N MET A 79 -13.93 -58.66 -21.73
CA MET A 79 -15.18 -59.38 -21.89
C MET A 79 -14.89 -60.76 -22.42
N GLY A 80 -14.07 -61.50 -21.68
CA GLY A 80 -13.71 -62.86 -22.03
C GLY A 80 -13.35 -63.10 -23.48
N LYS A 81 -12.07 -63.32 -23.75
CA LYS A 81 -11.56 -63.59 -25.10
C LYS A 81 -11.38 -62.35 -25.94
N ALA A 82 -11.85 -61.21 -25.44
CA ALA A 82 -11.70 -59.94 -26.13
C ALA A 82 -11.79 -58.80 -25.14
N SER A 83 -10.93 -57.81 -25.30
CA SER A 83 -10.90 -56.65 -24.41
C SER A 83 -10.64 -55.43 -25.24
N PHE A 84 -11.13 -54.30 -24.74
CA PHE A 84 -10.87 -53.02 -25.36
C PHE A 84 -10.00 -52.27 -24.37
N VAL A 85 -8.88 -51.74 -24.83
CA VAL A 85 -7.97 -51.01 -23.97
C VAL A 85 -7.77 -49.61 -24.55
N THR A 86 -7.54 -48.64 -23.69
CA THR A 86 -7.20 -47.29 -24.11
C THR A 86 -5.77 -47.00 -23.68
N LEU A 87 -4.94 -46.67 -24.68
CA LEU A 87 -3.53 -46.39 -24.49
C LEU A 87 -3.33 -44.88 -24.59
N GLN A 88 -2.47 -44.34 -23.73
CA GLN A 88 -2.18 -42.91 -23.77
C GLN A 88 -0.69 -42.63 -23.97
N ASP A 89 -0.37 -41.87 -25.02
CA ASP A 89 1.00 -41.46 -25.31
C ASP A 89 1.06 -39.93 -25.41
N VAL A 90 2.19 -39.40 -25.88
CA VAL A 90 2.39 -37.95 -26.03
C VAL A 90 1.26 -37.21 -26.70
N GLY A 91 0.69 -37.83 -27.73
CA GLY A 91 -0.34 -37.18 -28.51
C GLY A 91 -1.76 -37.29 -27.99
N GLY A 92 -2.01 -38.30 -27.16
CA GLY A 92 -3.35 -38.50 -26.66
C GLY A 92 -3.65 -39.98 -26.54
N ARG A 93 -4.88 -40.36 -26.88
CA ARG A 93 -5.32 -41.74 -26.71
C ARG A 93 -5.71 -42.42 -28.02
N ILE A 94 -5.46 -43.72 -28.08
CA ILE A 94 -5.81 -44.55 -29.23
C ILE A 94 -6.42 -45.81 -28.60
N GLN A 95 -7.32 -46.48 -29.30
CA GLN A 95 -7.95 -47.66 -28.73
C GLN A 95 -7.40 -48.94 -29.31
N LEU A 96 -7.11 -49.90 -28.44
CA LEU A 96 -6.61 -51.20 -28.86
C LEU A 96 -7.70 -52.26 -28.74
N TYR A 97 -7.73 -53.18 -29.68
CA TYR A 97 -8.65 -54.30 -29.63
C TYR A 97 -7.79 -55.52 -29.32
N VAL A 98 -7.85 -55.99 -28.07
CA VAL A 98 -7.05 -57.14 -27.65
C VAL A 98 -7.90 -58.40 -27.60
N ALA A 99 -7.60 -59.35 -28.47
CA ALA A 99 -8.36 -60.60 -28.57
C ALA A 99 -7.46 -61.84 -28.44
N ARG A 100 -7.88 -62.79 -27.62
CA ARG A 100 -7.11 -64.01 -27.35
C ARG A 100 -6.58 -64.72 -28.59
N ASP A 101 -7.44 -64.89 -29.58
CA ASP A 101 -7.10 -65.63 -30.79
C ASP A 101 -6.23 -64.89 -31.80
N SER A 102 -5.90 -63.64 -31.52
CA SER A 102 -5.07 -62.86 -32.44
C SER A 102 -3.64 -62.81 -31.91
N LEU A 103 -3.51 -62.83 -30.59
CA LEU A 103 -2.20 -62.79 -29.95
C LEU A 103 -1.66 -64.19 -29.90
N PRO A 104 -0.34 -64.32 -29.71
CA PRO A 104 0.30 -65.64 -29.61
C PRO A 104 -0.31 -66.43 -28.46
N GLU A 105 0.06 -67.71 -28.39
CA GLU A 105 -0.46 -68.63 -27.39
C GLU A 105 -0.14 -68.20 -25.95
N GLY A 106 -1.18 -68.13 -25.13
CA GLY A 106 -0.99 -67.83 -23.72
C GLY A 106 -0.82 -66.38 -23.33
N VAL A 107 -0.50 -65.52 -24.29
CA VAL A 107 -0.31 -64.11 -24.01
C VAL A 107 -1.54 -63.48 -23.37
N TYR A 108 -2.69 -63.64 -24.02
CA TYR A 108 -3.92 -63.01 -23.56
C TYR A 108 -4.29 -63.40 -22.14
N ASN A 109 -4.26 -64.69 -21.85
CA ASN A 109 -4.63 -65.18 -20.53
C ASN A 109 -3.54 -65.07 -19.49
N ASP A 110 -2.37 -65.61 -19.80
CA ASP A 110 -1.28 -65.66 -18.83
C ASP A 110 -0.58 -64.31 -18.61
N GLN A 111 -0.65 -63.42 -19.59
CA GLN A 111 0.00 -62.13 -19.46
C GLN A 111 -0.94 -60.94 -19.45
N PHE A 112 -1.62 -60.69 -20.56
CA PHE A 112 -2.49 -59.52 -20.67
C PHE A 112 -3.44 -59.37 -19.51
N LYS A 113 -4.23 -60.40 -19.26
CA LYS A 113 -5.22 -60.34 -18.18
C LYS A 113 -4.62 -60.13 -16.80
N LYS A 114 -3.31 -60.31 -16.67
CA LYS A 114 -2.66 -60.13 -15.38
C LYS A 114 -2.08 -58.73 -15.20
N TRP A 115 -2.07 -57.92 -16.26
CA TRP A 115 -1.52 -56.56 -16.20
C TRP A 115 -2.46 -55.59 -15.47
N ASP A 116 -1.91 -54.51 -14.95
CA ASP A 116 -2.69 -53.50 -14.24
C ASP A 116 -2.78 -52.22 -15.05
N LEU A 117 -3.76 -51.39 -14.72
CA LEU A 117 -3.91 -50.08 -15.30
C LEU A 117 -2.73 -49.28 -14.80
N GLY A 118 -2.14 -48.48 -15.68
CA GLY A 118 -0.98 -47.70 -15.29
C GLY A 118 0.27 -48.31 -15.90
N ASP A 119 0.21 -49.61 -16.20
CA ASP A 119 1.32 -50.30 -16.84
C ASP A 119 1.58 -49.67 -18.20
N ILE A 120 2.86 -49.60 -18.58
CA ILE A 120 3.31 -49.08 -19.87
C ILE A 120 3.43 -50.29 -20.79
N ILE A 121 2.71 -50.27 -21.91
CA ILE A 121 2.72 -51.42 -22.82
C ILE A 121 3.03 -51.01 -24.26
N GLY A 122 3.45 -51.98 -25.05
CA GLY A 122 3.73 -51.74 -26.46
C GLY A 122 2.84 -52.67 -27.26
N ALA A 123 2.34 -52.19 -28.40
CA ALA A 123 1.42 -52.97 -29.21
C ALA A 123 1.66 -52.81 -30.69
N ARG A 124 1.31 -53.84 -31.43
CA ARG A 124 1.48 -53.85 -32.87
C ARG A 124 0.23 -54.50 -33.47
N GLY A 125 -0.32 -53.89 -34.51
CA GLY A 125 -1.50 -54.45 -35.15
C GLY A 125 -2.02 -53.60 -36.29
N THR A 126 -3.06 -54.08 -36.96
CA THR A 126 -3.62 -53.37 -38.10
C THR A 126 -4.71 -52.41 -37.65
N LEU A 127 -4.86 -51.30 -38.36
CA LEU A 127 -5.88 -50.32 -38.04
C LEU A 127 -7.25 -50.75 -38.53
N PHE A 128 -8.28 -50.25 -37.85
CA PHE A 128 -9.67 -50.47 -38.25
C PHE A 128 -10.55 -49.52 -37.45
N LYS A 129 -11.85 -49.52 -37.76
CA LYS A 129 -12.80 -48.68 -37.02
C LYS A 129 -13.91 -49.54 -36.46
N THR A 130 -14.32 -49.24 -35.24
CA THR A 130 -15.39 -49.96 -34.57
C THR A 130 -16.70 -49.29 -34.96
N GLN A 131 -17.81 -50.01 -34.78
CA GLN A 131 -19.13 -49.47 -35.06
C GLN A 131 -19.45 -48.37 -34.06
N THR A 132 -18.91 -47.17 -34.32
CA THR A 132 -19.08 -45.97 -33.49
C THR A 132 -18.25 -44.90 -34.17
N GLY A 133 -17.26 -45.34 -34.95
CA GLY A 133 -16.37 -44.43 -35.64
C GLY A 133 -15.09 -44.21 -34.85
N GLU A 134 -14.70 -45.22 -34.08
CA GLU A 134 -13.47 -45.13 -33.29
C GLU A 134 -12.31 -45.84 -33.96
N LEU A 135 -11.23 -45.10 -34.18
CA LEU A 135 -10.03 -45.66 -34.79
C LEU A 135 -9.40 -46.59 -33.77
N SER A 136 -9.19 -47.84 -34.15
CA SER A 136 -8.61 -48.83 -33.26
C SER A 136 -7.52 -49.64 -33.91
N ILE A 137 -6.82 -50.42 -33.09
CA ILE A 137 -5.74 -51.26 -33.58
C ILE A 137 -6.05 -52.70 -33.19
N HIS A 138 -6.22 -53.57 -34.18
CA HIS A 138 -6.45 -54.97 -33.93
C HIS A 138 -5.10 -55.60 -33.60
N CYS A 139 -4.73 -55.62 -32.33
CA CYS A 139 -3.42 -56.13 -31.92
C CYS A 139 -3.09 -57.54 -32.36
N THR A 140 -1.84 -57.75 -32.75
CA THR A 140 -1.32 -59.05 -33.14
C THR A 140 -0.11 -59.34 -32.26
N GLU A 141 0.43 -58.29 -31.67
CA GLU A 141 1.52 -58.42 -30.73
C GLU A 141 1.23 -57.41 -29.64
N LEU A 142 1.49 -57.80 -28.40
CA LEU A 142 1.19 -56.97 -27.25
C LEU A 142 2.20 -57.34 -26.17
N ARG A 143 2.87 -56.36 -25.56
CA ARG A 143 3.85 -56.67 -24.51
C ARG A 143 4.07 -55.61 -23.46
N LEU A 144 4.40 -56.05 -22.24
CA LEU A 144 4.59 -55.19 -21.09
C LEU A 144 5.99 -54.63 -21.02
N LEU A 145 6.10 -53.31 -21.09
CA LEU A 145 7.39 -52.67 -21.05
C LEU A 145 7.77 -52.22 -19.65
N THR A 146 6.84 -51.62 -18.90
CA THR A 146 7.14 -51.20 -17.53
C THR A 146 5.98 -51.45 -16.57
N LYS A 147 6.25 -52.16 -15.48
CA LYS A 147 5.24 -52.44 -14.47
C LYS A 147 5.09 -51.21 -13.60
N ALA A 148 3.87 -50.71 -13.46
CA ALA A 148 3.59 -49.59 -12.57
C ALA A 148 3.34 -50.16 -11.18
N LEU A 149 4.11 -49.72 -10.20
CA LEU A 149 3.98 -50.22 -8.84
C LEU A 149 2.94 -49.46 -8.03
N ARG A 150 2.49 -48.33 -8.54
CA ARG A 150 1.47 -47.53 -7.88
C ARG A 150 0.30 -47.26 -8.82
N PRO A 151 -0.91 -47.22 -8.27
CA PRO A 151 -2.13 -47.00 -9.05
C PRO A 151 -2.22 -45.62 -9.68
N LEU A 152 -2.90 -45.53 -10.82
CA LEU A 152 -3.14 -44.24 -11.47
C LEU A 152 -3.80 -43.33 -10.44
N PRO A 153 -3.43 -42.05 -10.42
CA PRO A 153 -4.02 -41.12 -9.45
C PRO A 153 -5.55 -40.99 -9.56
N ASP A 161 -4.51 -31.10 -1.64
CA ASP A 161 -4.98 -31.71 -2.88
C ASP A 161 -4.50 -30.92 -4.09
N GLN A 162 -4.75 -29.61 -4.10
CA GLN A 162 -4.26 -28.76 -5.17
C GLN A 162 -2.74 -28.60 -5.11
N GLU A 163 -2.17 -28.92 -3.95
CA GLU A 163 -0.72 -28.88 -3.77
C GLU A 163 -0.06 -30.05 -4.51
N VAL A 164 -0.71 -31.21 -4.50
CA VAL A 164 -0.21 -32.42 -5.17
C VAL A 164 0.12 -32.15 -6.65
N ARG A 165 -0.78 -31.47 -7.34
CA ARG A 165 -0.56 -31.07 -8.72
C ARG A 165 0.79 -30.38 -8.90
N TYR A 166 1.19 -29.58 -7.91
CA TYR A 166 2.42 -28.83 -8.00
C TYR A 166 3.63 -29.58 -7.46
N ARG A 167 3.41 -30.42 -6.45
CA ARG A 167 4.49 -31.18 -5.83
C ARG A 167 4.81 -32.46 -6.60
N GLN A 168 3.91 -32.86 -7.49
CA GLN A 168 4.08 -34.07 -8.28
C GLN A 168 3.44 -33.87 -9.63
N ARG A 169 3.98 -32.91 -10.39
CA ARG A 169 3.45 -32.60 -11.71
C ARG A 169 3.18 -33.80 -12.57
N TYR A 170 4.07 -34.79 -12.54
CA TYR A 170 3.91 -35.95 -13.41
C TYR A 170 2.54 -36.57 -13.27
N LEU A 171 1.98 -36.53 -12.06
CA LEU A 171 0.65 -37.09 -11.85
C LEU A 171 -0.35 -36.19 -12.54
N ASP A 172 -0.19 -34.88 -12.32
CA ASP A 172 -1.04 -33.90 -12.94
C ASP A 172 -1.08 -34.09 -14.45
N LEU A 173 0.09 -34.23 -15.06
CA LEU A 173 0.18 -34.35 -16.52
C LEU A 173 -0.49 -35.61 -17.04
N ILE A 174 -0.47 -36.66 -16.24
CA ILE A 174 -1.08 -37.91 -16.66
C ILE A 174 -2.60 -37.76 -16.69
N ALA A 175 -3.15 -37.23 -15.60
CA ALA A 175 -4.59 -37.08 -15.46
C ALA A 175 -5.20 -35.94 -16.27
N ASN A 176 -4.72 -34.73 -16.05
CA ASN A 176 -5.30 -33.51 -16.64
C ASN A 176 -4.92 -33.19 -18.07
N ASP A 177 -5.88 -33.32 -18.98
CA ASP A 177 -5.62 -32.92 -20.36
C ASP A 177 -5.31 -31.43 -20.45
N LYS A 178 -6.00 -30.63 -19.63
CA LYS A 178 -5.80 -29.18 -19.64
C LYS A 178 -4.42 -28.74 -19.16
N SER A 179 -3.87 -29.49 -18.21
CA SER A 179 -2.56 -29.17 -17.65
C SER A 179 -1.52 -29.38 -18.72
N ARG A 180 -1.65 -30.48 -19.47
CA ARG A 180 -0.77 -30.76 -20.58
C ARG A 180 -0.86 -29.66 -21.62
N GLN A 181 -2.07 -29.36 -22.06
CA GLN A 181 -2.28 -28.35 -23.09
C GLN A 181 -1.64 -27.02 -22.71
N THR A 182 -1.71 -26.66 -21.43
CA THR A 182 -1.10 -25.44 -20.97
C THR A 182 0.40 -25.44 -21.24
N PHE A 183 1.08 -26.51 -20.87
CA PHE A 183 2.53 -26.57 -21.07
C PHE A 183 2.97 -26.76 -22.49
N VAL A 184 2.13 -27.40 -23.30
CA VAL A 184 2.39 -27.51 -24.72
C VAL A 184 2.28 -26.14 -25.34
N VAL A 185 1.24 -25.40 -24.98
CA VAL A 185 1.04 -24.06 -25.51
C VAL A 185 2.20 -23.17 -25.05
N ARG A 186 2.69 -23.40 -23.83
CA ARG A 186 3.81 -22.63 -23.32
C ARG A 186 5.00 -22.77 -24.29
N SER A 187 5.35 -24.00 -24.63
CA SER A 187 6.43 -24.23 -25.57
C SER A 187 6.14 -23.62 -26.94
N LYS A 188 4.88 -23.67 -27.37
CA LYS A 188 4.53 -23.10 -28.66
C LYS A 188 4.80 -21.61 -28.66
N ILE A 189 4.40 -20.97 -27.57
CA ILE A 189 4.54 -19.53 -27.46
C ILE A 189 6.01 -19.12 -27.47
N LEU A 190 6.84 -19.75 -26.65
CA LEU A 190 8.27 -19.43 -26.62
C LEU A 190 8.94 -19.62 -27.98
N ALA A 191 8.57 -20.68 -28.68
CA ALA A 191 9.08 -20.90 -30.02
C ALA A 191 8.65 -19.76 -30.92
N ALA A 192 7.43 -19.27 -30.73
CA ALA A 192 6.90 -18.18 -31.56
C ALA A 192 7.55 -16.83 -31.25
N ILE A 193 7.89 -16.60 -29.99
CA ILE A 193 8.54 -15.35 -29.62
C ILE A 193 9.91 -15.28 -30.27
N ARG A 194 10.70 -16.34 -30.12
CA ARG A 194 12.02 -16.38 -30.74
C ARG A 194 11.95 -16.13 -32.25
N GLN A 195 10.97 -16.75 -32.91
CA GLN A 195 10.83 -16.58 -34.34
C GLN A 195 10.44 -15.15 -34.70
N PHE A 196 9.58 -14.56 -33.89
CA PHE A 196 9.15 -13.19 -34.09
C PHE A 196 10.38 -12.29 -34.00
N MET A 197 11.14 -12.47 -32.92
CA MET A 197 12.34 -11.68 -32.64
C MET A 197 13.38 -11.82 -33.73
N VAL A 198 13.66 -13.05 -34.11
CA VAL A 198 14.65 -13.31 -35.13
C VAL A 198 14.25 -12.72 -36.48
N ALA A 199 12.97 -12.74 -36.80
CA ALA A 199 12.47 -12.20 -38.06
C ALA A 199 12.74 -10.70 -38.15
N ARG A 200 12.97 -10.08 -37.01
CA ARG A 200 13.20 -8.64 -36.95
C ARG A 200 14.67 -8.28 -36.71
N GLY A 201 15.56 -9.23 -37.01
CA GLY A 201 16.98 -8.98 -36.93
C GLY A 201 17.62 -9.07 -35.55
N PHE A 202 16.89 -9.59 -34.57
CA PHE A 202 17.43 -9.71 -33.23
C PHE A 202 18.25 -10.99 -33.07
N MET A 203 19.26 -10.95 -32.21
CA MET A 203 20.14 -12.09 -31.98
C MET A 203 20.08 -12.49 -30.53
N GLU A 204 19.78 -13.76 -30.26
CA GLU A 204 19.64 -14.20 -28.88
C GLU A 204 21.00 -14.35 -28.26
N VAL A 205 21.06 -14.15 -26.95
CA VAL A 205 22.32 -14.07 -26.27
C VAL A 205 22.21 -14.72 -24.90
N GLU A 206 23.35 -15.10 -24.33
CA GLU A 206 23.39 -15.67 -22.99
C GLU A 206 24.34 -14.84 -22.14
N THR A 207 23.79 -14.19 -21.12
CA THR A 207 24.59 -13.35 -20.22
C THR A 207 24.63 -14.09 -18.88
N PRO A 208 25.64 -13.81 -18.04
CA PRO A 208 25.81 -14.48 -16.75
C PRO A 208 24.58 -14.61 -15.88
N MET A 209 24.49 -15.73 -15.18
CA MET A 209 23.41 -15.98 -14.25
C MET A 209 23.92 -15.63 -12.85
N MET A 210 25.22 -15.81 -12.62
CA MET A 210 25.85 -15.45 -11.36
C MET A 210 26.66 -14.19 -11.59
N GLN A 211 26.39 -13.16 -10.81
CA GLN A 211 27.04 -11.89 -11.00
C GLN A 211 27.75 -11.44 -9.73
N VAL A 212 28.82 -10.71 -9.90
CA VAL A 212 29.57 -10.18 -8.78
C VAL A 212 28.75 -9.09 -8.10
N ILE A 213 28.14 -8.24 -8.91
CA ILE A 213 27.28 -7.14 -8.43
C ILE A 213 25.95 -7.28 -9.15
N PRO A 214 24.85 -7.42 -8.41
CA PRO A 214 23.53 -7.55 -9.03
C PRO A 214 23.00 -6.19 -9.48
N GLY A 215 22.15 -6.18 -10.49
CA GLY A 215 21.60 -4.93 -10.97
C GLY A 215 20.58 -5.14 -12.07
N GLY A 216 20.08 -4.03 -12.62
CA GLY A 216 19.10 -4.12 -13.67
C GLY A 216 17.66 -4.02 -13.16
N ALA A 217 17.51 -3.97 -11.85
CA ALA A 217 16.20 -3.86 -11.23
C ALA A 217 16.36 -3.65 -9.74
N SER A 218 15.24 -3.45 -9.06
CA SER A 218 15.26 -3.24 -7.62
C SER A 218 14.60 -4.45 -6.97
N ALA A 219 15.41 -5.27 -6.31
CA ALA A 219 14.91 -6.47 -5.67
C ALA A 219 15.97 -7.05 -4.74
N ARG A 220 15.56 -7.88 -3.81
CA ARG A 220 16.48 -8.54 -2.90
C ARG A 220 17.01 -9.76 -3.62
N PRO A 221 18.34 -9.82 -3.83
CA PRO A 221 18.99 -10.93 -4.52
C PRO A 221 19.24 -12.14 -3.63
N PHE A 222 19.54 -13.28 -4.26
CA PHE A 222 19.98 -14.48 -3.57
C PHE A 222 21.49 -14.38 -3.60
N ILE A 223 22.16 -14.91 -2.58
CA ILE A 223 23.62 -14.88 -2.55
C ILE A 223 24.13 -16.28 -2.39
N THR A 224 25.23 -16.56 -3.05
CA THR A 224 25.84 -17.87 -2.97
C THR A 224 27.32 -17.63 -2.94
N HIS A 225 28.07 -18.59 -2.38
CA HIS A 225 29.50 -18.42 -2.21
C HIS A 225 30.32 -19.33 -3.12
N HIS A 226 31.24 -18.73 -3.85
CA HIS A 226 32.18 -19.51 -4.66
C HIS A 226 33.32 -19.81 -3.72
N ASN A 227 33.70 -21.08 -3.61
CA ASN A 227 34.77 -21.47 -2.69
C ASN A 227 36.17 -21.23 -3.23
N ALA A 228 36.40 -21.65 -4.47
CA ALA A 228 37.70 -21.47 -5.12
C ALA A 228 38.20 -20.03 -5.07
N LEU A 229 37.30 -19.08 -5.29
CA LEU A 229 37.67 -17.67 -5.29
C LEU A 229 37.37 -16.97 -3.95
N ASP A 230 36.68 -17.67 -3.06
CA ASP A 230 36.23 -17.13 -1.77
C ASP A 230 35.34 -15.90 -2.00
N LEU A 231 34.89 -15.75 -3.23
CA LEU A 231 34.09 -14.62 -3.68
C LEU A 231 32.61 -14.89 -3.47
N ASP A 232 31.91 -13.92 -2.86
CA ASP A 232 30.45 -14.01 -2.74
C ASP A 232 29.86 -13.53 -4.06
N MET A 233 28.92 -14.29 -4.58
CA MET A 233 28.29 -13.94 -5.82
C MET A 233 26.77 -13.95 -5.68
N TYR A 234 26.13 -13.14 -6.51
CA TYR A 234 24.70 -12.98 -6.49
C TYR A 234 24.06 -13.63 -7.68
N LEU A 235 22.86 -14.16 -7.48
CA LEU A 235 22.11 -14.69 -8.58
C LEU A 235 21.46 -13.50 -9.28
N ARG A 236 21.50 -13.52 -10.60
CA ARG A 236 20.96 -12.47 -11.45
C ARG A 236 19.55 -12.04 -11.06
N ILE A 237 19.34 -10.73 -10.88
CA ILE A 237 17.99 -10.22 -10.70
C ILE A 237 17.47 -9.63 -12.01
N ALA A 238 18.39 -9.43 -12.96
CA ALA A 238 18.08 -8.93 -14.30
C ALA A 238 19.36 -8.93 -15.12
N PRO A 239 19.29 -9.32 -16.42
CA PRO A 239 20.45 -9.36 -17.30
C PRO A 239 20.74 -8.02 -18.00
N GLU A 240 20.10 -6.95 -17.54
CA GLU A 240 20.13 -5.65 -18.24
C GLU A 240 21.49 -5.04 -18.50
N LEU A 241 22.26 -4.84 -17.43
CA LEU A 241 23.55 -4.18 -17.58
C LEU A 241 24.51 -4.94 -18.49
N TYR A 242 24.40 -6.26 -18.52
CA TYR A 242 25.23 -7.05 -19.40
C TYR A 242 24.79 -6.95 -20.85
N LEU A 243 23.48 -7.04 -21.08
CA LEU A 243 22.95 -6.90 -22.43
C LEU A 243 23.35 -5.55 -23.02
N LYS A 244 23.27 -4.49 -22.23
CA LYS A 244 23.62 -3.18 -22.74
C LYS A 244 25.11 -3.07 -23.04
N ARG A 245 25.92 -3.81 -22.29
CA ARG A 245 27.35 -3.86 -22.57
C ARG A 245 27.59 -4.40 -23.99
N LEU A 246 26.73 -5.33 -24.45
CA LEU A 246 26.85 -5.87 -25.79
C LEU A 246 26.46 -4.86 -26.87
N VAL A 247 25.61 -3.91 -26.53
CA VAL A 247 25.22 -2.88 -27.49
C VAL A 247 26.37 -1.91 -27.67
N VAL A 248 27.13 -1.66 -26.61
CA VAL A 248 28.31 -0.81 -26.69
C VAL A 248 29.31 -1.51 -27.60
N GLY A 249 29.37 -2.83 -27.49
CA GLY A 249 30.30 -3.63 -28.26
C GLY A 249 29.89 -3.89 -29.69
N GLY A 250 28.72 -3.40 -30.10
CA GLY A 250 28.33 -3.56 -31.49
C GLY A 250 27.14 -4.44 -31.82
N PHE A 251 26.71 -5.30 -30.89
CA PHE A 251 25.53 -6.13 -31.13
C PHE A 251 24.32 -5.23 -30.92
N GLU A 252 23.93 -4.52 -31.97
CA GLU A 252 22.89 -3.50 -31.90
C GLU A 252 21.43 -3.93 -31.77
N ARG A 253 21.15 -5.22 -32.00
CA ARG A 253 19.83 -5.79 -31.80
C ARG A 253 20.00 -7.13 -31.09
N VAL A 254 19.84 -7.11 -29.79
CA VAL A 254 20.12 -8.27 -28.96
C VAL A 254 18.93 -8.54 -28.03
N PHE A 255 18.70 -9.80 -27.71
CA PHE A 255 17.61 -10.17 -26.80
C PHE A 255 17.95 -11.44 -26.05
N GLU A 256 17.21 -11.70 -24.97
CA GLU A 256 17.48 -12.84 -24.12
C GLU A 256 16.25 -13.31 -23.35
N ILE A 257 16.04 -14.62 -23.33
CA ILE A 257 14.92 -15.21 -22.62
C ILE A 257 15.50 -16.19 -21.63
N ASN A 258 15.39 -15.91 -20.35
CA ASN A 258 15.89 -16.83 -19.35
C ASN A 258 15.46 -16.38 -17.97
N ARG A 259 15.93 -17.06 -16.95
CA ARG A 259 15.47 -16.81 -15.61
C ARG A 259 16.10 -15.68 -14.84
N ASN A 260 15.31 -15.07 -13.95
CA ASN A 260 15.79 -14.08 -13.00
C ASN A 260 15.44 -14.66 -11.64
N PHE A 261 16.11 -14.20 -10.60
CA PHE A 261 15.88 -14.72 -9.25
C PHE A 261 15.68 -13.57 -8.29
N ARG A 262 14.67 -13.69 -7.42
CA ARG A 262 14.35 -12.66 -6.42
C ARG A 262 13.85 -13.26 -5.12
N ASN A 263 14.35 -12.75 -4.01
CA ASN A 263 13.97 -13.18 -2.66
C ASN A 263 12.72 -12.48 -2.17
N GLU A 264 11.56 -13.10 -2.37
CA GLU A 264 10.31 -12.53 -1.93
C GLU A 264 9.46 -13.68 -1.44
N GLY A 265 8.29 -13.36 -0.89
CA GLY A 265 7.40 -14.41 -0.40
C GLY A 265 6.97 -15.32 -1.55
N ILE A 266 6.75 -16.60 -1.29
CA ILE A 266 6.34 -17.50 -2.36
C ILE A 266 4.97 -17.08 -2.93
N SER A 267 4.27 -16.25 -2.16
CA SER A 267 3.02 -15.58 -2.51
C SER A 267 1.86 -16.32 -3.18
N VAL A 268 2.11 -17.43 -3.87
CA VAL A 268 1.05 -18.19 -4.57
C VAL A 268 0.72 -17.50 -5.89
N ARG A 269 1.38 -16.37 -6.11
CA ARG A 269 1.27 -15.59 -7.33
C ARG A 269 2.69 -15.12 -7.62
N HIS A 270 3.64 -15.72 -6.92
CA HIS A 270 5.06 -15.44 -7.08
C HIS A 270 5.82 -16.73 -7.07
N ASN A 271 7.06 -16.66 -7.55
CA ASN A 271 7.98 -17.78 -7.53
C ASN A 271 9.34 -17.11 -7.40
N PRO A 272 10.25 -17.67 -6.61
CA PRO A 272 11.57 -17.05 -6.47
C PRO A 272 12.34 -16.97 -7.80
N GLU A 273 12.05 -17.90 -8.72
CA GLU A 273 12.64 -17.85 -10.04
C GLU A 273 11.58 -17.82 -11.14
N PHE A 274 11.75 -16.93 -12.11
CA PHE A 274 10.77 -16.77 -13.18
C PHE A 274 11.47 -16.38 -14.48
N THR A 275 10.77 -16.59 -15.60
CA THR A 275 11.31 -16.32 -16.93
C THR A 275 11.00 -14.91 -17.43
N MET A 276 12.03 -14.20 -17.85
CA MET A 276 11.92 -12.84 -18.37
C MET A 276 12.58 -12.79 -19.73
N MET A 277 12.10 -11.89 -20.57
CA MET A 277 12.73 -11.65 -21.85
C MET A 277 13.12 -10.20 -21.84
N GLU A 278 14.34 -9.90 -22.28
CA GLU A 278 14.77 -8.53 -22.46
C GLU A 278 15.30 -8.38 -23.86
N LEU A 279 15.09 -7.21 -24.44
CA LEU A 279 15.54 -6.94 -25.81
C LEU A 279 15.99 -5.49 -25.87
N TYR A 280 17.03 -5.22 -26.66
CA TYR A 280 17.54 -3.87 -26.82
C TYR A 280 17.77 -3.66 -28.29
N MET A 281 17.25 -2.57 -28.81
CA MET A 281 17.50 -2.23 -30.19
C MET A 281 18.07 -0.82 -30.24
N ALA A 282 19.21 -0.70 -30.90
CA ALA A 282 19.91 0.56 -31.04
C ALA A 282 19.19 1.43 -32.04
N TYR A 283 19.37 2.74 -31.89
CA TYR A 283 18.75 3.75 -32.75
C TYR A 283 17.24 3.61 -32.74
N ALA A 284 16.67 3.77 -31.53
CA ALA A 284 15.24 3.65 -31.29
C ALA A 284 14.88 4.25 -29.93
N ASP A 285 13.66 4.76 -29.80
CA ASP A 285 13.16 5.29 -28.52
C ASP A 285 12.03 4.39 -28.02
N TYR A 286 11.44 4.72 -26.88
CA TYR A 286 10.41 3.86 -26.32
C TYR A 286 9.18 3.75 -27.19
N HIS A 287 8.94 4.76 -28.02
CA HIS A 287 7.77 4.71 -28.89
C HIS A 287 7.85 3.51 -29.82
N ASP A 288 9.07 3.19 -30.26
CA ASP A 288 9.26 2.05 -31.13
C ASP A 288 8.94 0.78 -30.36
N LEU A 289 9.21 0.79 -29.06
CA LEU A 289 8.96 -0.38 -28.23
C LEU A 289 7.46 -0.61 -28.05
N ILE A 290 6.71 0.47 -27.95
CA ILE A 290 5.27 0.37 -27.81
C ILE A 290 4.68 -0.37 -29.01
N GLU A 291 5.12 0.00 -30.21
CA GLU A 291 4.65 -0.65 -31.43
C GLU A 291 5.03 -2.12 -31.44
N LEU A 292 6.27 -2.42 -31.06
CA LEU A 292 6.77 -3.79 -31.06
C LEU A 292 5.92 -4.65 -30.13
N THR A 293 5.59 -4.10 -28.96
CA THR A 293 4.78 -4.80 -27.98
C THR A 293 3.39 -5.12 -28.53
N GLU A 294 2.77 -4.13 -29.16
CA GLU A 294 1.46 -4.34 -29.76
C GLU A 294 1.51 -5.43 -30.82
N SER A 295 2.49 -5.37 -31.70
CA SER A 295 2.64 -6.39 -32.74
C SER A 295 2.92 -7.77 -32.17
N LEU A 296 3.69 -7.83 -31.10
CA LEU A 296 4.04 -9.11 -30.48
C LEU A 296 2.77 -9.83 -30.01
N PHE A 297 1.94 -9.13 -29.26
CA PHE A 297 0.72 -9.74 -28.72
C PHE A 297 -0.27 -10.09 -29.79
N ARG A 298 -0.54 -9.15 -30.69
CA ARG A 298 -1.47 -9.40 -31.77
C ARG A 298 -1.05 -10.67 -32.49
N THR A 299 0.22 -10.73 -32.87
CA THR A 299 0.78 -11.87 -33.57
C THR A 299 0.65 -13.18 -32.79
N LEU A 300 1.10 -13.20 -31.54
CA LEU A 300 1.03 -14.42 -30.72
C LEU A 300 -0.40 -14.89 -30.57
N ALA A 301 -1.32 -13.96 -30.31
CA ALA A 301 -2.71 -14.31 -30.16
C ALA A 301 -3.17 -14.93 -31.47
N GLN A 302 -2.90 -14.25 -32.56
CA GLN A 302 -3.30 -14.72 -33.88
C GLN A 302 -2.74 -16.11 -34.17
N GLU A 303 -1.44 -16.28 -34.03
CA GLU A 303 -0.78 -17.55 -34.36
C GLU A 303 -1.13 -18.71 -33.44
N VAL A 304 -0.98 -18.49 -32.14
CA VAL A 304 -1.19 -19.54 -31.15
C VAL A 304 -2.65 -19.80 -30.81
N LEU A 305 -3.45 -18.73 -30.73
CA LEU A 305 -4.85 -18.88 -30.35
C LEU A 305 -5.81 -18.84 -31.53
N GLY A 306 -5.39 -18.22 -32.63
CA GLY A 306 -6.27 -18.11 -33.79
C GLY A 306 -7.10 -16.84 -33.81
N THR A 307 -7.16 -16.15 -32.67
CA THR A 307 -7.93 -14.91 -32.55
C THR A 307 -7.11 -13.82 -31.88
N THR A 308 -7.50 -12.58 -32.10
CA THR A 308 -6.90 -11.45 -31.43
C THR A 308 -7.70 -11.15 -30.16
N LYS A 309 -8.86 -11.80 -30.04
CA LYS A 309 -9.71 -11.67 -28.86
C LYS A 309 -9.36 -12.79 -27.89
N VAL A 310 -8.90 -12.41 -26.71
CA VAL A 310 -8.46 -13.38 -25.72
C VAL A 310 -9.33 -13.28 -24.50
N THR A 311 -10.07 -14.34 -24.23
CA THR A 311 -10.92 -14.35 -23.06
C THR A 311 -10.11 -14.83 -21.88
N TYR A 312 -9.95 -13.95 -20.91
CA TYR A 312 -9.17 -14.27 -19.73
C TYR A 312 -10.03 -14.04 -18.50
N GLY A 313 -10.32 -15.12 -17.78
CA GLY A 313 -11.16 -15.02 -16.61
C GLY A 313 -12.51 -14.47 -17.01
N GLU A 314 -12.90 -13.37 -16.39
CA GLU A 314 -14.18 -12.72 -16.69
C GLU A 314 -13.94 -11.54 -17.61
N HIS A 315 -12.96 -11.65 -18.51
CA HIS A 315 -12.60 -10.54 -19.37
C HIS A 315 -12.28 -10.99 -20.76
N VAL A 316 -12.38 -10.06 -21.69
CA VAL A 316 -12.03 -10.29 -23.08
C VAL A 316 -11.18 -9.11 -23.50
N PHE A 317 -9.90 -9.40 -23.73
CA PHE A 317 -8.96 -8.39 -24.17
C PHE A 317 -8.95 -8.47 -25.68
N ASP A 318 -8.75 -7.35 -26.37
CA ASP A 318 -8.59 -7.42 -27.82
C ASP A 318 -7.20 -6.91 -28.18
N PHE A 319 -6.33 -7.85 -28.57
CA PHE A 319 -4.96 -7.55 -28.92
C PHE A 319 -4.77 -7.04 -30.35
N GLY A 320 -5.85 -7.11 -31.14
CA GLY A 320 -5.79 -6.61 -32.50
C GLY A 320 -6.24 -5.16 -32.54
N LYS A 321 -6.19 -4.51 -31.39
CA LYS A 321 -6.66 -3.13 -31.25
C LYS A 321 -5.57 -2.41 -30.45
N PRO A 322 -5.18 -1.20 -30.87
CA PRO A 322 -4.15 -0.45 -30.13
C PRO A 322 -4.50 -0.29 -28.67
N PHE A 323 -3.50 -0.47 -27.82
CA PHE A 323 -3.66 -0.41 -26.39
C PHE A 323 -3.84 1.01 -25.91
N GLU A 324 -4.30 1.17 -24.68
CA GLU A 324 -4.50 2.47 -24.08
C GLU A 324 -3.18 3.04 -23.60
N LYS A 325 -2.99 4.35 -23.76
CA LYS A 325 -1.79 5.04 -23.29
C LYS A 325 -2.21 6.16 -22.35
N LEU A 326 -1.67 6.18 -21.13
CA LEU A 326 -1.98 7.23 -20.17
C LEU A 326 -0.69 7.59 -19.49
N THR A 327 -0.47 8.85 -19.17
CA THR A 327 0.70 9.20 -18.40
C THR A 327 0.34 8.79 -16.98
N MET A 328 1.35 8.64 -16.13
CA MET A 328 1.11 8.24 -14.74
C MET A 328 0.14 9.20 -14.06
N ARG A 329 0.35 10.50 -14.25
CA ARG A 329 -0.52 11.51 -13.66
C ARG A 329 -1.96 11.40 -14.15
N GLU A 330 -2.14 11.15 -15.44
CA GLU A 330 -3.49 11.01 -15.97
C GLU A 330 -4.18 9.85 -15.26
N ALA A 331 -3.43 8.78 -15.05
CA ALA A 331 -3.95 7.59 -14.41
C ALA A 331 -4.37 7.90 -12.98
N ILE A 332 -3.55 8.66 -12.26
CA ILE A 332 -3.89 8.99 -10.89
C ILE A 332 -5.18 9.81 -10.87
N LYS A 333 -5.23 10.87 -11.67
CA LYS A 333 -6.39 11.74 -11.69
C LYS A 333 -7.63 10.98 -12.13
N LYS A 334 -7.47 10.06 -13.06
CA LYS A 334 -8.60 9.31 -13.58
C LYS A 334 -9.24 8.44 -12.52
N TYR A 335 -8.43 7.75 -11.72
CA TYR A 335 -8.97 6.81 -10.75
C TYR A 335 -9.15 7.38 -9.34
N ARG A 336 -8.82 8.65 -9.19
CA ARG A 336 -9.05 9.37 -7.94
C ARG A 336 -9.26 10.83 -8.35
N PRO A 337 -10.37 11.12 -9.05
CA PRO A 337 -10.68 12.45 -9.55
C PRO A 337 -10.73 13.57 -8.55
N GLU A 338 -10.84 13.26 -7.27
CA GLU A 338 -10.89 14.31 -6.26
C GLU A 338 -9.51 14.86 -5.94
N THR A 339 -8.49 14.23 -6.54
CA THR A 339 -7.09 14.57 -6.30
C THR A 339 -6.71 15.94 -6.88
N ASP A 340 -6.11 16.77 -6.05
CA ASP A 340 -5.60 18.06 -6.48
C ASP A 340 -4.19 17.80 -7.00
N MET A 341 -4.03 17.85 -8.32
CA MET A 341 -2.75 17.54 -8.96
C MET A 341 -1.62 18.41 -8.44
N ALA A 342 -1.96 19.55 -7.87
CA ALA A 342 -0.96 20.45 -7.30
C ALA A 342 -0.20 19.79 -6.15
N ASP A 343 -0.90 18.93 -5.42
CA ASP A 343 -0.31 18.23 -4.28
C ASP A 343 0.86 17.36 -4.71
N LEU A 344 0.87 16.98 -5.99
CA LEU A 344 1.91 16.10 -6.50
C LEU A 344 3.16 16.86 -6.96
N ASP A 345 3.16 18.18 -6.78
CA ASP A 345 4.29 19.01 -7.18
C ASP A 345 5.11 19.50 -6.00
N ASN A 346 4.74 19.08 -4.80
CA ASN A 346 5.39 19.54 -3.58
C ASN A 346 5.54 18.36 -2.61
N PHE A 347 6.77 18.18 -2.12
CA PHE A 347 7.09 17.06 -1.23
C PHE A 347 6.14 16.91 -0.05
N ASP A 348 5.92 18.00 0.67
CA ASP A 348 5.07 17.96 1.85
C ASP A 348 3.64 17.58 1.48
N ALA A 349 3.15 18.14 0.39
CA ALA A 349 1.79 17.87 -0.06
C ALA A 349 1.61 16.42 -0.49
N ALA A 350 2.54 15.95 -1.32
CA ALA A 350 2.51 14.57 -1.82
C ALA A 350 2.62 13.60 -0.65
N LYS A 351 3.50 13.92 0.29
CA LYS A 351 3.70 13.08 1.47
C LYS A 351 2.39 12.92 2.24
N ALA A 352 1.83 14.05 2.67
CA ALA A 352 0.57 14.06 3.40
C ALA A 352 -0.51 13.35 2.58
N LEU A 353 -0.57 13.65 1.29
CA LEU A 353 -1.54 13.00 0.43
C LEU A 353 -1.34 11.48 0.51
N ALA A 354 -0.09 11.05 0.36
CA ALA A 354 0.24 9.64 0.36
C ALA A 354 -0.22 8.98 1.65
N GLU A 355 -0.01 9.65 2.76
CA GLU A 355 -0.40 9.10 4.06
C GLU A 355 -1.91 8.99 4.24
N SER A 356 -2.65 9.97 3.72
CA SER A 356 -4.12 9.95 3.82
C SER A 356 -4.69 8.71 3.16
N ILE A 357 -4.02 8.25 2.09
CA ILE A 357 -4.42 7.06 1.36
C ILE A 357 -4.01 5.80 2.12
N GLY A 358 -3.11 5.97 3.08
CA GLY A 358 -2.65 4.84 3.87
C GLY A 358 -1.28 4.32 3.44
N ILE A 359 -0.53 5.18 2.77
CA ILE A 359 0.81 4.84 2.31
C ILE A 359 1.82 5.27 3.38
N THR A 360 2.57 4.32 3.91
CA THR A 360 3.59 4.62 4.89
C THR A 360 4.83 5.13 4.16
N VAL A 361 5.11 6.42 4.29
CA VAL A 361 6.23 7.02 3.61
C VAL A 361 7.54 6.74 4.33
N GLU A 362 8.42 6.00 3.68
CA GLU A 362 9.75 5.71 4.22
C GLU A 362 10.63 6.94 4.19
N LYS A 363 11.73 6.90 4.93
CA LYS A 363 12.63 8.04 5.05
C LYS A 363 13.49 8.29 3.81
N SER A 364 13.74 7.25 3.04
CA SER A 364 14.61 7.37 1.86
C SER A 364 13.90 7.91 0.61
N TRP A 365 12.57 7.98 0.67
CA TRP A 365 11.72 8.39 -0.45
C TRP A 365 11.75 9.87 -0.74
N GLY A 366 11.67 10.21 -2.02
CA GLY A 366 11.58 11.58 -2.45
C GLY A 366 10.24 11.75 -3.15
N LEU A 367 10.01 12.92 -3.74
CA LEU A 367 8.74 13.22 -4.39
C LEU A 367 8.34 12.19 -5.45
N GLY A 368 9.27 11.88 -6.34
CA GLY A 368 8.99 10.95 -7.42
C GLY A 368 8.54 9.58 -6.94
N ARG A 369 9.13 9.13 -5.84
CA ARG A 369 8.78 7.82 -5.29
C ARG A 369 7.41 7.87 -4.66
N ILE A 370 7.15 8.92 -3.88
CA ILE A 370 5.85 9.11 -3.24
C ILE A 370 4.75 9.12 -4.31
N VAL A 371 4.99 9.88 -5.37
CA VAL A 371 4.05 9.96 -6.49
C VAL A 371 3.81 8.59 -7.12
N THR A 372 4.88 7.83 -7.33
CA THR A 372 4.77 6.50 -7.93
C THR A 372 3.98 5.54 -7.04
N GLU A 373 4.22 5.61 -5.74
CA GLU A 373 3.51 4.78 -4.77
C GLU A 373 2.03 5.13 -4.77
N ILE A 374 1.74 6.43 -4.86
CA ILE A 374 0.36 6.88 -4.94
C ILE A 374 -0.24 6.24 -6.18
N PHE A 375 0.48 6.27 -7.30
CA PHE A 375 0.01 5.66 -8.53
C PHE A 375 -0.33 4.19 -8.32
N ASP A 376 0.58 3.46 -7.68
CA ASP A 376 0.41 2.03 -7.45
C ASP A 376 -0.81 1.70 -6.62
N GLU A 377 -1.11 2.55 -5.62
CA GLU A 377 -2.28 2.35 -4.75
C GLU A 377 -3.56 2.65 -5.51
N VAL A 378 -3.61 3.85 -6.07
CA VAL A 378 -4.78 4.39 -6.74
C VAL A 378 -5.16 3.70 -8.06
N ALA A 379 -4.25 3.73 -9.03
CA ALA A 379 -4.57 3.28 -10.39
C ALA A 379 -4.24 1.86 -10.84
N GLU A 380 -3.23 1.24 -10.25
CA GLU A 380 -2.73 -0.03 -10.78
C GLU A 380 -3.75 -1.12 -10.99
N ALA A 381 -4.54 -1.40 -9.97
CA ALA A 381 -5.47 -2.51 -10.04
C ALA A 381 -6.63 -2.28 -11.02
N HIS A 382 -6.84 -1.04 -11.44
CA HIS A 382 -7.92 -0.73 -12.38
C HIS A 382 -7.48 -0.89 -13.83
N LEU A 383 -6.17 -1.02 -14.05
CA LEU A 383 -5.63 -1.17 -15.40
C LEU A 383 -5.85 -2.61 -15.89
N ILE A 384 -7.09 -2.91 -16.28
CA ILE A 384 -7.50 -4.25 -16.71
C ILE A 384 -7.20 -4.50 -18.18
N GLN A 385 -7.77 -3.67 -19.05
CA GLN A 385 -7.48 -3.77 -20.48
C GLN A 385 -6.04 -3.33 -20.68
N PRO A 386 -5.36 -3.90 -21.69
CA PRO A 386 -3.95 -3.58 -22.03
C PRO A 386 -3.70 -2.07 -22.01
N THR A 387 -2.90 -1.60 -21.06
CA THR A 387 -2.61 -0.17 -20.91
C THR A 387 -1.10 0.06 -20.79
N PHE A 388 -0.64 1.18 -21.35
CA PHE A 388 0.73 1.64 -21.25
C PHE A 388 0.67 2.88 -20.38
N ILE A 389 1.44 2.89 -19.30
CA ILE A 389 1.53 4.07 -18.45
C ILE A 389 2.90 4.68 -18.75
N THR A 390 2.93 5.98 -19.05
CA THR A 390 4.18 6.63 -19.40
C THR A 390 4.59 7.76 -18.45
N GLU A 391 5.81 8.24 -18.66
CA GLU A 391 6.39 9.32 -17.88
C GLU A 391 6.62 8.98 -16.42
N TYR A 392 7.61 8.13 -16.18
CA TYR A 392 7.97 7.77 -14.81
C TYR A 392 8.96 8.77 -14.24
N PRO A 393 8.78 9.17 -12.97
CA PRO A 393 9.68 10.13 -12.32
C PRO A 393 11.11 9.59 -12.34
N ALA A 394 12.08 10.49 -12.45
CA ALA A 394 13.49 10.12 -12.51
C ALA A 394 13.91 9.23 -11.34
N GLU A 395 13.52 9.61 -10.13
CA GLU A 395 13.93 8.90 -8.93
C GLU A 395 13.72 7.40 -8.98
N VAL A 396 12.67 6.95 -9.64
CA VAL A 396 12.38 5.52 -9.70
C VAL A 396 12.82 4.85 -11.00
N SER A 397 13.60 5.57 -11.80
CA SER A 397 14.08 5.07 -13.08
C SER A 397 15.57 5.39 -13.30
N PRO A 398 16.46 4.78 -12.48
CA PRO A 398 17.91 4.98 -12.50
C PRO A 398 18.62 4.71 -13.83
N LEU A 399 17.99 3.97 -14.73
CA LEU A 399 18.63 3.56 -15.97
C LEU A 399 17.95 4.09 -17.22
N ALA A 400 17.01 5.02 -17.05
CA ALA A 400 16.22 5.51 -18.20
C ALA A 400 16.51 6.95 -18.57
N ARG A 401 16.50 7.20 -19.87
CA ARG A 401 16.80 8.51 -20.42
C ARG A 401 15.84 9.55 -19.88
N ARG A 402 16.35 10.73 -19.56
CA ARG A 402 15.52 11.83 -19.07
C ARG A 402 14.76 12.44 -20.22
N ASN A 403 13.55 12.87 -19.94
CA ASN A 403 12.74 13.51 -20.95
C ASN A 403 13.36 14.88 -21.25
N ASP A 404 13.40 15.26 -22.52
CA ASP A 404 14.00 16.51 -22.94
C ASP A 404 13.30 17.74 -22.40
N VAL A 405 11.97 17.72 -22.45
CA VAL A 405 11.17 18.84 -22.01
C VAL A 405 11.17 18.98 -20.51
N ASN A 406 10.96 17.86 -19.81
CA ASN A 406 10.90 17.86 -18.35
C ASN A 406 11.83 16.77 -17.83
N PRO A 407 13.08 17.14 -17.51
CA PRO A 407 14.12 16.22 -17.03
C PRO A 407 13.86 15.58 -15.67
N GLU A 408 12.78 15.99 -15.01
CA GLU A 408 12.43 15.39 -13.74
C GLU A 408 11.67 14.07 -13.95
N ILE A 409 11.33 13.79 -15.20
CA ILE A 409 10.66 12.54 -15.58
C ILE A 409 11.47 11.86 -16.67
N THR A 410 11.28 10.56 -16.83
CA THR A 410 12.06 9.80 -17.80
C THR A 410 11.17 9.27 -18.89
N ASP A 411 11.79 8.95 -20.02
CA ASP A 411 11.09 8.38 -21.14
C ASP A 411 10.93 6.89 -20.89
N ARG A 412 10.12 6.56 -19.89
CA ARG A 412 9.85 5.17 -19.52
C ARG A 412 8.37 4.90 -19.57
N PHE A 413 8.02 3.63 -19.74
CA PHE A 413 6.63 3.21 -19.70
C PHE A 413 6.55 1.86 -19.05
N GLU A 414 5.40 1.55 -18.47
CA GLU A 414 5.14 0.22 -17.97
C GLU A 414 3.87 -0.23 -18.66
N PHE A 415 3.68 -1.53 -18.73
CA PHE A 415 2.61 -2.10 -19.53
C PHE A 415 1.82 -3.04 -18.64
N PHE A 416 0.51 -2.82 -18.58
CA PHE A 416 -0.38 -3.59 -17.70
C PHE A 416 -1.49 -4.28 -18.45
N ILE A 417 -1.84 -5.46 -17.97
CA ILE A 417 -2.98 -6.23 -18.46
C ILE A 417 -3.53 -6.93 -17.22
N GLY A 418 -4.85 -7.04 -17.14
CA GLY A 418 -5.47 -7.69 -16.00
C GLY A 418 -5.05 -7.14 -14.66
N GLY A 419 -4.77 -5.86 -14.59
CA GLY A 419 -4.40 -5.24 -13.32
C GLY A 419 -3.01 -5.61 -12.82
N ARG A 420 -2.24 -6.28 -13.66
CA ARG A 420 -0.89 -6.67 -13.29
C ARG A 420 0.12 -6.16 -14.33
N GLU A 421 1.33 -5.87 -13.86
CA GLU A 421 2.40 -5.36 -14.70
C GLU A 421 2.99 -6.45 -15.58
N ILE A 422 2.83 -6.33 -16.90
CA ILE A 422 3.40 -7.33 -17.81
C ILE A 422 4.77 -6.94 -18.35
N GLY A 423 4.97 -5.66 -18.63
CA GLY A 423 6.22 -5.24 -19.23
C GLY A 423 6.71 -3.93 -18.68
N ASN A 424 7.93 -3.58 -19.08
CA ASN A 424 8.62 -2.38 -18.60
C ASN A 424 9.71 -2.11 -19.62
N GLY A 425 9.73 -0.91 -20.16
CA GLY A 425 10.72 -0.60 -21.18
C GLY A 425 10.98 0.89 -21.22
N PHE A 426 12.05 1.29 -21.87
CA PHE A 426 12.37 2.70 -21.96
C PHE A 426 13.51 3.06 -22.88
N SER A 427 13.61 4.36 -23.17
CA SER A 427 14.72 4.90 -23.91
C SER A 427 15.85 4.85 -22.88
N GLU A 428 16.91 4.14 -23.23
CA GLU A 428 18.03 3.89 -22.33
C GLU A 428 18.90 5.10 -22.05
N LEU A 429 19.38 5.19 -20.82
CA LEU A 429 20.29 6.25 -20.39
C LEU A 429 21.68 5.94 -20.94
N ASN A 430 22.18 6.76 -21.87
CA ASN A 430 23.53 6.59 -22.41
C ASN A 430 24.43 7.78 -22.07
N ASP A 431 24.10 8.43 -20.96
CA ASP A 431 24.86 9.53 -20.41
C ASP A 431 25.57 8.98 -19.17
N ALA A 432 26.87 8.72 -19.31
CA ALA A 432 27.68 8.12 -18.25
C ALA A 432 27.77 8.94 -16.98
N GLU A 433 27.87 10.25 -17.13
CA GLU A 433 27.97 11.14 -15.96
C GLU A 433 26.67 11.14 -15.19
N ASP A 434 25.57 11.17 -15.92
CA ASP A 434 24.25 11.14 -15.29
C ASP A 434 24.03 9.76 -14.65
N GLN A 435 24.43 8.71 -15.35
CA GLN A 435 24.28 7.37 -14.82
C GLN A 435 24.98 7.25 -13.46
N ALA A 436 26.21 7.76 -13.41
CA ALA A 436 27.01 7.71 -12.19
C ALA A 436 26.32 8.43 -11.06
N GLU A 437 25.81 9.63 -11.34
CA GLU A 437 25.11 10.41 -10.35
C GLU A 437 23.89 9.64 -9.84
N ARG A 438 23.15 9.02 -10.76
CA ARG A 438 21.97 8.26 -10.40
C ARG A 438 22.29 7.06 -9.55
N PHE A 439 23.45 6.45 -9.80
CA PHE A 439 23.89 5.33 -8.98
C PHE A 439 24.26 5.78 -7.57
N GLN A 440 24.89 6.95 -7.46
CA GLN A 440 25.25 7.50 -6.15
C GLN A 440 24.00 7.68 -5.31
N GLU A 441 22.95 8.22 -5.93
CA GLU A 441 21.68 8.41 -5.24
C GLU A 441 21.20 7.06 -4.74
N GLN A 442 21.33 6.05 -5.59
CA GLN A 442 20.87 4.70 -5.24
C GLN A 442 21.58 4.19 -4.00
N VAL A 443 22.88 4.43 -3.92
CA VAL A 443 23.67 4.02 -2.76
C VAL A 443 23.18 4.73 -1.49
N ASN A 444 22.99 6.04 -1.58
CA ASN A 444 22.49 6.84 -0.46
C ASN A 444 21.14 6.31 0.03
N ALA A 445 20.27 5.94 -0.90
CA ALA A 445 18.96 5.39 -0.56
C ALA A 445 19.14 4.07 0.18
N LYS A 446 20.12 3.28 -0.26
CA LYS A 446 20.41 1.98 0.35
C LYS A 446 20.90 2.19 1.78
N ALA A 447 21.69 3.23 1.96
CA ALA A 447 22.21 3.58 3.28
C ALA A 447 21.04 4.01 4.17
N ALA A 448 20.06 4.67 3.57
CA ALA A 448 18.90 5.18 4.29
C ALA A 448 17.83 4.13 4.57
N GLY A 449 18.15 2.87 4.28
CA GLY A 449 17.20 1.81 4.58
C GLY A 449 16.49 1.16 3.41
N ASP A 450 16.67 1.69 2.21
CA ASP A 450 16.04 1.08 1.04
C ASP A 450 16.91 -0.08 0.58
N ASP A 451 16.68 -1.26 1.13
CA ASP A 451 17.48 -2.43 0.79
C ASP A 451 17.14 -3.08 -0.55
N GLU A 452 16.38 -2.35 -1.38
CA GLU A 452 16.10 -2.80 -2.73
C GLU A 452 16.84 -1.88 -3.70
N ALA A 453 17.47 -0.84 -3.16
CA ALA A 453 18.21 0.12 -3.97
C ALA A 453 19.38 -0.59 -4.64
N MET A 454 19.86 -0.01 -5.74
CA MET A 454 20.90 -0.64 -6.54
C MET A 454 22.30 -0.44 -6.01
N PHE A 455 23.22 -1.26 -6.52
CA PHE A 455 24.63 -1.17 -6.20
C PHE A 455 25.28 -0.30 -7.26
N TYR A 456 26.38 0.34 -6.92
CA TYR A 456 27.11 1.16 -7.87
C TYR A 456 28.01 0.25 -8.70
N ASP A 457 27.67 0.08 -9.97
CA ASP A 457 28.44 -0.76 -10.86
C ASP A 457 29.43 0.10 -11.64
N GLU A 458 30.62 0.26 -11.08
CA GLU A 458 31.66 1.06 -11.69
C GLU A 458 32.01 0.67 -13.11
N ASP A 459 32.06 -0.63 -13.38
CA ASP A 459 32.39 -1.07 -14.74
C ASP A 459 31.30 -0.70 -15.74
N TYR A 460 30.04 -0.71 -15.31
CA TYR A 460 28.99 -0.36 -16.24
C TYR A 460 29.13 1.10 -16.67
N VAL A 461 29.46 1.99 -15.73
CA VAL A 461 29.67 3.40 -16.09
C VAL A 461 30.78 3.50 -17.13
N THR A 462 31.85 2.76 -16.92
CA THR A 462 32.98 2.75 -17.85
C THR A 462 32.56 2.34 -19.27
N ALA A 463 31.75 1.29 -19.36
CA ALA A 463 31.24 0.84 -20.65
C ALA A 463 30.52 1.99 -21.31
N LEU A 464 29.65 2.69 -20.56
CA LEU A 464 28.92 3.82 -21.13
C LEU A 464 29.90 4.88 -21.60
N GLU A 465 31.02 5.03 -20.88
CA GLU A 465 32.03 6.02 -21.24
C GLU A 465 32.67 5.75 -22.59
N TYR A 466 32.62 4.51 -23.04
CA TYR A 466 33.13 4.16 -24.37
C TYR A 466 32.10 4.47 -25.44
N GLY A 467 30.85 4.67 -25.00
CA GLY A 467 29.79 5.09 -25.90
C GLY A 467 28.72 4.07 -26.19
N LEU A 468 27.50 4.37 -25.74
CA LEU A 468 26.34 3.53 -26.01
C LEU A 468 25.48 4.34 -26.98
N PRO A 469 25.18 3.77 -28.15
CA PRO A 469 24.34 4.50 -29.09
C PRO A 469 22.95 4.64 -28.48
N PRO A 470 22.19 5.66 -28.94
CA PRO A 470 20.84 5.83 -28.37
C PRO A 470 20.10 4.52 -28.60
N THR A 471 19.51 3.98 -27.53
CA THR A 471 18.92 2.65 -27.57
C THR A 471 17.59 2.62 -26.82
N ALA A 472 16.75 1.63 -27.14
CA ALA A 472 15.49 1.42 -26.45
C ALA A 472 15.46 -0.03 -26.01
N GLY A 473 15.09 -0.28 -24.76
CA GLY A 473 15.06 -1.63 -24.25
C GLY A 473 13.74 -1.95 -23.60
N LEU A 474 13.35 -3.22 -23.66
CA LEU A 474 12.07 -3.67 -23.13
C LEU A 474 12.21 -5.00 -22.42
N GLY A 475 11.51 -5.15 -21.30
CA GLY A 475 11.50 -6.39 -20.57
C GLY A 475 10.06 -6.85 -20.45
N ILE A 476 9.81 -8.14 -20.66
CA ILE A 476 8.46 -8.68 -20.61
C ILE A 476 8.43 -9.95 -19.76
N GLY A 477 7.52 -10.00 -18.79
CA GLY A 477 7.37 -11.16 -17.93
C GLY A 477 6.70 -12.26 -18.69
N ILE A 478 7.47 -13.29 -19.06
CA ILE A 478 6.96 -14.37 -19.89
C ILE A 478 5.91 -15.25 -19.21
N ASP A 479 6.13 -15.59 -17.94
CA ASP A 479 5.16 -16.44 -17.22
C ASP A 479 3.80 -15.75 -17.19
N ARG A 480 3.82 -14.45 -16.88
CA ARG A 480 2.61 -13.66 -16.84
C ARG A 480 1.98 -13.71 -18.22
N MET A 481 2.80 -13.55 -19.24
CA MET A 481 2.30 -13.62 -20.59
C MET A 481 1.61 -14.96 -20.83
N ILE A 482 2.21 -16.06 -20.38
CA ILE A 482 1.65 -17.39 -20.62
C ILE A 482 0.33 -17.58 -19.87
N MET A 483 0.16 -16.93 -18.74
CA MET A 483 -1.09 -17.00 -17.97
C MET A 483 -2.23 -16.48 -18.82
N LEU A 484 -2.04 -15.30 -19.39
CA LEU A 484 -3.06 -14.67 -20.21
C LEU A 484 -3.50 -15.54 -21.38
N PHE A 485 -2.55 -16.25 -21.99
CA PHE A 485 -2.87 -17.06 -23.16
C PHE A 485 -3.42 -18.45 -22.84
N THR A 486 -3.46 -18.83 -21.57
CA THR A 486 -3.96 -20.15 -21.21
C THR A 486 -5.04 -20.09 -20.14
N ASN A 487 -5.51 -18.88 -19.84
CA ASN A 487 -6.52 -18.64 -18.81
C ASN A 487 -6.12 -19.26 -17.47
N SER A 488 -4.82 -19.33 -17.22
CA SER A 488 -4.35 -19.81 -15.93
C SER A 488 -4.42 -18.63 -14.98
N HIS A 489 -4.72 -18.88 -13.71
CA HIS A 489 -4.87 -17.77 -12.78
C HIS A 489 -3.87 -17.68 -11.65
N THR A 490 -2.98 -18.66 -11.56
CA THR A 490 -1.85 -18.59 -10.64
C THR A 490 -0.61 -18.77 -11.50
N ILE A 491 0.49 -18.13 -11.11
CA ILE A 491 1.73 -18.29 -11.85
C ILE A 491 2.17 -19.76 -11.76
N ARG A 492 1.75 -20.43 -10.68
CA ARG A 492 2.06 -21.84 -10.46
C ARG A 492 1.40 -22.81 -11.43
N ASP A 493 0.39 -22.36 -12.16
CA ASP A 493 -0.27 -23.24 -13.11
C ASP A 493 0.44 -23.24 -14.43
N VAL A 494 1.43 -22.37 -14.53
CA VAL A 494 2.08 -22.18 -15.80
C VAL A 494 3.58 -22.53 -15.76
N ILE A 495 4.05 -22.94 -14.59
CA ILE A 495 5.43 -23.33 -14.36
C ILE A 495 5.40 -24.82 -14.00
N LEU A 496 6.20 -25.62 -14.69
CA LEU A 496 6.21 -27.06 -14.45
C LEU A 496 6.48 -27.46 -13.01
N PHE A 497 7.48 -26.88 -12.38
CA PHE A 497 7.81 -27.27 -11.02
C PHE A 497 7.99 -26.06 -10.12
N PRO A 498 6.87 -25.47 -9.66
CA PRO A 498 6.88 -24.29 -8.79
C PRO A 498 7.45 -24.60 -7.42
N ALA A 499 7.95 -23.57 -6.74
CA ALA A 499 8.53 -23.72 -5.41
C ALA A 499 7.47 -23.95 -4.34
N MET A 500 7.74 -24.91 -3.46
CA MET A 500 6.83 -25.31 -2.40
C MET A 500 7.69 -25.47 -1.14
N ARG A 501 7.05 -25.70 0.01
CA ARG A 501 7.74 -25.85 1.28
C ARG A 501 7.81 -27.34 1.71
N PRO A 502 8.84 -28.09 1.25
CA PRO A 502 8.99 -29.51 1.60
C PRO A 502 9.11 -29.73 3.12
N PHE B 14 -42.35 68.86 67.02
CA PHE B 14 -41.30 68.20 66.25
C PHE B 14 -40.09 69.12 66.11
N ASN B 15 -40.33 70.36 65.70
CA ASN B 15 -39.27 71.35 65.57
C ASN B 15 -38.61 71.59 66.94
N ASP B 16 -39.41 71.47 68.00
CA ASP B 16 -38.91 71.59 69.35
C ASP B 16 -37.91 70.47 69.63
N GLU B 17 -38.26 69.24 69.25
CA GLU B 17 -37.38 68.09 69.41
C GLU B 17 -36.08 68.30 68.62
N LEU B 18 -36.19 68.81 67.41
CA LEU B 18 -35.03 69.05 66.58
C LEU B 18 -34.09 70.05 67.21
N ARG B 19 -34.61 71.23 67.53
CA ARG B 19 -33.82 72.28 68.16
C ARG B 19 -33.22 71.73 69.45
N ASN B 20 -34.06 71.03 70.21
CA ASN B 20 -33.68 70.48 71.51
C ASN B 20 -32.53 69.46 71.38
N ARG B 21 -32.65 68.58 70.39
CA ARG B 21 -31.64 67.55 70.16
C ARG B 21 -30.34 68.17 69.65
N ARG B 22 -30.48 69.21 68.86
CA ARG B 22 -29.35 69.94 68.30
C ARG B 22 -28.60 70.71 69.37
N GLU B 23 -29.33 71.35 70.28
CA GLU B 23 -28.73 72.13 71.36
C GLU B 23 -27.89 71.23 72.27
N LYS B 24 -28.29 69.97 72.38
CA LYS B 24 -27.57 68.99 73.18
C LYS B 24 -26.26 68.57 72.52
N LEU B 25 -26.27 68.44 71.20
CA LEU B 25 -25.06 68.09 70.47
C LEU B 25 -24.05 69.21 70.69
N ALA B 26 -24.52 70.45 70.55
CA ALA B 26 -23.67 71.62 70.72
C ALA B 26 -22.94 71.59 72.07
N ALA B 27 -23.66 71.22 73.12
CA ALA B 27 -23.07 71.11 74.43
C ALA B 27 -21.97 70.06 74.39
N LEU B 28 -22.25 68.92 73.76
CA LEU B 28 -21.29 67.83 73.67
C LEU B 28 -20.01 68.24 72.96
N ARG B 29 -20.15 68.99 71.86
CA ARG B 29 -18.99 69.47 71.12
C ARG B 29 -18.12 70.35 71.97
N GLN B 30 -18.77 71.13 72.81
CA GLN B 30 -18.10 72.13 73.62
C GLN B 30 -17.26 71.55 74.74
N GLN B 31 -17.49 70.28 75.08
CA GLN B 31 -16.75 69.67 76.19
C GLN B 31 -15.91 68.45 75.83
N GLY B 32 -15.56 68.31 74.57
CA GLY B 32 -14.75 67.19 74.17
C GLY B 32 -15.15 66.69 72.80
N VAL B 33 -15.19 65.37 72.64
CA VAL B 33 -15.58 64.79 71.38
C VAL B 33 -17.04 64.35 71.44
N ALA B 34 -17.79 64.76 70.42
CA ALA B 34 -19.19 64.44 70.32
C ALA B 34 -19.37 63.13 69.54
N PHE B 35 -18.39 62.81 68.70
CA PHE B 35 -18.47 61.63 67.85
C PHE B 35 -17.31 60.66 68.06
N PRO B 36 -17.29 59.94 69.19
CA PRO B 36 -16.23 58.98 69.49
C PRO B 36 -16.32 57.73 68.62
N ASN B 37 -15.21 57.03 68.45
CA ASN B 37 -15.21 55.78 67.69
C ASN B 37 -14.27 54.75 68.29
N ASP B 38 -14.03 54.83 69.59
CA ASP B 38 -13.14 53.88 70.25
C ASP B 38 -13.85 52.78 71.01
N PHE B 39 -15.17 52.80 71.05
CA PHE B 39 -15.93 51.78 71.75
C PHE B 39 -16.02 50.53 70.91
N ARG B 40 -15.76 49.37 71.53
CA ARG B 40 -15.85 48.09 70.83
C ARG B 40 -16.81 47.17 71.59
N ARG B 41 -17.69 46.50 70.84
CA ARG B 41 -18.63 45.55 71.42
C ARG B 41 -18.12 44.15 71.11
N ASP B 42 -18.56 43.16 71.89
CA ASP B 42 -18.15 41.78 71.65
C ASP B 42 -19.29 40.79 71.41
N HIS B 43 -20.53 41.28 71.41
CA HIS B 43 -21.70 40.44 71.17
C HIS B 43 -22.81 41.25 70.54
N THR B 44 -23.60 40.61 69.70
CA THR B 44 -24.81 41.23 69.19
C THR B 44 -25.95 40.55 69.94
N SER B 45 -27.08 41.24 70.06
CA SER B 45 -28.22 40.74 70.83
C SER B 45 -28.56 39.28 70.55
N ASP B 46 -28.70 38.94 69.27
CA ASP B 46 -29.02 37.59 68.83
C ASP B 46 -28.04 36.53 69.37
N GLN B 47 -26.76 36.87 69.41
CA GLN B 47 -25.76 35.96 69.95
C GLN B 47 -26.06 35.68 71.42
N LEU B 48 -26.33 36.73 72.18
CA LEU B 48 -26.59 36.62 73.60
C LEU B 48 -27.84 35.78 73.84
N HIS B 49 -28.84 35.98 73.00
CA HIS B 49 -30.09 35.25 73.14
C HIS B 49 -29.91 33.76 72.86
N GLU B 50 -29.36 33.42 71.70
CA GLU B 50 -29.16 32.01 71.34
C GLU B 50 -28.39 31.27 72.42
N GLU B 51 -27.39 31.93 72.97
CA GLU B 51 -26.52 31.31 73.97
C GLU B 51 -27.10 31.29 75.38
N PHE B 52 -27.80 32.34 75.79
CA PHE B 52 -28.23 32.45 77.18
C PHE B 52 -29.72 32.49 77.45
N ASP B 53 -30.53 32.46 76.40
CA ASP B 53 -31.98 32.52 76.60
C ASP B 53 -32.55 31.29 77.32
N ALA B 54 -31.71 30.28 77.53
CA ALA B 54 -32.17 29.03 78.13
C ALA B 54 -31.57 28.77 79.50
N LYS B 55 -30.92 29.78 80.06
CA LYS B 55 -30.21 29.58 81.33
C LYS B 55 -30.78 30.37 82.48
N ASP B 56 -30.92 29.70 83.62
CA ASP B 56 -31.53 30.28 84.82
C ASP B 56 -30.65 31.36 85.42
N ASN B 57 -31.27 32.31 86.13
CA ASN B 57 -30.54 33.40 86.77
C ASN B 57 -29.47 32.83 87.67
N GLN B 58 -29.73 31.66 88.24
CA GLN B 58 -28.78 30.97 89.11
C GLN B 58 -27.46 30.72 88.36
N GLU B 59 -27.56 30.09 87.18
CA GLU B 59 -26.39 29.79 86.37
C GLU B 59 -25.71 31.09 85.92
N LEU B 60 -26.52 32.05 85.50
CA LEU B 60 -26.03 33.35 85.04
C LEU B 60 -25.31 34.13 86.14
N GLU B 61 -25.73 33.93 87.38
CA GLU B 61 -25.08 34.59 88.52
C GLU B 61 -23.78 33.89 88.86
N SER B 62 -23.74 32.58 88.65
CA SER B 62 -22.55 31.78 88.91
C SER B 62 -21.46 32.13 87.90
N LEU B 63 -21.88 32.59 86.72
CA LEU B 63 -20.97 32.95 85.65
C LEU B 63 -21.03 34.45 85.36
N ASN B 64 -20.02 35.20 85.78
CA ASN B 64 -19.99 36.62 85.47
C ASN B 64 -19.66 36.80 83.99
N ILE B 65 -20.68 36.69 83.15
CA ILE B 65 -20.51 36.79 81.72
C ILE B 65 -20.58 38.26 81.33
N GLU B 66 -19.48 38.97 81.53
CA GLU B 66 -19.39 40.38 81.17
C GLU B 66 -19.37 40.54 79.65
N VAL B 67 -20.39 41.19 79.13
CA VAL B 67 -20.47 41.45 77.70
C VAL B 67 -20.51 42.95 77.45
N SER B 68 -20.27 43.33 76.21
CA SER B 68 -20.39 44.72 75.81
C SER B 68 -21.14 44.73 74.48
N VAL B 69 -22.20 45.52 74.42
CA VAL B 69 -23.01 45.61 73.22
C VAL B 69 -23.12 47.08 72.86
N ALA B 70 -23.72 47.36 71.71
CA ALA B 70 -23.84 48.72 71.25
C ALA B 70 -24.96 48.69 70.23
N GLY B 71 -25.71 49.78 70.17
CA GLY B 71 -26.84 49.86 69.26
C GLY B 71 -27.70 51.07 69.53
N ARG B 72 -28.89 51.08 68.97
CA ARG B 72 -29.80 52.20 69.06
C ARG B 72 -30.72 52.06 70.26
N MET B 73 -30.89 53.14 71.02
CA MET B 73 -31.75 53.09 72.20
C MET B 73 -33.19 53.25 71.77
N MET B 74 -33.91 52.14 71.64
CA MET B 74 -35.28 52.19 71.16
C MET B 74 -36.33 52.61 72.19
N THR B 75 -36.19 52.18 73.45
CA THR B 75 -37.14 52.56 74.50
C THR B 75 -36.42 52.79 75.83
N ARG B 76 -37.04 53.58 76.71
CA ARG B 76 -36.45 53.87 78.02
C ARG B 76 -37.50 54.23 79.06
N ARG B 77 -37.51 53.50 80.18
CA ARG B 77 -38.41 53.79 81.29
C ARG B 77 -37.56 54.15 82.49
N ILE B 78 -37.49 55.44 82.80
CA ILE B 78 -36.73 55.90 83.95
C ILE B 78 -37.61 55.77 85.18
N MET B 79 -37.09 55.13 86.21
CA MET B 79 -37.83 54.97 87.44
C MET B 79 -36.99 55.31 88.65
N GLY B 80 -36.34 56.47 88.57
CA GLY B 80 -35.51 56.98 89.66
C GLY B 80 -34.44 56.05 90.16
N LYS B 81 -33.17 56.39 89.92
CA LYS B 81 -32.04 55.56 90.36
C LYS B 81 -31.91 54.24 89.60
N ALA B 82 -32.87 53.96 88.73
CA ALA B 82 -32.84 52.76 87.91
C ALA B 82 -33.77 52.95 86.73
N SER B 83 -33.30 52.56 85.55
CA SER B 83 -34.09 52.64 84.34
C SER B 83 -33.89 51.37 83.55
N PHE B 84 -34.81 51.10 82.65
CA PHE B 84 -34.74 49.95 81.76
C PHE B 84 -34.68 50.52 80.35
N VAL B 85 -33.70 50.07 79.58
CA VAL B 85 -33.53 50.56 78.22
C VAL B 85 -33.57 49.36 77.27
N THR B 86 -34.15 49.56 76.08
CA THR B 86 -34.17 48.53 75.05
C THR B 86 -33.20 48.96 73.93
N LEU B 87 -32.19 48.11 73.69
CA LEU B 87 -31.15 48.37 72.69
C LEU B 87 -31.41 47.54 71.44
N GLN B 88 -31.22 48.12 70.27
CA GLN B 88 -31.42 47.40 69.02
C GLN B 88 -30.20 47.46 68.10
N ASP B 89 -29.69 46.28 67.75
CA ASP B 89 -28.55 46.15 66.82
C ASP B 89 -28.95 45.25 65.63
N VAL B 90 -27.98 44.70 64.90
CA VAL B 90 -28.28 43.85 63.72
C VAL B 90 -29.17 42.65 64.03
N GLY B 91 -28.93 42.03 65.19
CA GLY B 91 -29.63 40.82 65.54
C GLY B 91 -30.98 40.98 66.22
N GLY B 92 -31.28 42.17 66.70
CA GLY B 92 -32.54 42.38 67.39
C GLY B 92 -32.41 43.29 68.58
N ARG B 93 -33.11 42.96 69.65
CA ARG B 93 -33.14 43.79 70.85
C ARG B 93 -32.67 43.05 72.09
N ILE B 94 -31.99 43.78 72.97
CA ILE B 94 -31.52 43.22 74.23
C ILE B 94 -31.89 44.30 75.23
N GLN B 95 -32.15 43.89 76.48
CA GLN B 95 -32.56 44.84 77.50
C GLN B 95 -31.39 45.19 78.43
N LEU B 96 -31.28 46.48 78.76
CA LEU B 96 -30.22 46.93 79.67
C LEU B 96 -30.85 47.40 80.97
N TYR B 97 -30.14 47.17 82.07
CA TYR B 97 -30.57 47.61 83.38
C TYR B 97 -29.61 48.71 83.81
N VAL B 98 -30.08 49.95 83.77
CA VAL B 98 -29.24 51.11 84.07
C VAL B 98 -29.55 51.64 85.47
N ALA B 99 -28.65 51.42 86.40
CA ALA B 99 -28.85 51.88 87.78
C ALA B 99 -27.81 52.93 88.19
N ARG B 100 -28.25 53.94 88.92
CA ARG B 100 -27.37 55.04 89.31
C ARG B 100 -26.09 54.61 90.03
N ASP B 101 -26.22 53.67 90.95
CA ASP B 101 -25.10 53.24 91.76
C ASP B 101 -24.14 52.24 91.10
N SER B 102 -24.53 51.67 89.96
CA SER B 102 -23.69 50.72 89.25
C SER B 102 -22.76 51.42 88.28
N LEU B 103 -23.24 52.52 87.71
CA LEU B 103 -22.46 53.28 86.75
C LEU B 103 -21.50 54.18 87.49
N PRO B 104 -20.49 54.70 86.80
CA PRO B 104 -19.53 55.60 87.46
C PRO B 104 -20.27 56.84 87.95
N GLU B 105 -19.70 57.48 88.96
CA GLU B 105 -20.28 58.68 89.54
C GLU B 105 -20.62 59.73 88.48
N GLY B 106 -21.90 60.10 88.39
CA GLY B 106 -22.32 61.15 87.48
C GLY B 106 -22.96 60.75 86.16
N VAL B 107 -22.62 59.58 85.64
CA VAL B 107 -23.12 59.13 84.35
C VAL B 107 -24.65 59.09 84.31
N TYR B 108 -25.24 58.45 85.30
CA TYR B 108 -26.70 58.31 85.34
C TYR B 108 -27.45 59.63 85.28
N ASN B 109 -27.10 60.57 86.17
CA ASN B 109 -27.85 61.81 86.25
C ASN B 109 -27.44 62.88 85.25
N ASP B 110 -26.13 63.09 85.10
CA ASP B 110 -25.65 64.15 84.23
C ASP B 110 -25.53 63.79 82.75
N GLN B 111 -25.63 62.50 82.42
CA GLN B 111 -25.51 62.08 81.03
C GLN B 111 -26.68 61.26 80.56
N PHE B 112 -26.84 60.06 81.12
CA PHE B 112 -27.87 59.14 80.68
C PHE B 112 -29.24 59.78 80.58
N LYS B 113 -29.71 60.38 81.67
CA LYS B 113 -31.03 60.98 81.68
C LYS B 113 -31.22 62.09 80.66
N LYS B 114 -30.12 62.63 80.15
CA LYS B 114 -30.18 63.69 79.15
C LYS B 114 -30.15 63.17 77.72
N TRP B 115 -29.99 61.85 77.55
CA TRP B 115 -29.96 61.27 76.21
C TRP B 115 -31.37 61.08 75.67
N ASP B 116 -31.52 61.26 74.36
CA ASP B 116 -32.80 61.11 73.70
C ASP B 116 -32.93 59.72 73.09
N LEU B 117 -34.07 59.45 72.45
CA LEU B 117 -34.41 58.10 72.02
C LEU B 117 -33.91 57.55 70.68
N GLY B 118 -33.30 58.37 69.83
CA GLY B 118 -32.73 57.77 68.63
C GLY B 118 -31.25 57.44 68.80
N ASP B 119 -30.67 57.94 69.89
CA ASP B 119 -29.25 57.86 70.15
C ASP B 119 -28.61 56.47 70.09
N ILE B 120 -27.41 56.41 69.52
CA ILE B 120 -26.63 55.18 69.47
C ILE B 120 -25.76 55.18 70.72
N ILE B 121 -25.85 54.11 71.50
CA ILE B 121 -25.12 54.02 72.77
C ILE B 121 -24.40 52.69 72.89
N GLY B 122 -23.38 52.66 73.74
CA GLY B 122 -22.62 51.45 73.98
C GLY B 122 -22.70 51.13 75.45
N ALA B 123 -22.79 49.85 75.77
CA ALA B 123 -22.92 49.41 77.15
C ALA B 123 -22.06 48.18 77.43
N ARG B 124 -21.71 48.01 78.70
CA ARG B 124 -20.90 46.88 79.15
C ARG B 124 -21.41 46.52 80.54
N GLY B 125 -21.71 45.25 80.74
CA GLY B 125 -22.20 44.78 82.03
C GLY B 125 -22.43 43.29 82.04
N THR B 126 -22.90 42.76 83.15
CA THR B 126 -23.10 41.31 83.30
C THR B 126 -24.52 40.87 82.94
N LEU B 127 -24.63 39.65 82.40
CA LEU B 127 -25.91 39.09 82.01
C LEU B 127 -26.69 38.56 83.20
N PHE B 128 -28.02 38.66 83.12
CA PHE B 128 -28.91 38.11 84.14
C PHE B 128 -30.31 38.10 83.56
N LYS B 129 -31.23 37.43 84.24
CA LYS B 129 -32.62 37.41 83.78
C LYS B 129 -33.50 38.10 84.78
N THR B 130 -34.38 38.97 84.28
CA THR B 130 -35.33 39.69 85.11
C THR B 130 -36.48 38.75 85.43
N GLN B 131 -37.27 39.12 86.44
CA GLN B 131 -38.44 38.34 86.86
C GLN B 131 -39.21 37.79 85.67
N THR B 132 -39.61 38.66 84.76
CA THR B 132 -40.34 38.28 83.56
C THR B 132 -39.74 37.14 82.69
N GLY B 133 -38.48 36.79 82.92
CA GLY B 133 -37.82 35.75 82.13
C GLY B 133 -37.00 36.32 80.97
N GLU B 134 -36.62 37.58 81.10
CA GLU B 134 -35.87 38.27 80.06
C GLU B 134 -34.40 38.43 80.34
N LEU B 135 -33.58 38.14 79.34
CA LEU B 135 -32.14 38.31 79.43
C LEU B 135 -31.87 39.81 79.40
N SER B 136 -31.00 40.26 80.29
CA SER B 136 -30.69 41.67 80.43
C SER B 136 -29.24 41.87 80.80
N ILE B 137 -28.76 43.10 80.63
CA ILE B 137 -27.40 43.46 80.95
C ILE B 137 -27.36 44.47 82.07
N HIS B 138 -26.81 44.07 83.21
CA HIS B 138 -26.67 45.00 84.32
C HIS B 138 -25.49 45.89 84.00
N CYS B 139 -25.77 47.06 83.43
CA CYS B 139 -24.71 47.96 83.01
C CYS B 139 -23.79 48.48 84.10
N THR B 140 -22.48 48.35 83.87
CA THR B 140 -21.46 48.91 84.75
C THR B 140 -20.77 50.07 84.02
N GLU B 141 -20.84 50.04 82.70
CA GLU B 141 -20.32 51.14 81.89
C GLU B 141 -21.33 51.41 80.79
N LEU B 142 -21.55 52.68 80.49
CA LEU B 142 -22.54 53.08 79.50
C LEU B 142 -22.05 54.42 78.92
N ARG B 143 -22.06 54.54 77.60
CA ARG B 143 -21.68 55.80 76.98
C ARG B 143 -22.32 56.07 75.62
N LEU B 144 -22.48 57.35 75.32
CA LEU B 144 -23.13 57.80 74.09
C LEU B 144 -22.13 57.79 72.95
N LEU B 145 -22.51 57.20 71.82
CA LEU B 145 -21.63 57.12 70.65
C LEU B 145 -22.05 58.06 69.52
N THR B 146 -23.35 58.30 69.36
CA THR B 146 -23.82 59.20 68.31
C THR B 146 -25.13 59.82 68.74
N LYS B 147 -25.22 61.15 68.64
CA LYS B 147 -26.43 61.86 68.98
C LYS B 147 -27.35 61.80 67.77
N ALA B 148 -28.57 61.36 68.00
CA ALA B 148 -29.58 61.31 66.94
C ALA B 148 -30.19 62.69 66.93
N LEU B 149 -30.10 63.38 65.80
CA LEU B 149 -30.65 64.73 65.69
C LEU B 149 -32.12 64.76 65.28
N ARG B 150 -32.71 63.59 65.04
CA ARG B 150 -34.13 63.49 64.68
C ARG B 150 -34.77 62.34 65.44
N PRO B 151 -36.03 62.52 65.88
CA PRO B 151 -36.74 61.50 66.65
C PRO B 151 -36.94 60.25 65.84
N LEU B 152 -37.04 59.12 66.53
CA LEU B 152 -37.35 57.85 65.87
C LEU B 152 -38.77 57.98 65.31
N PRO B 153 -38.98 57.48 64.08
CA PRO B 153 -40.30 57.53 63.45
C PRO B 153 -40.91 56.12 63.52
N ASP B 154 -41.80 55.91 64.47
CA ASP B 154 -42.43 54.59 64.68
C ASP B 154 -43.96 54.64 64.46
N ASP B 161 -46.26 58.15 55.17
CA ASP B 161 -47.21 57.36 54.42
C ASP B 161 -46.54 56.76 53.18
N GLN B 162 -46.53 55.44 53.18
CA GLN B 162 -46.13 54.53 52.12
C GLN B 162 -44.90 54.93 51.31
N GLU B 163 -45.02 56.01 50.55
CA GLU B 163 -43.93 56.50 49.73
C GLU B 163 -42.64 56.62 50.55
N VAL B 164 -42.79 57.00 51.82
CA VAL B 164 -41.66 57.16 52.74
C VAL B 164 -40.84 55.89 52.91
N ARG B 165 -41.52 54.76 53.07
CA ARG B 165 -40.84 53.47 53.23
C ARG B 165 -39.83 53.22 52.13
N TYR B 166 -40.04 53.87 50.98
CA TYR B 166 -39.18 53.69 49.82
C TYR B 166 -38.20 54.84 49.64
N ARG B 167 -38.60 56.05 50.02
CA ARG B 167 -37.71 57.19 49.89
C ARG B 167 -36.63 57.14 50.95
N GLN B 168 -37.04 56.85 52.18
CA GLN B 168 -36.13 56.79 53.32
C GLN B 168 -36.17 55.41 53.94
N ARG B 169 -35.67 54.44 53.20
CA ARG B 169 -35.70 53.06 53.65
C ARG B 169 -35.03 52.81 54.98
N TYR B 170 -34.02 53.62 55.29
CA TYR B 170 -33.36 53.45 56.58
C TYR B 170 -34.37 53.51 57.72
N LEU B 171 -35.37 54.38 57.56
CA LEU B 171 -36.42 54.50 58.57
C LEU B 171 -37.20 53.21 58.62
N ASP B 172 -37.55 52.70 57.45
CA ASP B 172 -38.29 51.45 57.35
C ASP B 172 -37.53 50.36 58.09
N LEU B 173 -36.24 50.20 57.77
CA LEU B 173 -35.45 49.16 58.39
C LEU B 173 -35.34 49.27 59.91
N ILE B 174 -35.35 50.50 60.41
CA ILE B 174 -35.32 50.71 61.85
C ILE B 174 -36.61 50.25 62.53
N ALA B 175 -37.74 50.50 61.87
CA ALA B 175 -39.05 50.22 62.45
C ALA B 175 -39.71 48.87 62.15
N ASN B 176 -39.63 48.42 60.90
CA ASN B 176 -40.29 47.18 60.47
C ASN B 176 -39.45 45.92 60.56
N ASP B 177 -39.67 45.11 61.59
CA ASP B 177 -38.95 43.84 61.71
C ASP B 177 -39.19 42.98 60.48
N LYS B 178 -40.35 43.16 59.83
CA LYS B 178 -40.68 42.39 58.64
C LYS B 178 -39.85 42.81 57.43
N SER B 179 -39.71 44.11 57.23
CA SER B 179 -38.95 44.65 56.11
C SER B 179 -37.49 44.20 56.24
N ARG B 180 -36.94 44.29 57.44
CA ARG B 180 -35.59 43.83 57.69
C ARG B 180 -35.44 42.38 57.21
N GLN B 181 -36.38 41.53 57.58
CA GLN B 181 -36.31 40.13 57.19
C GLN B 181 -36.45 39.87 55.71
N THR B 182 -37.31 40.63 55.04
CA THR B 182 -37.46 40.48 53.59
C THR B 182 -36.08 40.57 52.94
N PHE B 183 -35.32 41.58 53.34
CA PHE B 183 -34.01 41.79 52.75
C PHE B 183 -32.93 40.80 53.19
N VAL B 184 -32.99 40.38 54.45
CA VAL B 184 -32.06 39.36 54.93
C VAL B 184 -32.28 38.07 54.15
N VAL B 185 -33.55 37.74 53.90
CA VAL B 185 -33.88 36.53 53.16
C VAL B 185 -33.42 36.66 51.72
N ARG B 186 -33.63 37.82 51.12
CA ARG B 186 -33.20 38.05 49.76
C ARG B 186 -31.74 37.65 49.59
N SER B 187 -30.91 38.07 50.55
CA SER B 187 -29.50 37.72 50.52
C SER B 187 -29.30 36.22 50.60
N LYS B 188 -30.02 35.54 51.48
CA LYS B 188 -29.88 34.11 51.60
C LYS B 188 -30.25 33.41 50.31
N ILE B 189 -31.31 33.89 49.66
CA ILE B 189 -31.75 33.28 48.43
C ILE B 189 -30.66 33.41 47.37
N LEU B 190 -30.12 34.61 47.21
CA LEU B 190 -29.08 34.83 46.21
C LEU B 190 -27.88 33.94 46.47
N ALA B 191 -27.49 33.84 47.73
CA ALA B 191 -26.37 32.99 48.10
C ALA B 191 -26.73 31.55 47.75
N ALA B 192 -27.97 31.16 48.02
CA ALA B 192 -28.43 29.80 47.74
C ALA B 192 -28.40 29.48 46.25
N ILE B 193 -28.76 30.45 45.42
CA ILE B 193 -28.74 30.25 43.97
C ILE B 193 -27.32 30.03 43.47
N ARG B 194 -26.39 30.88 43.89
CA ARG B 194 -25.02 30.74 43.46
C ARG B 194 -24.52 29.33 43.78
N GLN B 195 -24.73 28.89 45.00
CA GLN B 195 -24.31 27.57 45.44
C GLN B 195 -24.91 26.46 44.59
N PHE B 196 -26.20 26.57 44.30
CA PHE B 196 -26.91 25.58 43.50
C PHE B 196 -26.26 25.49 42.13
N MET B 197 -26.06 26.66 41.52
CA MET B 197 -25.50 26.77 40.18
C MET B 197 -24.09 26.20 40.11
N VAL B 198 -23.27 26.62 41.07
CA VAL B 198 -21.88 26.19 41.12
C VAL B 198 -21.78 24.69 41.31
N ALA B 199 -22.68 24.14 42.11
CA ALA B 199 -22.69 22.71 42.36
C ALA B 199 -22.86 21.91 41.07
N ARG B 200 -23.44 22.52 40.04
CA ARG B 200 -23.70 21.85 38.78
C ARG B 200 -22.71 22.24 37.68
N GLY B 201 -21.54 22.72 38.09
CA GLY B 201 -20.51 23.05 37.13
C GLY B 201 -20.64 24.37 36.40
N PHE B 202 -21.52 25.24 36.87
CA PHE B 202 -21.68 26.53 36.23
C PHE B 202 -20.65 27.53 36.73
N MET B 203 -20.12 28.35 35.83
CA MET B 203 -19.13 29.35 36.22
C MET B 203 -19.76 30.70 36.13
N GLU B 204 -19.64 31.51 37.19
CA GLU B 204 -20.22 32.84 37.18
C GLU B 204 -19.31 33.82 36.47
N VAL B 205 -19.92 34.67 35.66
CA VAL B 205 -19.19 35.53 34.77
C VAL B 205 -19.72 36.97 34.83
N GLU B 206 -18.91 37.93 34.41
CA GLU B 206 -19.33 39.33 34.38
C GLU B 206 -19.17 39.83 32.96
N THR B 207 -20.27 40.25 32.33
CA THR B 207 -20.23 40.76 30.96
C THR B 207 -20.61 42.25 31.00
N PRO B 208 -20.27 43.04 29.96
CA PRO B 208 -20.53 44.49 29.92
C PRO B 208 -21.90 44.94 30.40
N MET B 209 -21.90 46.08 31.08
CA MET B 209 -23.13 46.70 31.56
C MET B 209 -23.49 47.79 30.55
N MET B 210 -22.49 48.31 29.85
CA MET B 210 -22.66 49.33 28.82
C MET B 210 -22.28 48.70 27.51
N GLN B 211 -23.14 48.81 26.51
CA GLN B 211 -22.92 48.14 25.25
C GLN B 211 -23.11 49.12 24.11
N VAL B 212 -22.38 48.90 23.04
CA VAL B 212 -22.47 49.75 21.86
C VAL B 212 -23.79 49.49 21.15
N ILE B 213 -24.23 48.23 21.18
CA ILE B 213 -25.50 47.80 20.57
C ILE B 213 -26.25 46.93 21.58
N PRO B 214 -27.46 47.34 22.00
CA PRO B 214 -28.23 46.54 22.94
C PRO B 214 -28.89 45.35 22.24
N GLY B 215 -29.35 44.39 23.03
CA GLY B 215 -29.98 43.23 22.47
C GLY B 215 -30.14 42.19 23.55
N GLY B 216 -30.81 41.10 23.20
CA GLY B 216 -31.05 40.03 24.15
C GLY B 216 -32.49 40.07 24.66
N ALA B 217 -33.24 41.03 24.15
CA ALA B 217 -34.62 41.22 24.58
C ALA B 217 -35.23 42.32 23.72
N SER B 218 -36.47 42.65 24.04
CA SER B 218 -37.18 43.68 23.31
C SER B 218 -37.63 44.70 24.34
N ALA B 219 -36.95 45.85 24.38
CA ALA B 219 -37.27 46.87 25.35
C ALA B 219 -36.58 48.18 25.00
N ARG B 220 -37.15 49.28 25.46
CA ARG B 220 -36.57 50.59 25.23
C ARG B 220 -35.35 50.70 26.14
N PRO B 221 -34.17 50.91 25.56
CA PRO B 221 -32.94 51.01 26.35
C PRO B 221 -32.68 52.44 26.83
N PHE B 222 -31.75 52.56 27.76
CA PHE B 222 -31.27 53.85 28.22
C PHE B 222 -30.03 54.15 27.39
N ILE B 223 -29.88 55.39 26.97
CA ILE B 223 -28.72 55.78 26.19
C ILE B 223 -27.88 56.69 27.05
N THR B 224 -26.57 56.65 26.81
CA THR B 224 -25.65 57.50 27.53
C THR B 224 -24.55 57.82 26.53
N HIS B 225 -23.71 58.80 26.84
CA HIS B 225 -22.67 59.20 25.92
C HIS B 225 -21.29 59.15 26.56
N HIS B 226 -20.35 58.49 25.89
CA HIS B 226 -18.97 58.48 26.35
C HIS B 226 -18.36 59.69 25.67
N ASN B 227 -17.91 60.65 26.48
CA ASN B 227 -17.37 61.90 25.95
C ASN B 227 -16.04 61.74 25.25
N ALA B 228 -15.16 60.95 25.84
CA ALA B 228 -13.84 60.69 25.26
C ALA B 228 -13.92 60.14 23.85
N LEU B 229 -14.71 59.08 23.68
CA LEU B 229 -14.84 58.43 22.37
C LEU B 229 -15.88 59.12 21.51
N ASP B 230 -16.59 60.10 22.07
CA ASP B 230 -17.66 60.79 21.37
C ASP B 230 -18.67 59.74 20.91
N LEU B 231 -18.66 58.60 21.61
CA LEU B 231 -19.44 57.42 21.28
C LEU B 231 -20.66 57.30 22.18
N ASP B 232 -21.82 57.07 21.58
CA ASP B 232 -23.04 56.80 22.33
C ASP B 232 -23.06 55.34 22.74
N MET B 233 -23.45 55.07 23.98
CA MET B 233 -23.47 53.73 24.50
C MET B 233 -24.83 53.50 25.11
N TYR B 234 -25.24 52.23 25.16
CA TYR B 234 -26.53 51.86 25.70
C TYR B 234 -26.35 51.04 26.96
N LEU B 235 -27.27 51.20 27.91
CA LEU B 235 -27.27 50.37 29.10
C LEU B 235 -27.88 49.03 28.69
N ARG B 236 -27.26 47.96 29.15
CA ARG B 236 -27.68 46.60 28.86
C ARG B 236 -29.17 46.34 29.15
N ILE B 237 -29.89 45.80 28.17
CA ILE B 237 -31.26 45.35 28.42
C ILE B 237 -31.26 43.84 28.66
N ALA B 238 -30.10 43.22 28.40
CA ALA B 238 -29.91 41.79 28.64
C ALA B 238 -28.45 41.42 28.30
N PRO B 239 -27.84 40.50 29.08
CA PRO B 239 -26.45 40.08 28.85
C PRO B 239 -26.33 38.91 27.87
N GLU B 240 -27.46 38.43 27.38
CA GLU B 240 -27.54 37.25 26.54
C GLU B 240 -26.48 37.07 25.45
N LEU B 241 -26.47 37.97 24.46
CA LEU B 241 -25.53 37.86 23.36
C LEU B 241 -24.05 37.75 23.77
N TYR B 242 -23.69 38.40 24.87
CA TYR B 242 -22.33 38.31 25.36
C TYR B 242 -22.05 36.96 26.00
N LEU B 243 -23.01 36.47 26.79
CA LEU B 243 -22.84 35.17 27.42
C LEU B 243 -22.74 34.06 26.37
N LYS B 244 -23.45 34.20 25.25
CA LYS B 244 -23.40 33.17 24.23
C LYS B 244 -22.05 33.16 23.54
N ARG B 245 -21.47 34.35 23.38
CA ARG B 245 -20.11 34.46 22.84
C ARG B 245 -19.14 33.63 23.67
N LEU B 246 -19.31 33.62 24.98
CA LEU B 246 -18.47 32.81 25.86
C LEU B 246 -18.68 31.32 25.62
N VAL B 247 -19.88 30.94 25.22
CA VAL B 247 -20.14 29.51 24.96
C VAL B 247 -19.42 29.12 23.68
N VAL B 248 -19.37 30.04 22.72
CA VAL B 248 -18.62 29.81 21.50
C VAL B 248 -17.16 29.72 21.89
N GLY B 249 -16.77 30.57 22.85
CA GLY B 249 -15.40 30.61 23.31
C GLY B 249 -14.94 29.39 24.09
N GLY B 250 -15.87 28.55 24.52
CA GLY B 250 -15.49 27.35 25.26
C GLY B 250 -15.98 27.22 26.69
N PHE B 251 -16.52 28.29 27.24
CA PHE B 251 -17.11 28.23 28.58
C PHE B 251 -18.51 27.67 28.39
N GLU B 252 -18.60 26.35 28.46
CA GLU B 252 -19.84 25.63 28.16
C GLU B 252 -20.95 25.66 29.20
N ARG B 253 -20.65 26.10 30.42
CA ARG B 253 -21.66 26.29 31.45
C ARG B 253 -21.35 27.57 32.18
N VAL B 254 -22.09 28.62 31.84
CA VAL B 254 -21.80 29.93 32.37
C VAL B 254 -23.09 30.57 32.82
N PHE B 255 -23.04 31.42 33.84
CA PHE B 255 -24.22 32.13 34.29
C PHE B 255 -23.84 33.50 34.89
N GLU B 256 -24.83 34.37 35.04
CA GLU B 256 -24.58 35.72 35.52
C GLU B 256 -25.81 36.27 36.21
N ILE B 257 -25.60 36.87 37.38
CA ILE B 257 -26.67 37.47 38.17
C ILE B 257 -26.33 38.93 38.31
N ASN B 258 -27.05 39.78 37.60
CA ASN B 258 -26.82 41.21 37.72
C ASN B 258 -27.96 41.97 37.07
N ARG B 259 -27.80 43.29 36.94
CA ARG B 259 -28.88 44.13 36.49
C ARG B 259 -29.07 44.36 35.02
N ASN B 260 -30.33 44.57 34.65
CA ASN B 260 -30.71 44.96 33.29
C ASN B 260 -31.42 46.26 33.49
N PHE B 261 -31.45 47.09 32.45
CA PHE B 261 -32.07 48.41 32.55
C PHE B 261 -33.04 48.57 31.40
N ARG B 262 -34.26 48.98 31.69
CA ARG B 262 -35.27 49.16 30.66
C ARG B 262 -36.04 50.45 30.86
N ASN B 263 -35.90 51.32 29.87
CA ASN B 263 -36.54 52.62 29.80
C ASN B 263 -38.08 52.67 29.87
N GLU B 264 -38.69 51.70 30.51
CA GLU B 264 -40.13 51.70 30.66
C GLU B 264 -40.58 52.60 31.81
N GLY B 265 -41.88 52.71 31.99
CA GLY B 265 -42.46 53.59 32.99
C GLY B 265 -42.44 53.09 34.42
N ILE B 266 -42.79 53.98 35.36
CA ILE B 266 -42.85 53.66 36.80
C ILE B 266 -44.15 52.93 37.14
N SER B 267 -44.23 52.42 38.38
CA SER B 267 -45.37 51.64 38.89
C SER B 267 -44.83 50.61 39.87
N VAL B 268 -45.46 49.44 39.89
CA VAL B 268 -45.06 48.38 40.81
C VAL B 268 -44.80 47.08 40.08
N ARG B 269 -44.47 47.15 38.80
CA ARG B 269 -44.13 45.95 38.07
C ARG B 269 -42.80 46.27 37.48
N HIS B 270 -42.60 47.56 37.26
CA HIS B 270 -41.40 47.98 36.63
C HIS B 270 -40.59 48.91 37.51
N ASN B 271 -39.31 48.57 37.64
CA ASN B 271 -38.36 49.47 38.22
C ASN B 271 -37.43 49.58 37.03
N PRO B 272 -36.89 50.78 36.74
CA PRO B 272 -36.00 50.87 35.59
C PRO B 272 -34.83 49.88 35.61
N GLU B 273 -34.44 49.41 36.79
CA GLU B 273 -33.37 48.43 36.89
C GLU B 273 -33.80 47.30 37.80
N PHE B 274 -33.47 46.07 37.40
CA PHE B 274 -33.86 44.90 38.16
C PHE B 274 -32.84 43.77 37.95
N THR B 275 -32.85 42.79 38.85
CA THR B 275 -31.87 41.72 38.82
C THR B 275 -32.37 40.52 38.03
N MET B 276 -31.60 40.10 37.03
CA MET B 276 -31.93 38.94 36.21
C MET B 276 -30.80 37.94 36.37
N MET B 277 -31.12 36.66 36.26
CA MET B 277 -30.10 35.64 36.20
C MET B 277 -30.22 34.99 34.84
N GLU B 278 -29.12 34.91 34.09
CA GLU B 278 -29.15 34.16 32.84
C GLU B 278 -28.15 33.04 32.93
N LEU B 279 -28.49 31.89 32.35
CA LEU B 279 -27.61 30.74 32.39
C LEU B 279 -27.68 30.01 31.08
N TYR B 280 -26.55 29.45 30.68
CA TYR B 280 -26.44 28.75 29.42
C TYR B 280 -25.70 27.46 29.67
N MET B 281 -26.19 26.38 29.11
CA MET B 281 -25.51 25.11 29.21
C MET B 281 -25.48 24.45 27.84
N ALA B 282 -24.28 24.11 27.39
CA ALA B 282 -24.09 23.50 26.07
C ALA B 282 -24.51 22.03 26.05
N TYR B 283 -24.88 21.56 24.86
CA TYR B 283 -25.34 20.19 24.66
C TYR B 283 -26.56 19.87 25.52
N ALA B 284 -27.58 20.72 25.40
CA ALA B 284 -28.82 20.61 26.15
C ALA B 284 -29.95 21.28 25.36
N ASP B 285 -31.20 21.02 25.73
CA ASP B 285 -32.35 21.66 25.11
C ASP B 285 -33.26 22.24 26.18
N TYR B 286 -34.37 22.85 25.76
CA TYR B 286 -35.25 23.48 26.74
C TYR B 286 -35.81 22.51 27.78
N HIS B 287 -35.97 21.26 27.38
CA HIS B 287 -36.46 20.24 28.30
C HIS B 287 -35.54 20.10 29.50
N ASP B 288 -34.23 20.20 29.27
CA ASP B 288 -33.27 20.15 30.36
C ASP B 288 -33.46 21.35 31.25
N LEU B 289 -33.86 22.49 30.67
CA LEU B 289 -34.07 23.71 31.43
C LEU B 289 -35.31 23.62 32.33
N ILE B 290 -36.34 22.94 31.84
CA ILE B 290 -37.53 22.74 32.65
C ILE B 290 -37.15 21.95 33.90
N GLU B 291 -36.37 20.87 33.74
CA GLU B 291 -35.90 20.13 34.90
C GLU B 291 -35.15 21.03 35.86
N LEU B 292 -34.16 21.77 35.36
CA LEU B 292 -33.36 22.65 36.20
C LEU B 292 -34.21 23.65 36.99
N THR B 293 -35.22 24.24 36.33
CA THR B 293 -36.10 25.21 36.98
C THR B 293 -36.87 24.59 38.13
N GLU B 294 -37.43 23.41 37.89
CA GLU B 294 -38.18 22.71 38.93
C GLU B 294 -37.29 22.41 40.15
N SER B 295 -36.05 21.98 39.91
CA SER B 295 -35.10 21.71 40.99
C SER B 295 -34.71 22.97 41.71
N LEU B 296 -34.50 24.05 40.96
CA LEU B 296 -34.12 25.31 41.56
C LEU B 296 -35.16 25.68 42.61
N PHE B 297 -36.41 25.87 42.18
CA PHE B 297 -37.46 26.30 43.08
C PHE B 297 -37.69 25.34 44.25
N ARG B 298 -37.73 24.04 43.96
CA ARG B 298 -37.91 23.06 45.02
C ARG B 298 -36.80 23.19 46.05
N THR B 299 -35.55 23.25 45.58
CA THR B 299 -34.40 23.35 46.45
C THR B 299 -34.41 24.63 47.29
N LEU B 300 -34.68 25.77 46.64
CA LEU B 300 -34.74 27.05 47.34
C LEU B 300 -35.79 27.05 48.43
N ALA B 301 -37.01 26.62 48.09
CA ALA B 301 -38.10 26.58 49.06
C ALA B 301 -37.65 25.75 50.26
N GLN B 302 -37.20 24.54 49.97
CA GLN B 302 -36.75 23.62 51.01
C GLN B 302 -35.67 24.23 51.88
N GLU B 303 -34.62 24.77 51.26
CA GLU B 303 -33.48 25.31 51.99
C GLU B 303 -33.71 26.61 52.71
N VAL B 304 -34.44 27.51 52.07
CA VAL B 304 -34.67 28.82 52.63
C VAL B 304 -35.91 28.88 53.53
N LEU B 305 -37.04 28.41 53.00
CA LEU B 305 -38.27 28.47 53.75
C LEU B 305 -38.49 27.25 54.64
N GLY B 306 -37.89 26.12 54.26
CA GLY B 306 -38.06 24.92 55.06
C GLY B 306 -39.13 23.99 54.56
N THR B 307 -39.96 24.43 53.62
CA THR B 307 -40.99 23.59 53.04
C THR B 307 -41.07 23.82 51.53
N THR B 308 -41.87 23.00 50.87
CA THR B 308 -42.07 23.15 49.44
C THR B 308 -43.41 23.83 49.21
N LYS B 309 -44.25 23.86 50.24
CA LYS B 309 -45.55 24.51 50.13
C LYS B 309 -45.38 25.96 50.53
N VAL B 310 -45.31 26.83 49.53
CA VAL B 310 -45.09 28.26 49.73
C VAL B 310 -46.42 29.02 49.63
N THR B 311 -46.78 29.67 50.72
CA THR B 311 -48.00 30.46 50.73
C THR B 311 -47.68 31.86 50.24
N TYR B 312 -48.39 32.28 49.21
CA TYR B 312 -48.19 33.62 48.68
C TYR B 312 -49.56 34.27 48.55
N GLY B 313 -49.86 35.16 49.49
CA GLY B 313 -51.16 35.81 49.48
C GLY B 313 -52.27 34.81 49.77
N GLU B 314 -53.27 34.80 48.89
CA GLU B 314 -54.39 33.88 49.02
C GLU B 314 -54.07 32.48 48.49
N HIS B 315 -52.84 32.26 48.03
CA HIS B 315 -52.50 31.00 47.36
C HIS B 315 -51.44 30.20 48.05
N VAL B 316 -51.42 28.91 47.75
CA VAL B 316 -50.40 28.02 48.27
C VAL B 316 -49.81 27.29 47.07
N PHE B 317 -48.51 27.48 46.85
CA PHE B 317 -47.80 26.86 45.74
C PHE B 317 -47.04 25.67 46.28
N ASP B 318 -47.09 24.54 45.57
CA ASP B 318 -46.33 23.36 45.99
C ASP B 318 -45.17 23.11 45.04
N PHE B 319 -44.02 23.68 45.35
CA PHE B 319 -42.83 23.55 44.52
C PHE B 319 -42.21 22.15 44.54
N GLY B 320 -42.79 21.26 45.34
CA GLY B 320 -42.27 19.90 45.40
C GLY B 320 -43.02 18.99 44.45
N LYS B 321 -43.90 19.58 43.66
CA LYS B 321 -44.72 18.84 42.71
C LYS B 321 -44.43 19.39 41.32
N PRO B 322 -44.30 18.50 40.31
CA PRO B 322 -44.01 18.94 38.94
C PRO B 322 -45.01 19.97 38.43
N PHE B 323 -44.49 21.02 37.79
CA PHE B 323 -45.28 22.15 37.33
C PHE B 323 -46.11 21.79 36.11
N GLU B 324 -47.12 22.58 35.83
CA GLU B 324 -47.97 22.34 34.68
C GLU B 324 -47.24 22.69 33.40
N LYS B 325 -47.55 21.96 32.33
CA LYS B 325 -47.00 22.26 31.01
C LYS B 325 -48.17 22.39 30.05
N LEU B 326 -48.26 23.51 29.34
CA LEU B 326 -49.32 23.75 28.37
C LEU B 326 -48.67 24.43 27.19
N THR B 327 -49.10 24.11 25.97
CA THR B 327 -48.59 24.86 24.84
C THR B 327 -49.36 26.16 24.88
N MET B 328 -48.91 27.15 24.11
CA MET B 328 -49.58 28.43 24.08
C MET B 328 -51.03 28.26 23.62
N ARG B 329 -51.21 27.48 22.56
CA ARG B 329 -52.55 27.25 22.05
C ARG B 329 -53.48 26.56 23.04
N GLU B 330 -52.96 25.59 23.77
CA GLU B 330 -53.77 24.89 24.76
C GLU B 330 -54.26 25.86 25.81
N ALA B 331 -53.39 26.75 26.26
CA ALA B 331 -53.74 27.72 27.29
C ALA B 331 -54.82 28.66 26.80
N ILE B 332 -54.72 29.08 25.54
CA ILE B 332 -55.73 29.98 24.97
C ILE B 332 -57.08 29.27 24.97
N LYS B 333 -57.14 28.11 24.32
CA LYS B 333 -58.36 27.34 24.25
C LYS B 333 -58.90 27.05 25.63
N LYS B 334 -58.01 26.79 26.58
CA LYS B 334 -58.44 26.47 27.93
C LYS B 334 -59.08 27.64 28.66
N TYR B 335 -58.53 28.83 28.50
CA TYR B 335 -59.02 29.99 29.22
C TYR B 335 -60.04 30.82 28.43
N ARG B 336 -60.15 30.55 27.14
CA ARG B 336 -61.19 31.16 26.32
C ARG B 336 -61.69 30.01 25.46
N PRO B 337 -62.40 29.06 26.08
CA PRO B 337 -62.93 27.87 25.43
C PRO B 337 -63.83 28.09 24.20
N GLU B 338 -64.42 29.27 24.10
CA GLU B 338 -65.31 29.55 22.98
C GLU B 338 -64.55 29.87 21.70
N THR B 339 -63.23 30.01 21.82
CA THR B 339 -62.38 30.37 20.70
C THR B 339 -62.39 29.30 19.60
N ASP B 340 -62.55 29.75 18.37
CA ASP B 340 -62.42 28.83 17.23
C ASP B 340 -60.94 28.88 16.87
N MET B 341 -60.21 27.87 17.30
CA MET B 341 -58.76 27.83 17.08
C MET B 341 -58.34 28.13 15.65
N ALA B 342 -59.19 27.78 14.69
CA ALA B 342 -58.87 28.03 13.29
C ALA B 342 -58.62 29.51 12.99
N ASP B 343 -59.29 30.38 13.74
CA ASP B 343 -59.10 31.82 13.53
C ASP B 343 -57.65 32.19 13.75
N LEU B 344 -56.96 31.41 14.58
CA LEU B 344 -55.56 31.67 14.88
C LEU B 344 -54.63 31.28 13.73
N ASP B 345 -55.15 30.57 12.74
CA ASP B 345 -54.32 30.15 11.62
C ASP B 345 -54.37 31.11 10.43
N ASN B 346 -55.15 32.17 10.55
CA ASN B 346 -55.29 33.15 9.47
C ASN B 346 -55.09 34.57 9.99
N PHE B 347 -54.32 35.38 9.26
CA PHE B 347 -54.04 36.72 9.71
C PHE B 347 -55.28 37.55 10.00
N ASP B 348 -56.16 37.69 9.02
CA ASP B 348 -57.34 38.54 9.15
C ASP B 348 -58.28 38.09 10.25
N ALA B 349 -58.42 36.78 10.40
CA ALA B 349 -59.26 36.23 11.46
C ALA B 349 -58.62 36.53 12.81
N ALA B 350 -57.33 36.26 12.92
CA ALA B 350 -56.60 36.49 14.16
C ALA B 350 -56.66 37.96 14.56
N LYS B 351 -56.42 38.83 13.58
CA LYS B 351 -56.47 40.26 13.82
C LYS B 351 -57.82 40.68 14.38
N ALA B 352 -58.88 40.25 13.70
CA ALA B 352 -60.23 40.57 14.13
C ALA B 352 -60.44 40.12 15.56
N LEU B 353 -60.16 38.84 15.82
CA LEU B 353 -60.31 38.24 17.14
C LEU B 353 -59.55 39.08 18.15
N ALA B 354 -58.35 39.50 17.75
CA ALA B 354 -57.49 40.29 18.58
C ALA B 354 -58.21 41.58 18.95
N GLU B 355 -58.75 42.26 17.95
CA GLU B 355 -59.43 43.53 18.18
C GLU B 355 -60.70 43.37 19.00
N SER B 356 -61.39 42.24 18.83
CA SER B 356 -62.58 41.94 19.61
C SER B 356 -62.26 41.98 21.09
N ILE B 357 -61.12 41.40 21.45
CA ILE B 357 -60.69 41.31 22.84
C ILE B 357 -60.23 42.66 23.39
N GLY B 358 -59.87 43.58 22.51
CA GLY B 358 -59.43 44.91 22.96
C GLY B 358 -57.96 45.18 22.76
N ILE B 359 -57.33 44.38 21.91
CA ILE B 359 -55.92 44.54 21.60
C ILE B 359 -55.82 45.44 20.38
N THR B 360 -54.91 46.40 20.42
CA THR B 360 -54.69 47.25 19.26
C THR B 360 -53.60 46.60 18.41
N VAL B 361 -53.98 46.06 17.26
CA VAL B 361 -53.00 45.42 16.40
C VAL B 361 -52.19 46.48 15.69
N GLU B 362 -50.91 46.59 16.05
CA GLU B 362 -50.01 47.56 15.41
C GLU B 362 -49.66 47.10 13.99
N LYS B 363 -49.20 48.04 13.17
CA LYS B 363 -48.90 47.80 11.76
C LYS B 363 -47.79 46.79 11.46
N SER B 364 -46.82 46.70 12.36
CA SER B 364 -45.69 45.80 12.19
C SER B 364 -45.96 44.34 12.57
N TRP B 365 -47.06 44.10 13.27
CA TRP B 365 -47.40 42.76 13.75
C TRP B 365 -47.76 41.75 12.68
N GLY B 366 -47.25 40.55 12.86
CA GLY B 366 -47.60 39.45 11.98
C GLY B 366 -48.45 38.47 12.77
N LEU B 367 -48.82 37.36 12.15
CA LEU B 367 -49.68 36.38 12.78
C LEU B 367 -49.13 35.89 14.12
N GLY B 368 -47.84 35.61 14.15
CA GLY B 368 -47.21 35.13 15.38
C GLY B 368 -47.34 36.08 16.55
N ARG B 369 -47.15 37.37 16.29
CA ARG B 369 -47.24 38.37 17.34
C ARG B 369 -48.68 38.50 17.81
N ILE B 370 -49.62 38.44 16.87
CA ILE B 370 -51.03 38.56 17.20
C ILE B 370 -51.46 37.39 18.09
N VAL B 371 -51.07 36.19 17.70
CA VAL B 371 -51.38 35.02 18.50
C VAL B 371 -50.78 35.11 19.90
N THR B 372 -49.57 35.65 20.01
CA THR B 372 -48.93 35.81 21.31
C THR B 372 -49.65 36.84 22.15
N GLU B 373 -50.04 37.93 21.51
CA GLU B 373 -50.76 39.00 22.19
C GLU B 373 -52.09 38.47 22.72
N ILE B 374 -52.78 37.66 21.91
CA ILE B 374 -54.03 37.04 22.34
C ILE B 374 -53.77 36.21 23.59
N PHE B 375 -52.68 35.43 23.58
CA PHE B 375 -52.31 34.64 24.74
C PHE B 375 -52.12 35.49 25.99
N ASP B 376 -51.43 36.62 25.85
CA ASP B 376 -51.17 37.50 26.97
C ASP B 376 -52.44 37.98 27.64
N GLU B 377 -53.43 38.34 26.82
CA GLU B 377 -54.70 38.85 27.32
C GLU B 377 -55.51 37.75 27.99
N VAL B 378 -55.78 36.71 27.21
CA VAL B 378 -56.61 35.59 27.65
C VAL B 378 -56.05 34.75 28.81
N ALA B 379 -54.86 34.19 28.61
CA ALA B 379 -54.32 33.22 29.55
C ALA B 379 -53.48 33.71 30.69
N GLU B 380 -52.54 34.59 30.41
CA GLU B 380 -51.52 34.96 31.40
C GLU B 380 -51.97 35.08 32.85
N ALA B 381 -52.92 35.97 33.10
CA ALA B 381 -53.40 36.23 34.46
C ALA B 381 -53.93 35.01 35.21
N HIS B 382 -54.22 33.94 34.49
CA HIS B 382 -54.82 32.75 35.09
C HIS B 382 -53.79 31.71 35.53
N LEU B 383 -52.56 31.90 35.09
CA LEU B 383 -51.48 30.98 35.41
C LEU B 383 -50.98 31.31 36.81
N ILE B 384 -51.71 30.80 37.80
CA ILE B 384 -51.39 31.05 39.20
C ILE B 384 -50.36 30.04 39.68
N GLN B 385 -50.69 28.76 39.52
CA GLN B 385 -49.80 27.69 39.91
C GLN B 385 -48.67 27.65 38.89
N PRO B 386 -47.45 27.25 39.33
CA PRO B 386 -46.28 27.19 38.46
C PRO B 386 -46.59 26.51 37.15
N THR B 387 -46.49 27.26 36.05
CA THR B 387 -46.83 26.75 34.73
C THR B 387 -45.78 27.09 33.68
N PHE B 388 -45.57 26.16 32.75
CA PHE B 388 -44.65 26.35 31.63
C PHE B 388 -45.48 26.46 30.36
N ILE B 389 -45.41 27.60 29.68
CA ILE B 389 -46.07 27.71 28.40
C ILE B 389 -45.04 27.44 27.32
N THR B 390 -45.42 26.60 26.37
CA THR B 390 -44.53 26.05 25.36
C THR B 390 -44.95 26.40 23.93
N GLU B 391 -44.00 26.29 23.01
CA GLU B 391 -44.23 26.51 21.58
C GLU B 391 -44.60 27.94 21.27
N TYR B 392 -43.60 28.80 21.23
CA TYR B 392 -43.77 30.21 20.91
C TYR B 392 -43.51 30.47 19.44
N PRO B 393 -44.33 31.30 18.81
CA PRO B 393 -44.17 31.61 17.39
C PRO B 393 -42.79 32.21 17.15
N ALA B 394 -42.25 31.99 15.96
CA ALA B 394 -40.91 32.46 15.61
C ALA B 394 -40.78 33.98 15.60
N GLU B 395 -41.84 34.66 15.21
CA GLU B 395 -41.82 36.12 15.10
C GLU B 395 -41.43 36.81 16.39
N VAL B 396 -41.88 36.25 17.51
CA VAL B 396 -41.59 36.82 18.82
C VAL B 396 -40.39 36.16 19.47
N SER B 397 -39.63 35.38 18.70
CA SER B 397 -38.50 34.64 19.23
C SER B 397 -37.30 34.68 18.28
N PRO B 398 -36.71 35.87 18.07
CA PRO B 398 -35.58 36.13 17.17
C PRO B 398 -34.31 35.34 17.46
N LEU B 399 -34.18 34.83 18.67
CA LEU B 399 -32.95 34.16 19.07
C LEU B 399 -33.14 32.69 19.43
N ALA B 400 -34.36 32.17 19.27
CA ALA B 400 -34.65 30.79 19.66
C ALA B 400 -34.63 29.81 18.50
N ARG B 401 -34.27 28.56 18.78
CA ARG B 401 -34.16 27.54 17.74
C ARG B 401 -35.52 27.11 17.21
N ARG B 402 -35.66 27.11 15.89
CA ARG B 402 -36.89 26.65 15.26
C ARG B 402 -37.12 25.18 15.59
N ASN B 403 -38.39 24.82 15.65
CA ASN B 403 -38.78 23.45 15.88
C ASN B 403 -38.58 22.68 14.57
N ASP B 404 -38.16 21.42 14.68
CA ASP B 404 -37.91 20.57 13.51
C ASP B 404 -39.16 20.25 12.72
N VAL B 405 -40.28 20.09 13.42
CA VAL B 405 -41.53 19.72 12.76
C VAL B 405 -42.29 20.90 12.18
N ASN B 406 -42.39 21.96 12.95
CA ASN B 406 -43.09 23.15 12.49
C ASN B 406 -42.17 24.35 12.64
N PRO B 407 -41.41 24.66 11.58
CA PRO B 407 -40.45 25.78 11.56
C PRO B 407 -41.05 27.14 11.88
N GLU B 408 -42.36 27.25 11.95
CA GLU B 408 -42.98 28.52 12.28
C GLU B 408 -43.06 28.75 13.79
N ILE B 409 -42.70 27.74 14.57
CA ILE B 409 -42.66 27.92 16.03
C ILE B 409 -41.27 27.55 16.55
N THR B 410 -40.93 28.03 17.74
CA THR B 410 -39.61 27.83 18.28
C THR B 410 -39.65 27.00 19.55
N ASP B 411 -38.54 26.35 19.87
CA ASP B 411 -38.44 25.53 21.05
C ASP B 411 -38.21 26.45 22.23
N ARG B 412 -39.21 27.27 22.49
CA ARG B 412 -39.16 28.27 23.55
C ARG B 412 -40.21 27.95 24.58
N PHE B 413 -39.99 28.41 25.81
CA PHE B 413 -40.96 28.22 26.86
C PHE B 413 -40.88 29.42 27.79
N GLU B 414 -41.98 29.71 28.46
CA GLU B 414 -42.00 30.81 29.41
C GLU B 414 -42.60 30.24 30.67
N PHE B 415 -42.16 30.73 31.81
CA PHE B 415 -42.52 30.17 33.09
C PHE B 415 -43.32 31.19 33.87
N PHE B 416 -44.48 30.78 34.39
CA PHE B 416 -45.37 31.68 35.12
C PHE B 416 -45.71 31.14 36.51
N ILE B 417 -45.74 32.05 37.49
CA ILE B 417 -46.20 31.74 38.85
C ILE B 417 -46.97 32.99 39.30
N GLY B 418 -48.03 32.78 40.06
CA GLY B 418 -48.80 33.90 40.56
C GLY B 418 -49.30 34.86 39.51
N GLY B 419 -49.55 34.38 38.30
CA GLY B 419 -50.13 35.21 37.27
C GLY B 419 -49.17 36.18 36.60
N ARG B 420 -47.88 36.00 36.84
CA ARG B 420 -46.87 36.84 36.22
C ARG B 420 -45.75 35.98 35.64
N GLU B 421 -45.04 36.51 34.65
CA GLU B 421 -43.95 35.79 34.00
C GLU B 421 -42.69 35.84 34.86
N ILE B 422 -42.18 34.68 35.23
CA ILE B 422 -41.00 34.61 36.09
C ILE B 422 -39.73 34.22 35.32
N GLY B 423 -39.88 33.44 34.26
CA GLY B 423 -38.70 32.95 33.56
C GLY B 423 -38.94 32.82 32.08
N ASN B 424 -37.86 32.68 31.34
CA ASN B 424 -37.90 32.65 29.89
C ASN B 424 -36.71 31.83 29.42
N GLY B 425 -36.96 30.80 28.63
CA GLY B 425 -35.87 29.94 28.21
C GLY B 425 -36.13 29.29 26.87
N PHE B 426 -35.07 28.80 26.23
CA PHE B 426 -35.20 28.15 24.94
C PHE B 426 -33.93 27.47 24.47
N SER B 427 -34.08 26.60 23.48
CA SER B 427 -32.93 25.97 22.84
C SER B 427 -32.39 27.08 21.95
N GLU B 428 -31.11 27.39 22.10
CA GLU B 428 -30.51 28.52 21.40
C GLU B 428 -30.37 28.37 19.90
N LEU B 429 -30.58 29.47 19.18
CA LEU B 429 -30.42 29.48 17.74
C LEU B 429 -28.92 29.57 17.41
N ASN B 430 -28.37 28.51 16.83
CA ASN B 430 -26.96 28.49 16.46
C ASN B 430 -26.79 28.39 14.95
N ASP B 431 -27.76 28.90 14.21
CA ASP B 431 -27.69 28.94 12.77
C ASP B 431 -27.47 30.40 12.43
N ALA B 432 -26.24 30.74 12.08
CA ALA B 432 -25.86 32.11 11.76
C ALA B 432 -26.67 32.70 10.61
N GLU B 433 -26.95 31.89 9.61
CA GLU B 433 -27.67 32.38 8.45
C GLU B 433 -29.10 32.77 8.83
N ASP B 434 -29.73 31.93 9.62
CA ASP B 434 -31.10 32.20 10.08
C ASP B 434 -31.11 33.38 11.06
N GLN B 435 -30.09 33.47 11.90
CA GLN B 435 -30.00 34.56 12.86
C GLN B 435 -29.98 35.91 12.14
N ALA B 436 -29.16 36.00 11.09
CA ALA B 436 -29.05 37.21 10.30
C ALA B 436 -30.41 37.61 9.75
N GLU B 437 -31.10 36.65 9.14
CA GLU B 437 -32.43 36.88 8.56
C GLU B 437 -33.41 37.42 9.58
N ARG B 438 -33.40 36.81 10.76
CA ARG B 438 -34.28 37.21 11.84
C ARG B 438 -33.95 38.60 12.34
N PHE B 439 -32.66 38.90 12.44
CA PHE B 439 -32.23 40.24 12.84
C PHE B 439 -32.76 41.24 11.81
N GLN B 440 -32.73 40.85 10.54
CA GLN B 440 -33.24 41.68 9.46
C GLN B 440 -34.73 41.96 9.63
N GLU B 441 -35.51 40.92 9.89
CA GLU B 441 -36.94 41.10 10.12
C GLU B 441 -37.16 42.11 11.24
N GLN B 442 -36.33 42.03 12.27
CA GLN B 442 -36.40 42.95 13.40
C GLN B 442 -36.11 44.37 12.98
N VAL B 443 -35.06 44.54 12.18
CA VAL B 443 -34.68 45.85 11.66
C VAL B 443 -35.83 46.45 10.84
N ASN B 444 -36.52 45.62 10.08
CA ASN B 444 -37.69 46.06 9.33
C ASN B 444 -38.83 46.44 10.27
N ALA B 445 -39.01 45.64 11.33
CA ALA B 445 -40.06 45.90 12.30
C ALA B 445 -39.87 47.27 12.94
N LYS B 446 -38.62 47.64 13.21
CA LYS B 446 -38.35 48.93 13.83
C LYS B 446 -38.71 50.07 12.89
N ALA B 447 -38.35 49.92 11.61
CA ALA B 447 -38.68 50.91 10.61
C ALA B 447 -40.19 51.03 10.43
N ALA B 448 -40.91 49.97 10.81
CA ALA B 448 -42.36 49.94 10.70
C ALA B 448 -43.06 50.34 12.01
N GLY B 449 -42.33 51.02 12.90
CA GLY B 449 -42.94 51.51 14.12
C GLY B 449 -42.63 50.77 15.41
N ASP B 450 -42.23 49.50 15.32
CA ASP B 450 -41.93 48.74 16.53
C ASP B 450 -40.59 49.16 17.09
N ASP B 451 -40.60 50.20 17.93
CA ASP B 451 -39.36 50.70 18.52
C ASP B 451 -38.85 49.89 19.72
N GLU B 452 -39.36 48.68 19.89
CA GLU B 452 -38.80 47.75 20.87
C GLU B 452 -38.04 46.66 20.14
N ALA B 453 -38.12 46.67 18.82
CA ALA B 453 -37.47 45.67 17.99
C ALA B 453 -35.97 45.73 18.23
N MET B 454 -35.29 44.65 17.91
CA MET B 454 -33.86 44.55 18.14
C MET B 454 -33.02 45.18 17.05
N PHE B 455 -31.77 45.46 17.37
CA PHE B 455 -30.83 46.02 16.42
C PHE B 455 -30.12 44.87 15.75
N TYR B 456 -29.44 45.15 14.66
CA TYR B 456 -28.64 44.12 13.97
C TYR B 456 -27.24 44.14 14.58
N ASP B 457 -26.86 43.08 15.28
CA ASP B 457 -25.53 42.95 15.88
C ASP B 457 -24.68 42.09 14.95
N GLU B 458 -24.01 42.73 14.00
CA GLU B 458 -23.16 42.04 13.03
C GLU B 458 -22.08 41.18 13.67
N ASP B 459 -21.51 41.64 14.79
CA ASP B 459 -20.48 40.86 15.45
C ASP B 459 -21.04 39.58 16.05
N TYR B 460 -22.28 39.63 16.55
CA TYR B 460 -22.88 38.44 17.13
C TYR B 460 -22.96 37.34 16.09
N VAL B 461 -23.47 37.69 14.92
CA VAL B 461 -23.59 36.71 13.85
C VAL B 461 -22.23 36.08 13.54
N THR B 462 -21.19 36.91 13.45
CA THR B 462 -19.85 36.43 13.19
C THR B 462 -19.47 35.39 14.22
N ALA B 463 -19.79 35.67 15.48
CA ALA B 463 -19.50 34.73 16.55
C ALA B 463 -20.13 33.39 16.21
N LEU B 464 -21.40 33.42 15.82
CA LEU B 464 -22.08 32.18 15.49
C LEU B 464 -21.38 31.46 14.34
N GLU B 465 -20.86 32.22 13.38
CA GLU B 465 -20.21 31.62 12.23
C GLU B 465 -18.98 30.81 12.62
N TYR B 466 -18.39 31.12 13.77
CA TYR B 466 -17.26 30.35 14.27
C TYR B 466 -17.72 29.04 14.89
N GLY B 467 -18.97 29.01 15.34
CA GLY B 467 -19.56 27.78 15.85
C GLY B 467 -20.05 27.80 17.28
N LEU B 468 -21.37 27.79 17.47
CA LEU B 468 -21.96 27.73 18.81
C LEU B 468 -22.49 26.31 18.98
N PRO B 469 -21.97 25.58 19.98
CA PRO B 469 -22.49 24.22 20.16
C PRO B 469 -23.98 24.30 20.51
N PRO B 470 -24.74 23.24 20.21
CA PRO B 470 -26.16 23.26 20.54
C PRO B 470 -26.31 23.54 22.02
N THR B 471 -27.03 24.59 22.35
CA THR B 471 -27.11 25.07 23.72
C THR B 471 -28.55 25.38 24.18
N ALA B 472 -28.76 25.38 25.49
CA ALA B 472 -30.05 25.77 26.08
C ALA B 472 -29.79 26.92 27.05
N GLY B 473 -30.57 27.99 26.93
CA GLY B 473 -30.39 29.14 27.82
C GLY B 473 -31.64 29.53 28.58
N LEU B 474 -31.48 30.10 29.76
CA LEU B 474 -32.61 30.44 30.61
C LEU B 474 -32.39 31.77 31.31
N GLY B 475 -33.47 32.55 31.43
CA GLY B 475 -33.42 33.82 32.12
C GLY B 475 -34.48 33.81 33.20
N ILE B 476 -34.13 34.27 34.40
CA ILE B 476 -35.07 34.27 35.52
C ILE B 476 -35.07 35.61 36.23
N GLY B 477 -36.27 36.13 36.49
CA GLY B 477 -36.40 37.40 37.16
C GLY B 477 -36.21 37.19 38.65
N ILE B 478 -35.03 37.56 39.14
CA ILE B 478 -34.70 37.36 40.54
C ILE B 478 -35.67 38.09 41.46
N ASP B 479 -35.93 39.36 41.14
CA ASP B 479 -36.81 40.17 42.00
C ASP B 479 -38.17 39.53 42.18
N ARG B 480 -38.79 39.09 41.08
CA ARG B 480 -40.08 38.44 41.13
C ARG B 480 -39.98 37.19 42.00
N MET B 481 -38.90 36.43 41.80
CA MET B 481 -38.67 35.24 42.58
C MET B 481 -38.62 35.54 44.08
N ILE B 482 -38.01 36.67 44.46
CA ILE B 482 -37.92 37.03 45.87
C ILE B 482 -39.30 37.41 46.44
N MET B 483 -40.14 38.04 45.64
CA MET B 483 -41.51 38.35 46.04
C MET B 483 -42.23 37.09 46.51
N LEU B 484 -42.25 36.06 45.67
CA LEU B 484 -42.90 34.80 46.00
C LEU B 484 -42.42 34.18 47.32
N PHE B 485 -41.13 34.30 47.60
CA PHE B 485 -40.57 33.69 48.80
C PHE B 485 -40.69 34.57 50.03
N THR B 486 -41.10 35.82 49.86
CA THR B 486 -41.19 36.75 50.98
C THR B 486 -42.61 37.31 51.19
N ASN B 487 -43.56 36.79 50.42
CA ASN B 487 -44.94 37.24 50.47
C ASN B 487 -45.01 38.74 50.25
N SER B 488 -44.12 39.25 49.41
CA SER B 488 -44.15 40.66 49.06
C SER B 488 -45.05 40.79 47.84
N HIS B 489 -45.77 41.89 47.73
CA HIS B 489 -46.70 42.04 46.63
C HIS B 489 -46.42 43.17 45.66
N THR B 490 -45.52 44.07 46.02
CA THR B 490 -45.00 45.01 45.03
C THR B 490 -43.54 44.66 44.85
N ILE B 491 -43.01 44.89 43.65
CA ILE B 491 -41.60 44.63 43.43
C ILE B 491 -40.78 45.58 44.32
N ARG B 492 -41.35 46.74 44.62
CA ARG B 492 -40.71 47.74 45.46
C ARG B 492 -40.48 47.33 46.90
N ASP B 493 -41.02 46.20 47.31
CA ASP B 493 -40.87 45.76 48.69
C ASP B 493 -39.70 44.82 48.83
N VAL B 494 -39.07 44.55 47.70
CA VAL B 494 -38.00 43.58 47.69
C VAL B 494 -36.70 44.18 47.11
N ILE B 495 -36.78 45.47 46.74
CA ILE B 495 -35.64 46.24 46.27
C ILE B 495 -35.38 47.31 47.32
N LEU B 496 -34.13 47.42 47.76
CA LEU B 496 -33.78 48.38 48.80
C LEU B 496 -34.10 49.82 48.48
N PHE B 497 -33.77 50.28 47.28
CA PHE B 497 -34.01 51.67 46.93
C PHE B 497 -34.67 51.77 45.57
N PRO B 498 -35.99 51.53 45.50
CA PRO B 498 -36.67 51.63 44.22
C PRO B 498 -36.69 53.08 43.75
N ALA B 499 -36.87 53.29 42.45
CA ALA B 499 -36.88 54.65 41.89
C ALA B 499 -38.19 55.37 42.22
N MET B 500 -38.07 56.66 42.52
CA MET B 500 -39.19 57.54 42.86
C MET B 500 -38.91 58.88 42.14
N ARG B 501 -39.88 59.79 42.08
CA ARG B 501 -39.71 61.05 41.35
C ARG B 501 -39.82 62.33 42.21
N PRO B 502 -38.69 62.99 42.49
CA PRO B 502 -38.68 64.21 43.30
C PRO B 502 -39.20 65.43 42.52
N PHE C 14 46.68 9.61 -23.11
CA PHE C 14 45.40 9.02 -22.73
C PHE C 14 44.68 9.97 -21.78
N ASN C 15 45.36 10.32 -20.68
CA ASN C 15 44.80 11.23 -19.69
C ASN C 15 44.41 12.56 -20.33
N ASP C 16 45.13 12.94 -21.39
CA ASP C 16 44.82 14.15 -22.14
C ASP C 16 43.60 13.92 -23.02
N GLU C 17 43.52 12.76 -23.66
CA GLU C 17 42.39 12.39 -24.51
C GLU C 17 41.08 12.42 -23.69
N LEU C 18 41.16 12.00 -22.44
CA LEU C 18 40.00 11.98 -21.57
C LEU C 18 39.49 13.38 -21.23
N ARG C 19 40.37 14.25 -20.75
CA ARG C 19 39.99 15.62 -20.40
C ARG C 19 39.53 16.33 -21.67
N ASN C 20 40.26 16.06 -22.75
CA ASN C 20 39.96 16.64 -24.05
C ASN C 20 38.51 16.29 -24.45
N ARG C 21 38.18 15.00 -24.40
CA ARG C 21 36.87 14.50 -24.80
C ARG C 21 35.76 14.95 -23.86
N ARG C 22 36.03 14.91 -22.57
CA ARG C 22 35.08 15.32 -21.56
C ARG C 22 34.70 16.79 -21.70
N GLU C 23 35.64 17.61 -22.18
CA GLU C 23 35.39 19.04 -22.39
C GLU C 23 34.45 19.26 -23.57
N LYS C 24 34.60 18.45 -24.62
CA LYS C 24 33.73 18.57 -25.79
C LYS C 24 32.29 18.22 -25.44
N LEU C 25 32.09 17.20 -24.61
CA LEU C 25 30.74 16.84 -24.21
C LEU C 25 30.10 18.06 -23.55
N ALA C 26 30.82 18.67 -22.63
CA ALA C 26 30.34 19.84 -21.92
C ALA C 26 29.84 20.88 -22.91
N ALA C 27 30.64 21.11 -23.94
CA ALA C 27 30.31 22.06 -24.98
C ALA C 27 28.99 21.67 -25.57
N LEU C 28 28.87 20.40 -25.95
CA LEU C 28 27.65 19.88 -26.55
C LEU C 28 26.46 20.09 -25.63
N ARG C 29 26.64 19.85 -24.34
CA ARG C 29 25.57 20.03 -23.37
C ARG C 29 25.12 21.48 -23.33
N GLN C 30 26.08 22.39 -23.33
CA GLN C 30 25.78 23.81 -23.28
C GLN C 30 24.81 24.26 -24.37
N GLN C 31 24.91 23.66 -25.56
CA GLN C 31 24.14 24.17 -26.69
C GLN C 31 22.93 23.41 -27.16
N GLY C 32 22.42 22.50 -26.35
CA GLY C 32 21.27 21.78 -26.80
C GLY C 32 21.30 20.38 -26.24
N VAL C 33 21.11 19.40 -27.10
CA VAL C 33 21.10 18.04 -26.61
C VAL C 33 22.36 17.26 -26.97
N ALA C 34 23.06 16.80 -25.94
CA ALA C 34 24.28 16.05 -26.12
C ALA C 34 23.96 14.60 -26.49
N PHE C 35 22.75 14.15 -26.13
CA PHE C 35 22.36 12.75 -26.37
C PHE C 35 21.03 12.59 -27.09
N PRO C 36 20.96 13.01 -28.37
CA PRO C 36 19.74 12.90 -29.17
C PRO C 36 19.41 11.45 -29.44
N ASN C 37 18.16 11.17 -29.78
CA ASN C 37 17.77 9.79 -30.06
C ASN C 37 16.70 9.75 -31.12
N ASP C 38 16.67 10.77 -31.96
CA ASP C 38 15.68 10.87 -33.02
C ASP C 38 16.16 10.36 -34.39
N PHE C 39 17.46 10.16 -34.54
CA PHE C 39 18.00 9.69 -35.80
C PHE C 39 17.59 8.24 -36.06
N ARG C 40 17.19 7.93 -37.29
CA ARG C 40 16.80 6.57 -37.65
C ARG C 40 17.53 6.19 -38.92
N ARG C 41 18.20 5.03 -38.91
CA ARG C 41 18.92 4.54 -40.08
C ARG C 41 18.00 3.58 -40.81
N ASP C 42 18.24 3.38 -42.10
CA ASP C 42 17.42 2.44 -42.86
C ASP C 42 18.20 1.32 -43.52
N HIS C 43 19.48 1.19 -43.17
CA HIS C 43 20.34 0.14 -43.73
C HIS C 43 21.53 -0.13 -42.83
N THR C 44 22.03 -1.36 -42.86
CA THR C 44 23.26 -1.70 -42.17
C THR C 44 24.27 -2.08 -43.25
N SER C 45 25.55 -1.81 -42.98
CA SER C 45 26.60 -2.04 -43.97
C SER C 45 26.42 -3.32 -44.75
N ASP C 46 26.19 -4.42 -44.04
CA ASP C 46 25.99 -5.71 -44.66
C ASP C 46 24.92 -5.72 -45.75
N GLN C 47 23.82 -5.01 -45.52
CA GLN C 47 22.74 -4.94 -46.51
C GLN C 47 23.23 -4.25 -47.77
N LEU C 48 23.86 -3.11 -47.58
CA LEU C 48 24.32 -2.29 -48.70
C LEU C 48 25.34 -3.04 -49.53
N HIS C 49 26.20 -3.78 -48.85
CA HIS C 49 27.20 -4.56 -49.55
C HIS C 49 26.56 -5.68 -50.35
N GLU C 50 25.62 -6.39 -49.75
CA GLU C 50 24.99 -7.52 -50.41
C GLU C 50 24.14 -7.15 -51.62
N GLU C 51 23.74 -5.88 -51.70
CA GLU C 51 22.87 -5.44 -52.79
C GLU C 51 23.58 -4.54 -53.80
N PHE C 52 24.64 -3.86 -53.39
CA PHE C 52 25.27 -2.88 -54.27
C PHE C 52 26.74 -3.05 -54.52
N ASP C 53 27.33 -4.12 -53.99
CA ASP C 53 28.77 -4.35 -54.18
C ASP C 53 29.09 -4.74 -55.63
N ALA C 54 28.07 -5.13 -56.40
CA ALA C 54 28.26 -5.57 -57.77
C ALA C 54 27.55 -4.66 -58.79
N LYS C 55 27.47 -3.38 -58.49
CA LYS C 55 26.87 -2.43 -59.40
C LYS C 55 27.88 -1.34 -59.74
N ASP C 56 28.30 -1.29 -60.99
CA ASP C 56 29.28 -0.32 -61.46
C ASP C 56 28.77 1.09 -61.18
N ASN C 57 29.69 2.01 -60.93
CA ASN C 57 29.35 3.39 -60.57
C ASN C 57 28.33 4.03 -61.52
N GLN C 58 28.33 3.57 -62.76
CA GLN C 58 27.37 4.06 -63.75
C GLN C 58 25.94 3.71 -63.30
N GLU C 59 25.75 2.46 -62.90
CA GLU C 59 24.45 1.97 -62.45
C GLU C 59 24.05 2.67 -61.15
N LEU C 60 25.00 2.79 -60.23
CA LEU C 60 24.75 3.42 -58.94
C LEU C 60 24.33 4.88 -59.08
N GLU C 61 25.07 5.63 -59.90
CA GLU C 61 24.80 7.04 -60.11
C GLU C 61 23.36 7.31 -60.53
N SER C 62 22.89 6.55 -61.53
CA SER C 62 21.53 6.71 -62.03
C SER C 62 20.52 6.46 -60.92
N LEU C 63 20.68 5.32 -60.26
CA LEU C 63 19.82 4.94 -59.15
C LEU C 63 20.25 5.72 -57.93
N ASN C 64 19.89 7.01 -57.87
CA ASN C 64 20.22 7.82 -56.71
C ASN C 64 19.63 7.20 -55.46
N ILE C 65 20.32 6.18 -54.96
CA ILE C 65 19.92 5.46 -53.76
C ILE C 65 20.44 6.22 -52.57
N GLU C 66 19.54 6.86 -51.85
CA GLU C 66 19.89 7.61 -50.66
C GLU C 66 19.65 6.68 -49.50
N VAL C 67 20.70 6.42 -48.72
CA VAL C 67 20.59 5.56 -47.56
C VAL C 67 21.01 6.31 -46.30
N SER C 68 20.48 5.90 -45.16
CA SER C 68 20.92 6.44 -43.89
C SER C 68 21.45 5.27 -43.09
N VAL C 69 22.64 5.45 -42.55
CA VAL C 69 23.27 4.43 -41.74
C VAL C 69 23.65 5.13 -40.46
N ALA C 70 24.19 4.37 -39.52
CA ALA C 70 24.61 4.93 -38.24
C ALA C 70 25.50 3.88 -37.59
N GLY C 71 26.53 4.33 -36.90
CA GLY C 71 27.44 3.41 -36.25
C GLY C 71 28.62 4.12 -35.64
N ARG C 72 29.64 3.35 -35.29
CA ARG C 72 30.83 3.90 -34.65
C ARG C 72 31.93 4.27 -35.65
N MET C 73 32.46 5.48 -35.50
CA MET C 73 33.51 6.02 -36.37
C MET C 73 34.83 5.39 -36.00
N MET C 74 35.26 4.43 -36.81
CA MET C 74 36.49 3.70 -36.54
C MET C 74 37.76 4.36 -37.07
N THR C 75 37.70 5.03 -38.21
CA THR C 75 38.86 5.68 -38.78
C THR C 75 38.43 6.94 -39.52
N ARG C 76 39.36 7.89 -39.66
CA ARG C 76 39.08 9.13 -40.37
C ARG C 76 40.36 9.68 -40.97
N ARG C 77 40.31 10.00 -42.26
CA ARG C 77 41.44 10.59 -42.97
C ARG C 77 40.99 11.95 -43.50
N ILE C 78 41.37 13.01 -42.79
CA ILE C 78 41.01 14.36 -43.20
C ILE C 78 41.98 14.84 -44.25
N MET C 79 41.46 15.43 -45.32
CA MET C 79 42.31 15.96 -46.37
C MET C 79 41.80 17.30 -46.86
N GLY C 80 41.43 18.16 -45.91
CA GLY C 80 40.92 19.49 -46.22
C GLY C 80 39.79 19.53 -47.22
N LYS C 81 38.60 19.93 -46.77
CA LYS C 81 37.43 20.01 -47.65
C LYS C 81 36.83 18.66 -48.00
N ALA C 82 37.57 17.59 -47.77
CA ALA C 82 37.05 16.24 -47.96
C ALA C 82 37.81 15.29 -47.07
N SER C 83 37.10 14.30 -46.53
CA SER C 83 37.68 13.31 -45.64
C SER C 83 37.03 11.97 -45.92
N PHE C 84 37.69 10.90 -45.49
CA PHE C 84 37.11 9.58 -45.61
C PHE C 84 36.96 9.03 -44.20
N VAL C 85 35.77 8.51 -43.92
CA VAL C 85 35.48 7.93 -42.61
C VAL C 85 34.98 6.50 -42.81
N THR C 86 35.36 5.62 -41.89
CA THR C 86 34.90 4.24 -41.91
C THR C 86 33.95 4.04 -40.73
N LEU C 87 32.70 3.70 -41.05
CA LEU C 87 31.67 3.48 -40.06
C LEU C 87 31.54 1.98 -39.78
N GLN C 88 31.38 1.61 -38.52
CA GLN C 88 31.19 0.22 -38.17
C GLN C 88 29.90 0.03 -37.39
N ASP C 89 28.99 -0.78 -37.92
CA ASP C 89 27.74 -1.14 -37.26
C ASP C 89 27.68 -2.67 -37.14
N VAL C 90 26.53 -3.22 -36.78
CA VAL C 90 26.36 -4.69 -36.64
C VAL C 90 26.85 -5.49 -37.82
N GLY C 91 26.53 -5.01 -39.01
CA GLY C 91 26.86 -5.74 -40.21
C GLY C 91 28.33 -5.71 -40.58
N GLY C 92 29.02 -4.64 -40.20
CA GLY C 92 30.42 -4.52 -40.55
C GLY C 92 30.80 -3.08 -40.75
N ARG C 93 31.58 -2.80 -41.81
CA ARG C 93 32.05 -1.45 -42.06
C ARG C 93 31.58 -0.93 -43.40
N ILE C 94 31.34 0.38 -43.45
CA ILE C 94 30.94 1.05 -44.68
C ILE C 94 31.74 2.34 -44.74
N GLN C 95 32.04 2.80 -45.95
CA GLN C 95 32.88 3.97 -46.10
C GLN C 95 32.05 5.20 -46.40
N LEU C 96 32.33 6.29 -45.69
CA LEU C 96 31.62 7.53 -45.89
C LEU C 96 32.55 8.52 -46.59
N TYR C 97 31.99 9.33 -47.48
CA TYR C 97 32.74 10.40 -48.15
C TYR C 97 32.21 11.72 -47.61
N VAL C 98 32.97 12.35 -46.71
CA VAL C 98 32.56 13.58 -46.07
C VAL C 98 33.26 14.76 -46.73
N ALA C 99 32.48 15.62 -47.38
CA ALA C 99 33.03 16.77 -48.09
C ALA C 99 32.29 18.03 -47.64
N ARG C 100 33.03 19.09 -47.34
CA ARG C 100 32.46 20.34 -46.83
C ARG C 100 31.29 20.85 -47.67
N ASP C 101 31.47 20.89 -48.98
CA ASP C 101 30.48 21.45 -49.88
C ASP C 101 29.18 20.66 -49.95
N SER C 102 29.23 19.38 -49.62
CA SER C 102 28.05 18.52 -49.69
C SER C 102 27.21 18.63 -48.43
N LEU C 103 27.85 19.01 -47.32
CA LEU C 103 27.18 19.06 -46.04
C LEU C 103 26.60 20.45 -45.77
N PRO C 104 25.65 20.52 -44.84
CA PRO C 104 25.07 21.82 -44.51
C PRO C 104 26.17 22.77 -44.05
N GLU C 105 25.94 24.05 -44.28
CA GLU C 105 26.82 25.14 -43.91
C GLU C 105 27.44 25.00 -42.51
N GLY C 106 28.76 24.81 -42.47
CA GLY C 106 29.48 24.78 -41.20
C GLY C 106 29.66 23.44 -40.52
N VAL C 107 28.85 22.46 -40.88
CA VAL C 107 28.93 21.14 -40.27
C VAL C 107 30.35 20.59 -40.31
N TYR C 108 30.93 20.59 -41.50
CA TYR C 108 32.26 20.03 -41.70
C TYR C 108 33.31 20.62 -40.78
N ASN C 109 33.41 21.95 -40.76
CA ASN C 109 34.46 22.60 -39.99
C ASN C 109 34.16 22.77 -38.52
N ASP C 110 32.95 23.20 -38.21
CA ASP C 110 32.57 23.45 -36.82
C ASP C 110 32.10 22.21 -36.05
N GLN C 111 31.74 21.15 -36.79
CA GLN C 111 31.30 19.93 -36.13
C GLN C 111 32.11 18.70 -36.48
N PHE C 112 31.99 18.22 -37.71
CA PHE C 112 32.69 17.01 -38.12
C PHE C 112 34.14 16.97 -37.66
N LYS C 113 34.91 17.98 -38.03
CA LYS C 113 36.33 18.05 -37.68
C LYS C 113 36.65 18.05 -36.18
N LYS C 114 35.68 18.34 -35.34
CA LYS C 114 35.90 18.34 -33.90
C LYS C 114 35.47 17.02 -33.23
N TRP C 115 34.96 16.08 -34.03
CA TRP C 115 34.56 14.77 -33.50
C TRP C 115 35.80 13.91 -33.31
N ASP C 116 35.69 12.90 -32.46
CA ASP C 116 36.80 12.00 -32.18
C ASP C 116 36.50 10.58 -32.65
N LEU C 117 37.56 9.82 -32.86
CA LEU C 117 37.48 8.43 -33.23
C LEU C 117 36.84 7.68 -32.06
N GLY C 118 35.71 7.04 -32.32
CA GLY C 118 35.03 6.30 -31.27
C GLY C 118 33.59 6.78 -31.13
N ASP C 119 33.36 8.02 -31.54
CA ASP C 119 32.03 8.60 -31.52
C ASP C 119 31.06 7.81 -32.38
N ILE C 120 29.80 7.78 -31.96
CA ILE C 120 28.72 7.11 -32.69
C ILE C 120 28.09 8.21 -33.52
N ILE C 121 28.07 8.04 -34.84
CA ILE C 121 27.51 9.06 -35.72
C ILE C 121 26.47 8.46 -36.66
N GLY C 122 25.60 9.32 -37.16
CA GLY C 122 24.58 8.89 -38.10
C GLY C 122 24.79 9.69 -39.37
N ALA C 123 24.55 9.07 -40.52
CA ALA C 123 24.81 9.73 -41.78
C ALA C 123 23.80 9.34 -42.84
N ARG C 124 23.62 10.22 -43.82
CA ARG C 124 22.67 10.00 -44.89
C ARG C 124 23.28 10.57 -46.18
N GLY C 125 23.20 9.81 -47.26
CA GLY C 125 23.72 10.27 -48.53
C GLY C 125 23.49 9.22 -49.60
N THR C 126 24.12 9.37 -50.76
CA THR C 126 23.92 8.46 -51.87
C THR C 126 25.06 7.50 -52.10
N LEU C 127 24.74 6.27 -52.51
CA LEU C 127 25.75 5.26 -52.77
C LEU C 127 26.49 5.50 -54.06
N PHE C 128 27.73 5.06 -54.10
CA PHE C 128 28.57 5.13 -55.28
C PHE C 128 29.82 4.33 -54.98
N LYS C 129 30.60 4.01 -56.01
CA LYS C 129 31.84 3.27 -55.83
C LYS C 129 33.02 4.17 -56.12
N THR C 130 34.02 4.14 -55.24
CA THR C 130 35.23 4.95 -55.39
C THR C 130 36.12 4.30 -56.44
N GLN C 131 37.17 5.01 -56.82
CA GLN C 131 38.15 4.45 -57.74
C GLN C 131 39.03 3.45 -56.98
N THR C 132 38.45 2.28 -56.68
CA THR C 132 39.10 1.15 -56.02
C THR C 132 38.08 0.00 -55.87
N GLY C 133 36.80 0.31 -56.12
CA GLY C 133 35.75 -0.69 -56.01
C GLY C 133 35.10 -0.71 -54.65
N GLU C 134 35.42 0.28 -53.82
CA GLU C 134 34.84 0.41 -52.48
C GLU C 134 33.46 1.05 -52.55
N LEU C 135 32.48 0.41 -51.94
CA LEU C 135 31.15 0.99 -51.89
C LEU C 135 31.22 2.10 -50.85
N SER C 136 30.74 3.29 -51.21
CA SER C 136 30.80 4.43 -50.33
C SER C 136 29.52 5.25 -50.37
N ILE C 137 29.37 6.09 -49.36
CA ILE C 137 28.21 6.94 -49.22
C ILE C 137 28.65 8.39 -49.30
N HIS C 138 28.16 9.10 -50.29
CA HIS C 138 28.43 10.52 -50.41
C HIS C 138 27.47 11.20 -49.45
N CYS C 139 27.96 11.55 -48.26
CA CYS C 139 27.12 12.14 -47.23
C CYS C 139 26.57 13.51 -47.61
N THR C 140 25.30 13.72 -47.30
CA THR C 140 24.67 15.02 -47.48
C THR C 140 24.20 15.50 -46.12
N GLU C 141 24.21 14.59 -45.16
CA GLU C 141 23.83 14.92 -43.80
C GLU C 141 24.66 14.02 -42.91
N LEU C 142 25.13 14.55 -41.80
CA LEU C 142 26.01 13.82 -40.92
C LEU C 142 25.81 14.43 -39.54
N ARG C 143 25.61 13.60 -38.51
CA ARG C 143 25.48 14.15 -37.16
C ARG C 143 25.91 13.25 -36.02
N LEU C 144 26.28 13.89 -34.91
CA LEU C 144 26.78 13.19 -33.72
C LEU C 144 25.64 12.68 -32.85
N LEU C 145 25.68 11.39 -32.53
CA LEU C 145 24.64 10.79 -31.72
C LEU C 145 25.13 10.48 -30.31
N THR C 146 26.37 10.03 -30.17
CA THR C 146 26.94 9.77 -28.85
C THR C 146 28.43 10.05 -28.82
N LYS C 147 28.87 10.88 -27.88
CA LYS C 147 30.27 11.21 -27.70
C LYS C 147 30.97 10.10 -26.91
N ALA C 148 32.05 9.57 -27.45
CA ALA C 148 32.83 8.55 -26.73
C ALA C 148 33.77 9.32 -25.81
N LEU C 149 33.63 9.12 -24.50
CA LEU C 149 34.49 9.81 -23.54
C LEU C 149 35.81 9.09 -23.35
N ARG C 150 36.02 8.00 -24.10
CA ARG C 150 37.27 7.25 -24.07
C ARG C 150 37.65 6.80 -25.47
N PRO C 151 38.96 6.85 -25.78
CA PRO C 151 39.50 6.49 -27.09
C PRO C 151 39.23 5.04 -27.38
N LEU C 152 39.12 4.69 -28.67
CA LEU C 152 38.94 3.30 -29.06
C LEU C 152 40.10 2.49 -28.51
N PRO C 153 39.84 1.23 -28.10
CA PRO C 153 40.90 0.38 -27.54
C PRO C 153 41.85 -0.14 -28.62
N ASP C 161 46.53 -8.51 -20.18
CA ASP C 161 46.10 -8.06 -21.50
C ASP C 161 45.06 -9.01 -22.09
N GLN C 162 45.29 -10.31 -21.97
CA GLN C 162 44.33 -11.31 -22.45
C GLN C 162 43.10 -11.30 -21.55
N GLU C 163 43.32 -11.02 -20.27
CA GLU C 163 42.23 -10.95 -19.30
C GLU C 163 41.23 -9.88 -19.71
N VAL C 164 41.72 -8.75 -20.22
CA VAL C 164 40.86 -7.64 -20.64
C VAL C 164 39.78 -8.03 -21.62
N ARG C 165 40.15 -8.84 -22.61
CA ARG C 165 39.18 -9.35 -23.57
C ARG C 165 37.98 -9.93 -22.84
N TYR C 166 38.24 -10.56 -21.70
CA TYR C 166 37.19 -11.22 -20.93
C TYR C 166 36.50 -10.29 -19.93
N ARG C 167 37.28 -9.48 -19.23
CA ARG C 167 36.69 -8.56 -18.26
C ARG C 167 36.10 -7.32 -18.89
N GLN C 168 36.35 -7.11 -20.17
CA GLN C 168 35.80 -5.96 -20.89
C GLN C 168 35.48 -6.38 -22.32
N ARG C 169 34.60 -7.36 -22.43
CA ARG C 169 34.19 -7.92 -23.71
C ARG C 169 33.79 -6.89 -24.73
N TYR C 170 33.13 -5.81 -24.30
CA TYR C 170 32.69 -4.79 -25.24
C TYR C 170 33.85 -4.25 -26.06
N LEU C 171 35.01 -4.15 -25.41
CA LEU C 171 36.21 -3.67 -26.07
C LEU C 171 36.65 -4.71 -27.09
N ASP C 172 36.69 -5.96 -26.65
CA ASP C 172 37.04 -7.07 -27.51
C ASP C 172 36.12 -7.10 -28.73
N LEU C 173 34.82 -6.94 -28.53
CA LEU C 173 33.87 -7.01 -29.64
C LEU C 173 34.02 -5.87 -30.62
N ILE C 174 34.29 -4.68 -30.11
CA ILE C 174 34.51 -3.53 -30.98
C ILE C 174 35.73 -3.77 -31.87
N ALA C 175 36.77 -4.37 -31.30
CA ALA C 175 38.05 -4.53 -31.98
C ALA C 175 38.32 -5.79 -32.79
N ASN C 176 37.75 -6.93 -32.37
CA ASN C 176 38.04 -8.20 -33.03
C ASN C 176 36.93 -8.78 -33.90
N ASP C 177 37.15 -8.78 -35.21
CA ASP C 177 36.19 -9.39 -36.12
C ASP C 177 36.01 -10.85 -35.75
N LYS C 178 37.08 -11.49 -35.32
CA LYS C 178 37.02 -12.90 -34.95
C LYS C 178 36.17 -13.17 -33.72
N SER C 179 36.26 -12.28 -32.74
CA SER C 179 35.48 -12.45 -31.53
C SER C 179 34.00 -12.25 -31.88
N ARG C 180 33.70 -11.20 -32.66
CA ARG C 180 32.32 -10.97 -33.07
C ARG C 180 31.73 -12.20 -33.73
N GLN C 181 32.45 -12.73 -34.72
CA GLN C 181 31.96 -13.88 -35.45
C GLN C 181 31.75 -15.11 -34.58
N THR C 182 32.66 -15.33 -33.63
CA THR C 182 32.52 -16.47 -32.75
C THR C 182 31.16 -16.45 -32.06
N PHE C 183 30.77 -15.29 -31.54
CA PHE C 183 29.50 -15.15 -30.87
C PHE C 183 28.31 -15.09 -31.81
N VAL C 184 28.55 -14.70 -33.05
CA VAL C 184 27.48 -14.73 -34.04
C VAL C 184 27.18 -16.19 -34.40
N VAL C 185 28.23 -16.96 -34.63
CA VAL C 185 28.09 -18.38 -34.95
C VAL C 185 27.43 -19.14 -33.81
N ARG C 186 27.75 -18.77 -32.58
CA ARG C 186 27.18 -19.44 -31.41
C ARG C 186 25.66 -19.36 -31.45
N SER C 187 25.14 -18.20 -31.76
CA SER C 187 23.71 -18.02 -31.86
C SER C 187 23.14 -18.82 -33.02
N LYS C 188 23.84 -18.88 -34.14
CA LYS C 188 23.38 -19.69 -35.27
C LYS C 188 23.34 -21.17 -34.87
N ILE C 189 24.34 -21.61 -34.13
CA ILE C 189 24.39 -23.01 -33.74
C ILE C 189 23.25 -23.37 -32.81
N LEU C 190 23.01 -22.54 -31.80
CA LEU C 190 21.91 -22.81 -30.87
C LEU C 190 20.57 -22.82 -31.60
N ALA C 191 20.36 -21.85 -32.46
CA ALA C 191 19.12 -21.79 -33.24
C ALA C 191 18.95 -23.03 -34.11
N ALA C 192 20.05 -23.54 -34.64
CA ALA C 192 20.01 -24.73 -35.49
C ALA C 192 19.71 -25.99 -34.68
N ILE C 193 20.23 -26.06 -33.46
CA ILE C 193 20.00 -27.22 -32.59
C ILE C 193 18.51 -27.33 -32.29
N ARG C 194 17.89 -26.20 -31.93
CA ARG C 194 16.47 -26.19 -31.62
C ARG C 194 15.65 -26.63 -32.82
N GLN C 195 16.00 -26.11 -34.00
CA GLN C 195 15.30 -26.50 -35.21
C GLN C 195 15.47 -27.99 -35.49
N PHE C 196 16.69 -28.49 -35.30
CA PHE C 196 16.98 -29.90 -35.53
C PHE C 196 16.13 -30.74 -34.61
N MET C 197 16.05 -30.33 -33.34
CA MET C 197 15.31 -31.05 -32.32
C MET C 197 13.80 -30.98 -32.48
N VAL C 198 13.28 -29.80 -32.80
CA VAL C 198 11.86 -29.61 -33.01
C VAL C 198 11.37 -30.43 -34.21
N ALA C 199 12.20 -30.54 -35.24
CA ALA C 199 11.84 -31.31 -36.42
C ALA C 199 11.71 -32.79 -36.09
N ARG C 200 12.39 -33.25 -35.05
CA ARG C 200 12.36 -34.66 -34.68
C ARG C 200 11.33 -34.97 -33.61
N GLY C 201 10.47 -33.99 -33.31
CA GLY C 201 9.38 -34.22 -32.38
C GLY C 201 9.61 -33.84 -30.93
N PHE C 202 10.72 -33.20 -30.64
CA PHE C 202 11.01 -32.83 -29.26
C PHE C 202 10.35 -31.53 -28.86
N MET C 203 10.06 -31.41 -27.58
CA MET C 203 9.45 -30.22 -27.02
C MET C 203 10.42 -29.62 -26.03
N GLU C 204 10.74 -28.34 -26.20
CA GLU C 204 11.68 -27.68 -25.31
C GLU C 204 10.96 -27.32 -24.04
N VAL C 205 11.64 -27.51 -22.93
CA VAL C 205 10.98 -27.40 -21.65
C VAL C 205 11.84 -26.60 -20.67
N GLU C 206 11.27 -26.19 -19.55
CA GLU C 206 12.01 -25.43 -18.55
C GLU C 206 11.82 -26.05 -17.18
N THR C 207 12.89 -26.56 -16.60
CA THR C 207 12.82 -27.16 -15.29
C THR C 207 13.61 -26.27 -14.31
N PRO C 208 13.36 -26.40 -12.99
CA PRO C 208 14.00 -25.58 -11.95
C PRO C 208 15.50 -25.37 -12.05
N MET C 209 15.93 -24.17 -11.66
CA MET C 209 17.33 -23.82 -11.63
C MET C 209 17.80 -23.90 -10.19
N MET C 210 16.87 -23.65 -9.25
CA MET C 210 17.14 -23.76 -7.83
C MET C 210 16.38 -25.00 -7.40
N GLN C 211 17.04 -25.89 -6.67
CA GLN C 211 16.43 -27.15 -6.28
C GLN C 211 16.61 -27.40 -4.79
N VAL C 212 15.71 -28.21 -4.24
CA VAL C 212 15.77 -28.58 -2.83
C VAL C 212 16.87 -29.60 -2.64
N ILE C 213 17.03 -30.47 -3.64
CA ILE C 213 18.03 -31.53 -3.63
C ILE C 213 18.61 -31.60 -5.04
N PRO C 214 19.93 -31.40 -5.17
CA PRO C 214 20.58 -31.47 -6.48
C PRO C 214 20.84 -32.91 -6.89
N GLY C 215 20.99 -33.15 -8.19
CA GLY C 215 21.23 -34.49 -8.66
C GLY C 215 21.41 -34.48 -10.16
N GLY C 216 21.52 -35.66 -10.76
CA GLY C 216 21.68 -35.74 -12.21
C GLY C 216 23.13 -35.74 -12.66
N ALA C 217 24.04 -35.54 -11.71
CA ALA C 217 25.46 -35.50 -11.98
C ALA C 217 26.20 -35.59 -10.67
N SER C 218 27.49 -35.86 -10.76
CA SER C 218 28.34 -35.92 -9.57
C SER C 218 29.18 -34.65 -9.56
N ALA C 219 28.86 -33.73 -8.66
CA ALA C 219 29.60 -32.49 -8.56
C ALA C 219 29.26 -31.72 -7.29
N ARG C 220 30.02 -30.66 -7.04
CA ARG C 220 29.81 -29.83 -5.88
C ARG C 220 28.88 -28.69 -6.26
N PRO C 221 27.72 -28.63 -5.62
CA PRO C 221 26.72 -27.60 -5.91
C PRO C 221 27.00 -26.28 -5.21
N PHE C 222 26.28 -25.25 -5.64
CA PHE C 222 26.35 -23.96 -4.98
C PHE C 222 25.14 -23.94 -4.05
N ILE C 223 25.26 -23.28 -2.91
CA ILE C 223 24.14 -23.21 -1.97
C ILE C 223 23.76 -21.76 -1.80
N THR C 224 22.46 -21.51 -1.69
CA THR C 224 21.95 -20.18 -1.47
C THR C 224 20.77 -20.33 -0.54
N HIS C 225 20.36 -19.25 0.10
CA HIS C 225 19.32 -19.35 1.10
C HIS C 225 18.07 -18.57 0.76
N HIS C 226 16.95 -19.27 0.65
CA HIS C 226 15.67 -18.61 0.43
C HIS C 226 15.15 -18.21 1.78
N ASN C 227 15.08 -16.90 2.03
CA ASN C 227 14.68 -16.39 3.33
C ASN C 227 13.24 -16.64 3.74
N ALA C 228 12.29 -16.36 2.86
CA ALA C 228 10.88 -16.56 3.18
C ALA C 228 10.56 -17.94 3.75
N LEU C 229 11.09 -18.98 3.09
CA LEU C 229 10.89 -20.36 3.51
C LEU C 229 11.96 -20.81 4.50
N ASP C 230 13.00 -20.00 4.66
CA ASP C 230 14.13 -20.34 5.51
C ASP C 230 14.92 -21.55 4.96
N LEU C 231 14.55 -22.02 3.78
CA LEU C 231 15.22 -23.14 3.14
C LEU C 231 16.57 -22.78 2.53
N ASP C 232 17.54 -23.67 2.66
CA ASP C 232 18.78 -23.55 1.90
C ASP C 232 18.45 -24.29 0.62
N MET C 233 18.77 -23.70 -0.51
CA MET C 233 18.47 -24.33 -1.79
C MET C 233 19.73 -24.42 -2.63
N TYR C 234 19.74 -25.37 -3.56
CA TYR C 234 20.92 -25.64 -4.35
C TYR C 234 20.76 -25.19 -5.78
N LEU C 235 21.83 -24.68 -6.36
CA LEU C 235 21.79 -24.33 -7.76
C LEU C 235 21.93 -25.62 -8.52
N ARG C 236 21.11 -25.77 -9.55
CA ARG C 236 21.05 -26.96 -10.37
C ARG C 236 22.42 -27.40 -10.85
N ILE C 237 22.78 -28.67 -10.60
CA ILE C 237 24.00 -29.21 -11.18
C ILE C 237 23.66 -29.95 -12.49
N ALA C 238 22.37 -30.28 -12.65
CA ALA C 238 21.86 -30.95 -13.86
C ALA C 238 20.34 -30.99 -13.77
N PRO C 239 19.64 -30.82 -14.90
CA PRO C 239 18.16 -30.87 -14.93
C PRO C 239 17.61 -32.28 -15.04
N GLU C 240 18.51 -33.27 -15.05
CA GLU C 240 18.15 -34.65 -15.32
C GLU C 240 16.94 -35.21 -14.57
N LEU C 241 17.03 -35.26 -13.25
CA LEU C 241 15.95 -35.88 -12.46
C LEU C 241 14.58 -35.27 -12.69
N TYR C 242 14.56 -33.99 -13.06
CA TYR C 242 13.31 -33.31 -13.33
C TYR C 242 12.81 -33.63 -14.72
N LEU C 243 13.72 -33.72 -15.69
CA LEU C 243 13.33 -34.05 -17.05
C LEU C 243 12.75 -35.45 -17.12
N LYS C 244 13.28 -36.39 -16.35
CA LYS C 244 12.74 -37.75 -16.38
C LYS C 244 11.35 -37.84 -15.74
N ARG C 245 11.06 -36.96 -14.79
CA ARG C 245 9.71 -36.90 -14.23
C ARG C 245 8.70 -36.48 -15.30
N LEU C 246 9.14 -35.67 -16.26
CA LEU C 246 8.26 -35.25 -17.34
C LEU C 246 7.99 -36.39 -18.30
N VAL C 247 8.94 -37.31 -18.43
CA VAL C 247 8.74 -38.46 -19.29
C VAL C 247 7.73 -39.40 -18.65
N VAL C 248 7.81 -39.55 -17.32
CA VAL C 248 6.85 -40.34 -16.57
C VAL C 248 5.46 -39.73 -16.78
N GLY C 249 5.42 -38.41 -16.79
CA GLY C 249 4.17 -37.70 -16.95
C GLY C 249 3.58 -37.75 -18.35
N GLY C 250 4.30 -38.31 -19.31
CA GLY C 250 3.76 -38.41 -20.66
C GLY C 250 4.43 -37.57 -21.72
N PHE C 251 5.29 -36.63 -21.33
CA PHE C 251 6.04 -35.83 -22.30
C PHE C 251 7.22 -36.69 -22.74
N GLU C 252 6.95 -37.55 -23.72
CA GLU C 252 7.90 -38.57 -24.16
C GLU C 252 9.13 -38.12 -24.95
N ARG C 253 9.10 -36.91 -25.51
CA ARG C 253 10.25 -36.39 -26.23
C ARG C 253 10.51 -34.95 -25.80
N VAL C 254 11.24 -34.79 -24.70
CA VAL C 254 11.52 -33.46 -24.16
C VAL C 254 13.01 -33.18 -24.22
N PHE C 255 13.36 -31.90 -24.22
CA PHE C 255 14.75 -31.45 -24.19
C PHE C 255 14.85 -30.05 -23.58
N GLU C 256 16.03 -29.69 -23.11
CA GLU C 256 16.22 -28.40 -22.47
C GLU C 256 17.65 -27.91 -22.62
N ILE C 257 17.81 -26.67 -23.07
CA ILE C 257 19.13 -26.07 -23.20
C ILE C 257 19.23 -24.92 -22.22
N ASN C 258 20.06 -25.06 -21.19
CA ASN C 258 20.21 -24.00 -20.21
C ASN C 258 21.41 -24.29 -19.32
N ARG C 259 21.69 -23.39 -18.40
CA ARG C 259 22.87 -23.51 -17.57
C ARG C 259 22.88 -24.50 -16.45
N ASN C 260 24.08 -24.96 -16.11
CA ASN C 260 24.33 -25.83 -14.97
C ASN C 260 25.40 -25.10 -14.17
N PHE C 261 25.41 -25.31 -12.86
CA PHE C 261 26.33 -24.60 -11.97
C PHE C 261 27.12 -25.62 -11.16
N ARG C 262 28.43 -25.42 -11.02
CA ARG C 262 29.26 -26.36 -10.28
C ARG C 262 30.42 -25.64 -9.65
N ASN C 263 30.87 -26.10 -8.48
CA ASN C 263 32.01 -25.52 -7.80
C ASN C 263 33.37 -26.13 -8.11
N GLU C 264 33.53 -26.68 -9.32
CA GLU C 264 34.79 -27.18 -9.82
C GLU C 264 35.49 -25.81 -9.94
N GLY C 265 36.53 -25.56 -9.12
CA GLY C 265 37.10 -24.21 -9.03
C GLY C 265 37.17 -23.37 -10.30
N ILE C 266 37.91 -23.93 -11.25
CA ILE C 266 38.02 -23.48 -12.63
C ILE C 266 39.10 -22.53 -13.03
N SER C 267 39.66 -22.88 -14.18
CA SER C 267 40.65 -22.13 -14.92
C SER C 267 40.58 -22.84 -16.27
N VAL C 268 41.46 -22.49 -17.21
CA VAL C 268 41.47 -23.11 -18.53
C VAL C 268 40.08 -23.09 -19.18
N ARG C 269 39.53 -24.27 -19.47
CA ARG C 269 38.20 -24.36 -20.06
C ARG C 269 37.16 -24.86 -19.05
N HIS C 270 37.20 -24.26 -17.85
CA HIS C 270 36.21 -24.52 -16.80
C HIS C 270 35.60 -23.17 -16.39
N ASN C 271 34.29 -23.13 -16.29
CA ASN C 271 33.59 -21.93 -15.86
C ASN C 271 32.56 -22.42 -14.85
N PRO C 272 32.34 -21.67 -13.76
CA PRO C 272 31.38 -22.07 -12.72
C PRO C 272 29.95 -22.24 -13.21
N GLU C 273 29.63 -21.65 -14.36
CA GLU C 273 28.32 -21.85 -14.98
C GLU C 273 28.49 -22.07 -16.48
N PHE C 274 27.80 -23.06 -17.01
CA PHE C 274 27.94 -23.40 -18.42
C PHE C 274 26.64 -23.95 -18.99
N THR C 275 26.51 -23.92 -20.31
CA THR C 275 25.30 -24.36 -20.98
C THR C 275 25.32 -25.84 -21.38
N MET C 276 24.35 -26.59 -20.87
CA MET C 276 24.16 -28.00 -21.18
C MET C 276 22.87 -28.17 -21.97
N MET C 277 22.80 -29.23 -22.77
CA MET C 277 21.57 -29.63 -23.41
C MET C 277 21.30 -31.06 -22.98
N GLU C 278 20.07 -31.34 -22.54
CA GLU C 278 19.69 -32.72 -22.21
C GLU C 278 18.43 -33.05 -22.99
N LEU C 279 18.38 -34.26 -23.53
CA LEU C 279 17.22 -34.69 -24.30
C LEU C 279 16.83 -36.08 -23.84
N TYR C 280 15.53 -36.36 -23.82
CA TYR C 280 15.04 -37.68 -23.42
C TYR C 280 14.03 -38.17 -24.43
N MET C 281 14.25 -39.36 -24.96
CA MET C 281 13.29 -39.93 -25.87
C MET C 281 12.88 -41.29 -25.36
N ALA C 282 11.57 -41.49 -25.27
CA ALA C 282 11.02 -42.72 -24.75
C ALA C 282 11.05 -43.78 -25.85
N TYR C 283 11.14 -45.03 -25.42
CA TYR C 283 11.18 -46.18 -26.32
C TYR C 283 12.38 -46.07 -27.25
N ALA C 284 13.55 -46.01 -26.62
CA ALA C 284 14.82 -45.88 -27.30
C ALA C 284 15.90 -46.33 -26.32
N ASP C 285 17.03 -46.78 -26.86
CA ASP C 285 18.20 -47.13 -26.05
C ASP C 285 19.37 -46.27 -26.52
N TYR C 286 20.54 -46.44 -25.93
CA TYR C 286 21.65 -45.57 -26.28
C TYR C 286 22.11 -45.63 -27.73
N HIS C 287 21.93 -46.76 -28.39
CA HIS C 287 22.28 -46.85 -29.80
C HIS C 287 21.57 -45.79 -30.60
N ASP C 288 20.31 -45.55 -30.27
CA ASP C 288 19.56 -44.51 -30.95
C ASP C 288 20.18 -43.14 -30.70
N LEU C 289 20.74 -42.96 -29.52
CA LEU C 289 21.39 -41.71 -29.16
C LEU C 289 22.67 -41.51 -29.94
N ILE C 290 23.41 -42.59 -30.14
CA ILE C 290 24.65 -42.54 -30.91
C ILE C 290 24.34 -42.05 -32.31
N GLU C 291 23.28 -42.58 -32.92
CA GLU C 291 22.87 -42.10 -34.23
C GLU C 291 22.47 -40.65 -34.19
N LEU C 292 21.66 -40.26 -33.20
CA LEU C 292 21.18 -38.88 -33.13
C LEU C 292 22.36 -37.93 -33.06
N THR C 293 23.37 -38.29 -32.29
CA THR C 293 24.57 -37.47 -32.15
C THR C 293 25.30 -37.29 -33.47
N GLU C 294 25.56 -38.38 -34.17
CA GLU C 294 26.22 -38.30 -35.47
C GLU C 294 25.44 -37.37 -36.41
N SER C 295 24.12 -37.53 -36.48
CA SER C 295 23.28 -36.68 -37.33
C SER C 295 23.35 -35.23 -36.88
N LEU C 296 23.31 -35.03 -35.56
CA LEU C 296 23.34 -33.68 -35.02
C LEU C 296 24.59 -32.96 -35.53
N PHE C 297 25.75 -33.60 -35.39
CA PHE C 297 27.01 -33.00 -35.79
C PHE C 297 27.14 -32.84 -37.31
N ARG C 298 26.83 -33.88 -38.05
CA ARG C 298 26.88 -33.81 -39.51
C ARG C 298 26.05 -32.63 -40.02
N THR C 299 24.86 -32.46 -39.46
CA THR C 299 23.96 -31.39 -39.85
C THR C 299 24.46 -30.00 -39.48
N LEU C 300 24.83 -29.82 -38.22
CA LEU C 300 25.30 -28.52 -37.77
C LEU C 300 26.49 -28.08 -38.61
N ALA C 301 27.45 -28.98 -38.80
CA ALA C 301 28.62 -28.70 -39.62
C ALA C 301 28.17 -28.32 -41.01
N GLN C 302 27.36 -29.18 -41.60
CA GLN C 302 26.86 -28.99 -42.94
C GLN C 302 26.19 -27.65 -43.14
N GLU C 303 25.41 -27.22 -42.15
CA GLU C 303 24.64 -26.00 -42.29
C GLU C 303 25.35 -24.72 -41.85
N VAL C 304 25.88 -24.74 -40.64
CA VAL C 304 26.58 -23.59 -40.10
C VAL C 304 27.87 -23.29 -40.85
N LEU C 305 28.68 -24.32 -41.10
CA LEU C 305 29.98 -24.15 -41.72
C LEU C 305 30.01 -24.37 -43.23
N GLY C 306 29.20 -25.30 -43.72
CA GLY C 306 29.19 -25.59 -45.14
C GLY C 306 29.89 -26.88 -45.55
N THR C 307 30.60 -27.52 -44.63
CA THR C 307 31.24 -28.81 -44.91
C THR C 307 31.15 -29.76 -43.73
N THR C 308 31.45 -31.02 -43.97
CA THR C 308 31.47 -32.01 -42.92
C THR C 308 32.90 -32.05 -42.36
N LYS C 309 33.82 -31.42 -43.07
CA LYS C 309 35.21 -31.34 -42.63
C LYS C 309 35.39 -30.07 -41.82
N VAL C 310 35.72 -30.22 -40.55
CA VAL C 310 35.91 -29.08 -39.65
C VAL C 310 37.36 -29.05 -39.17
N THR C 311 38.10 -28.02 -39.54
CA THR C 311 39.48 -27.90 -39.08
C THR C 311 39.42 -27.33 -37.70
N TYR C 312 40.15 -27.95 -36.80
CA TYR C 312 40.18 -27.50 -35.43
C TYR C 312 41.61 -27.64 -34.91
N GLY C 313 42.23 -26.50 -34.61
CA GLY C 313 43.61 -26.52 -34.19
C GLY C 313 44.45 -27.11 -35.31
N GLU C 314 45.21 -28.14 -34.99
CA GLU C 314 46.05 -28.82 -35.97
C GLU C 314 45.37 -30.10 -36.47
N HIS C 315 44.05 -30.16 -36.33
CA HIS C 315 43.33 -31.38 -36.66
C HIS C 315 42.19 -31.11 -37.62
N VAL C 316 41.74 -32.16 -38.30
CA VAL C 316 40.61 -32.06 -39.20
C VAL C 316 39.67 -33.17 -38.80
N PHE C 317 38.45 -32.79 -38.42
CA PHE C 317 37.45 -33.75 -38.00
C PHE C 317 36.47 -33.94 -39.15
N ASP C 318 36.20 -35.16 -39.55
CA ASP C 318 35.22 -35.38 -40.60
C ASP C 318 33.90 -35.85 -40.00
N PHE C 319 32.98 -34.91 -39.81
CA PHE C 319 31.67 -35.18 -39.22
C PHE C 319 30.67 -35.88 -40.14
N GLY C 320 31.07 -36.10 -41.39
CA GLY C 320 30.20 -36.80 -42.31
C GLY C 320 30.50 -38.29 -42.33
N LYS C 321 31.41 -38.70 -41.47
CA LYS C 321 31.84 -40.09 -41.39
C LYS C 321 31.49 -40.60 -40.00
N PRO C 322 31.06 -41.86 -39.90
CA PRO C 322 30.69 -42.45 -38.61
C PRO C 322 31.83 -42.38 -37.59
N PHE C 323 31.49 -42.04 -36.36
CA PHE C 323 32.46 -41.86 -35.31
C PHE C 323 32.95 -43.20 -34.83
N GLU C 324 34.12 -43.22 -34.19
CA GLU C 324 34.67 -44.45 -33.67
C GLU C 324 33.90 -44.91 -32.44
N LYS C 325 33.75 -46.21 -32.27
CA LYS C 325 33.14 -46.78 -31.07
C LYS C 325 34.15 -47.74 -30.48
N LEU C 326 34.38 -47.61 -29.18
CA LEU C 326 35.33 -48.45 -28.44
C LEU C 326 34.73 -48.66 -27.08
N THR C 327 34.86 -49.86 -26.52
CA THR C 327 34.42 -50.06 -25.15
C THR C 327 35.49 -49.43 -24.28
N MET C 328 35.20 -49.21 -23.02
CA MET C 328 36.19 -48.57 -22.16
C MET C 328 37.45 -49.40 -22.06
N ARG C 329 37.32 -50.72 -21.93
CA ARG C 329 38.48 -51.59 -21.84
C ARG C 329 39.32 -51.64 -23.10
N GLU C 330 38.66 -51.64 -24.27
CA GLU C 330 39.39 -51.61 -25.51
C GLU C 330 40.27 -50.37 -25.54
N ALA C 331 39.70 -49.22 -25.16
CA ALA C 331 40.44 -47.97 -25.16
C ALA C 331 41.67 -48.02 -24.26
N ILE C 332 41.50 -48.58 -23.06
CA ILE C 332 42.61 -48.72 -22.11
C ILE C 332 43.71 -49.56 -22.76
N LYS C 333 43.35 -50.78 -23.16
CA LYS C 333 44.29 -51.69 -23.79
C LYS C 333 44.92 -51.08 -25.01
N LYS C 334 44.16 -50.22 -25.69
CA LYS C 334 44.66 -49.62 -26.91
C LYS C 334 45.71 -48.53 -26.69
N TYR C 335 45.57 -47.73 -25.65
CA TYR C 335 46.54 -46.66 -25.44
C TYR C 335 47.60 -46.98 -24.40
N ARG C 336 47.45 -48.13 -23.75
CA ARG C 336 48.47 -48.66 -22.87
C ARG C 336 48.48 -50.16 -23.13
N PRO C 337 48.94 -50.56 -24.31
CA PRO C 337 48.98 -51.94 -24.77
C PRO C 337 49.72 -52.93 -23.89
N GLU C 338 50.59 -52.44 -23.02
CA GLU C 338 51.31 -53.33 -22.14
C GLU C 338 50.48 -53.77 -20.96
N THR C 339 49.26 -53.26 -20.86
CA THR C 339 48.38 -53.55 -19.74
C THR C 339 47.93 -55.01 -19.70
N ASP C 340 47.98 -55.60 -18.52
CA ASP C 340 47.50 -56.96 -18.32
C ASP C 340 46.04 -56.81 -17.90
N MET C 341 45.14 -56.97 -18.87
CA MET C 341 43.71 -56.76 -18.67
C MET C 341 43.08 -57.49 -17.46
N ALA C 342 43.69 -58.59 -17.03
CA ALA C 342 43.18 -59.33 -15.88
C ALA C 342 43.30 -58.52 -14.59
N ASP C 343 44.24 -57.58 -14.57
CA ASP C 343 44.41 -56.72 -13.41
C ASP C 343 43.15 -55.93 -13.17
N LEU C 344 42.44 -55.61 -14.25
CA LEU C 344 41.20 -54.83 -14.16
C LEU C 344 40.03 -55.64 -13.61
N ASP C 345 40.22 -56.95 -13.47
CA ASP C 345 39.18 -57.82 -12.95
C ASP C 345 39.31 -58.07 -11.45
N ASN C 346 40.32 -57.47 -10.83
CA ASN C 346 40.60 -57.75 -9.43
C ASN C 346 40.88 -56.45 -8.69
N PHE C 347 40.19 -56.24 -7.57
CA PHE C 347 40.34 -55.00 -6.81
C PHE C 347 41.78 -54.64 -6.46
N ASP C 348 42.50 -55.57 -5.84
CA ASP C 348 43.88 -55.32 -5.43
C ASP C 348 44.79 -55.02 -6.63
N ALA C 349 44.64 -55.83 -7.67
CA ALA C 349 45.44 -55.68 -8.89
C ALA C 349 45.17 -54.34 -9.57
N ALA C 350 43.90 -53.99 -9.66
CA ALA C 350 43.48 -52.74 -10.28
C ALA C 350 44.02 -51.58 -9.47
N LYS C 351 43.84 -51.64 -8.15
CA LYS C 351 44.30 -50.59 -7.27
C LYS C 351 45.79 -50.39 -7.47
N ALA C 352 46.52 -51.50 -7.45
CA ALA C 352 47.95 -51.48 -7.66
C ALA C 352 48.30 -50.82 -9.00
N LEU C 353 47.60 -51.25 -10.04
CA LEU C 353 47.79 -50.72 -11.38
C LEU C 353 47.58 -49.21 -11.36
N ALA C 354 46.50 -48.76 -10.73
CA ALA C 354 46.17 -47.34 -10.65
C ALA C 354 47.31 -46.59 -10.00
N GLU C 355 47.86 -47.14 -8.93
CA GLU C 355 48.93 -46.48 -8.20
C GLU C 355 50.20 -46.35 -9.03
N SER C 356 50.55 -47.40 -9.77
CA SER C 356 51.72 -47.37 -10.66
C SER C 356 51.62 -46.17 -11.59
N ILE C 357 50.46 -46.01 -12.22
CA ILE C 357 50.22 -44.92 -13.16
C ILE C 357 50.25 -43.55 -12.48
N GLY C 358 50.15 -43.54 -11.15
CA GLY C 358 50.22 -42.29 -10.41
C GLY C 358 48.88 -41.82 -9.91
N ILE C 359 47.89 -42.71 -9.94
CA ILE C 359 46.54 -42.40 -9.50
C ILE C 359 46.43 -42.64 -7.99
N THR C 360 46.02 -41.61 -7.26
CA THR C 360 45.80 -41.75 -5.83
C THR C 360 44.42 -42.38 -5.63
N VAL C 361 44.39 -43.64 -5.23
CA VAL C 361 43.13 -44.33 -5.04
C VAL C 361 42.45 -43.95 -3.73
N GLU C 362 41.34 -43.23 -3.82
CA GLU C 362 40.59 -42.80 -2.64
C GLU C 362 39.92 -43.99 -1.94
N LYS C 363 39.62 -43.79 -0.66
CA LYS C 363 39.05 -44.86 0.17
C LYS C 363 37.67 -45.33 -0.27
N SER C 364 36.84 -44.41 -0.72
CA SER C 364 35.47 -44.71 -1.11
C SER C 364 35.37 -45.43 -2.44
N TRP C 365 36.46 -45.48 -3.19
CA TRP C 365 36.45 -46.07 -4.52
C TRP C 365 36.36 -47.57 -4.52
N GLY C 366 35.70 -48.10 -5.53
CA GLY C 366 35.63 -49.54 -5.71
C GLY C 366 36.24 -49.83 -7.05
N LEU C 367 36.25 -51.10 -7.44
CA LEU C 367 36.85 -51.52 -8.70
C LEU C 367 36.41 -50.66 -9.88
N GLY C 368 35.09 -50.62 -10.10
CA GLY C 368 34.54 -49.84 -11.19
C GLY C 368 35.08 -48.42 -11.26
N ARG C 369 35.20 -47.77 -10.11
CA ARG C 369 35.72 -46.41 -10.10
C ARG C 369 37.18 -46.41 -10.50
N ILE C 370 37.95 -47.33 -9.93
CA ILE C 370 39.37 -47.43 -10.21
C ILE C 370 39.57 -47.65 -11.71
N VAL C 371 38.85 -48.61 -12.27
CA VAL C 371 38.99 -48.90 -13.70
C VAL C 371 38.65 -47.64 -14.49
N THR C 372 37.63 -46.92 -14.08
CA THR C 372 37.25 -45.69 -14.78
C THR C 372 38.35 -44.64 -14.70
N GLU C 373 38.95 -44.51 -13.51
CA GLU C 373 40.03 -43.56 -13.31
C GLU C 373 41.21 -43.88 -14.22
N ILE C 374 41.52 -45.17 -14.34
CA ILE C 374 42.58 -45.61 -15.23
C ILE C 374 42.27 -45.19 -16.67
N PHE C 375 41.03 -45.39 -17.11
CA PHE C 375 40.64 -44.99 -18.47
C PHE C 375 40.91 -43.53 -18.68
N ASP C 376 40.49 -42.70 -17.72
CA ASP C 376 40.65 -41.26 -17.83
C ASP C 376 42.11 -40.84 -17.94
N GLU C 377 42.98 -41.53 -17.23
CA GLU C 377 44.41 -41.24 -17.27
C GLU C 377 45.01 -41.66 -18.60
N VAL C 378 44.87 -42.96 -18.87
CA VAL C 378 45.43 -43.59 -20.06
C VAL C 378 44.82 -43.16 -21.37
N ALA C 379 43.53 -43.42 -21.52
CA ALA C 379 42.84 -43.22 -22.79
C ALA C 379 42.37 -41.82 -23.13
N GLU C 380 41.68 -41.17 -22.21
CA GLU C 380 40.97 -39.93 -22.51
C GLU C 380 41.61 -38.95 -23.50
N ALA C 381 42.79 -38.47 -23.17
CA ALA C 381 43.47 -37.47 -24.00
C ALA C 381 43.86 -37.89 -25.41
N HIS C 382 43.84 -39.19 -25.71
CA HIS C 382 44.22 -39.66 -27.04
C HIS C 382 43.02 -39.74 -27.96
N LEU C 383 41.84 -39.51 -27.41
CA LEU C 383 40.60 -39.53 -28.18
C LEU C 383 40.43 -38.18 -28.88
N ILE C 384 41.11 -38.01 -30.02
CA ILE C 384 41.07 -36.74 -30.76
C ILE C 384 39.91 -36.67 -31.75
N GLN C 385 39.84 -37.65 -32.65
CA GLN C 385 38.74 -37.73 -33.59
C GLN C 385 37.49 -38.12 -32.79
N PRO C 386 36.30 -37.84 -33.33
CA PRO C 386 35.05 -38.16 -32.64
C PRO C 386 35.00 -39.63 -32.28
N THR C 387 34.88 -39.92 -30.99
CA THR C 387 34.86 -41.29 -30.49
C THR C 387 33.79 -41.50 -29.41
N PHE C 388 33.16 -42.67 -29.43
CA PHE C 388 32.16 -43.08 -28.45
C PHE C 388 32.80 -44.17 -27.61
N ILE C 389 32.90 -43.94 -26.31
CA ILE C 389 33.40 -44.97 -25.40
C ILE C 389 32.15 -45.57 -24.78
N THR C 390 32.06 -46.88 -24.73
CA THR C 390 30.86 -47.50 -24.21
C THR C 390 31.17 -48.45 -23.07
N GLU C 391 30.11 -48.99 -22.46
CA GLU C 391 30.18 -49.95 -21.37
C GLU C 391 30.87 -49.46 -20.12
N TYR C 392 30.20 -48.55 -19.43
CA TYR C 392 30.67 -47.98 -18.19
C TYR C 392 30.26 -48.83 -16.99
N PRO C 393 31.15 -48.95 -16.00
CA PRO C 393 30.85 -49.73 -14.79
C PRO C 393 29.66 -49.13 -14.06
N ALA C 394 28.92 -49.98 -13.35
CA ALA C 394 27.74 -49.54 -12.63
C ALA C 394 28.07 -48.56 -11.50
N GLU C 395 29.18 -48.76 -10.81
CA GLU C 395 29.53 -47.91 -9.66
C GLU C 395 29.51 -46.43 -10.01
N VAL C 396 29.94 -46.10 -11.22
CA VAL C 396 30.03 -44.71 -11.62
C VAL C 396 28.85 -44.25 -12.44
N SER C 397 27.83 -45.09 -12.55
CA SER C 397 26.65 -44.74 -13.34
C SER C 397 25.34 -45.00 -12.56
N PRO C 398 25.10 -44.21 -11.48
CA PRO C 398 23.94 -44.32 -10.60
C PRO C 398 22.56 -44.30 -11.24
N LEU C 399 22.48 -43.82 -12.47
CA LEU C 399 21.18 -43.59 -13.10
C LEU C 399 21.02 -44.31 -14.43
N ALA C 400 21.95 -45.21 -14.74
CA ALA C 400 21.90 -45.87 -16.05
C ALA C 400 21.50 -47.33 -15.95
N ARG C 401 20.83 -47.79 -16.99
CA ARG C 401 20.32 -49.16 -17.05
C ARG C 401 21.48 -50.15 -17.05
N ARG C 402 21.39 -51.16 -16.18
CA ARG C 402 22.39 -52.22 -16.18
C ARG C 402 22.28 -52.97 -17.48
N ASN C 403 23.40 -53.49 -17.92
CA ASN C 403 23.43 -54.29 -19.13
C ASN C 403 22.80 -55.67 -18.83
N ASP C 404 22.03 -56.20 -19.77
CA ASP C 404 21.36 -57.49 -19.60
C ASP C 404 22.29 -58.67 -19.39
N VAL C 405 23.36 -58.71 -20.18
CA VAL C 405 24.31 -59.81 -20.15
C VAL C 405 25.30 -59.70 -19.00
N ASN C 406 25.73 -58.49 -18.70
CA ASN C 406 26.70 -58.26 -17.64
C ASN C 406 26.20 -57.12 -16.78
N PRO C 407 25.49 -57.44 -15.68
CA PRO C 407 24.91 -56.46 -14.77
C PRO C 407 25.89 -55.57 -14.03
N GLU C 408 27.18 -55.80 -14.22
CA GLU C 408 28.19 -54.97 -13.57
C GLU C 408 28.52 -53.73 -14.41
N ILE C 409 28.15 -53.74 -15.69
CA ILE C 409 28.32 -52.57 -16.52
C ILE C 409 26.95 -52.06 -16.96
N THR C 410 26.90 -50.81 -17.36
CA THR C 410 25.64 -50.21 -17.71
C THR C 410 25.68 -49.82 -19.16
N ASP C 411 24.50 -49.75 -19.77
CA ASP C 411 24.38 -49.35 -21.15
C ASP C 411 24.53 -47.83 -21.19
N ARG C 412 25.77 -47.39 -21.07
CA ARG C 412 26.12 -45.98 -21.00
C ARG C 412 27.25 -45.75 -21.98
N PHE C 413 27.41 -44.51 -22.42
CA PHE C 413 28.51 -44.16 -23.31
C PHE C 413 28.87 -42.71 -23.09
N GLU C 414 30.12 -42.37 -23.36
CA GLU C 414 30.55 -40.98 -23.28
C GLU C 414 31.14 -40.68 -24.63
N PHE C 415 31.08 -39.42 -25.02
CA PHE C 415 31.46 -39.01 -26.36
C PHE C 415 32.59 -37.99 -26.30
N PHE C 416 33.71 -38.30 -26.96
CA PHE C 416 34.90 -37.45 -26.95
C PHE C 416 35.28 -36.88 -28.31
N ILE C 417 35.70 -35.61 -28.31
CA ILE C 417 36.23 -34.97 -29.51
C ILE C 417 37.33 -34.03 -29.01
N GLY C 418 38.45 -34.03 -29.73
CA GLY C 418 39.54 -33.14 -29.38
C GLY C 418 40.11 -33.41 -28.00
N GLY C 419 40.07 -34.66 -27.56
CA GLY C 419 40.64 -35.01 -26.28
C GLY C 419 39.85 -34.53 -25.08
N ARG C 420 38.65 -34.01 -25.32
CA ARG C 420 37.77 -33.57 -24.24
C ARG C 420 36.37 -34.18 -24.39
N GLU C 421 35.66 -34.34 -23.27
CA GLU C 421 34.32 -34.95 -23.25
C GLU C 421 33.27 -33.98 -23.74
N ILE C 422 32.51 -34.37 -24.76
CA ILE C 422 31.48 -33.50 -25.30
C ILE C 422 30.08 -33.94 -24.89
N GLY C 423 29.89 -35.23 -24.63
CA GLY C 423 28.57 -35.73 -24.30
C GLY C 423 28.59 -36.95 -23.41
N ASN C 424 27.44 -37.24 -22.83
CA ASN C 424 27.28 -38.36 -21.92
C ASN C 424 25.85 -38.80 -22.10
N GLY C 425 25.61 -40.10 -22.20
CA GLY C 425 24.26 -40.58 -22.45
C GLY C 425 24.10 -42.03 -22.11
N PHE C 426 22.86 -42.49 -21.99
CA PHE C 426 22.63 -43.88 -21.63
C PHE C 426 21.17 -44.31 -21.67
N SER C 427 20.96 -45.62 -21.68
CA SER C 427 19.63 -46.17 -21.58
C SER C 427 19.28 -45.93 -20.12
N GLU C 428 18.20 -45.21 -19.87
CA GLU C 428 17.80 -44.81 -18.52
C GLU C 428 17.41 -45.93 -17.58
N LEU C 429 17.69 -45.75 -16.30
CA LEU C 429 17.29 -46.72 -15.28
C LEU C 429 15.85 -46.42 -14.88
N ASN C 430 14.98 -47.41 -15.05
CA ASN C 430 13.57 -47.25 -14.69
C ASN C 430 13.11 -48.36 -13.76
N ASP C 431 14.06 -48.96 -13.07
CA ASP C 431 13.77 -49.98 -12.09
C ASP C 431 13.89 -49.24 -10.77
N ALA C 432 12.75 -48.84 -10.22
CA ALA C 432 12.71 -48.09 -8.97
C ALA C 432 13.55 -48.66 -7.83
N GLU C 433 13.44 -49.95 -7.58
CA GLU C 433 14.18 -50.60 -6.49
C GLU C 433 15.69 -50.53 -6.70
N ASP C 434 16.09 -50.75 -7.94
CA ASP C 434 17.50 -50.68 -8.28
C ASP C 434 17.90 -49.23 -8.02
N GLN C 435 17.07 -48.30 -8.49
CA GLN C 435 17.37 -46.88 -8.33
C GLN C 435 17.61 -46.53 -6.86
N ALA C 436 16.76 -47.04 -5.97
CA ALA C 436 16.88 -46.78 -4.54
C ALA C 436 18.17 -47.37 -4.01
N GLU C 437 18.46 -48.60 -4.42
CA GLU C 437 19.69 -49.28 -4.05
C GLU C 437 20.89 -48.41 -4.34
N ARG C 438 20.95 -47.89 -5.56
CA ARG C 438 22.08 -47.11 -6.02
C ARG C 438 22.22 -45.77 -5.33
N PHE C 439 21.11 -45.15 -4.97
CA PHE C 439 21.16 -43.91 -4.20
C PHE C 439 21.78 -44.23 -2.85
N GLN C 440 21.45 -45.40 -2.29
CA GLN C 440 22.04 -45.86 -1.03
C GLN C 440 23.54 -45.98 -1.16
N GLU C 441 24.00 -46.69 -2.19
CA GLU C 441 25.44 -46.84 -2.45
C GLU C 441 26.08 -45.46 -2.46
N GLN C 442 25.45 -44.53 -3.18
CA GLN C 442 25.92 -43.15 -3.26
C GLN C 442 25.99 -42.48 -1.91
N VAL C 443 24.98 -42.70 -1.08
CA VAL C 443 24.96 -42.13 0.26
C VAL C 443 26.09 -42.70 1.13
N ASN C 444 26.25 -44.02 1.13
CA ASN C 444 27.31 -44.70 1.88
C ASN C 444 28.65 -44.10 1.52
N ALA C 445 28.77 -43.75 0.25
CA ALA C 445 29.98 -43.21 -0.26
C ALA C 445 30.27 -41.79 0.12
N LYS C 446 29.21 -40.99 0.24
CA LYS C 446 29.36 -39.60 0.68
C LYS C 446 29.88 -39.66 2.11
N ALA C 447 29.37 -40.60 2.87
CA ALA C 447 29.78 -40.80 4.26
C ALA C 447 31.27 -41.10 4.33
N ALA C 448 31.74 -41.96 3.42
CA ALA C 448 33.15 -42.34 3.36
C ALA C 448 34.05 -41.31 2.68
N GLY C 449 33.59 -40.07 2.55
CA GLY C 449 34.44 -39.03 2.02
C GLY C 449 34.19 -38.53 0.60
N ASP C 450 33.40 -39.24 -0.19
CA ASP C 450 33.17 -38.77 -1.55
C ASP C 450 32.11 -37.67 -1.52
N ASP C 451 32.56 -36.43 -1.47
CA ASP C 451 31.66 -35.30 -1.40
C ASP C 451 31.02 -34.91 -2.74
N GLU C 452 31.31 -35.66 -3.79
CA GLU C 452 30.68 -35.42 -5.07
C GLU C 452 29.56 -36.45 -5.28
N ALA C 453 29.37 -37.31 -4.29
CA ALA C 453 28.32 -38.31 -4.33
C ALA C 453 26.94 -37.65 -4.43
N MET C 454 25.97 -38.42 -4.91
CA MET C 454 24.62 -37.92 -5.10
C MET C 454 23.83 -37.96 -3.79
N PHE C 455 22.75 -37.18 -3.73
CA PHE C 455 21.83 -37.19 -2.58
C PHE C 455 20.71 -38.17 -2.91
N TYR C 456 20.10 -38.74 -1.88
CA TYR C 456 18.99 -39.67 -2.10
C TYR C 456 17.73 -38.85 -2.37
N ASP C 457 17.25 -38.88 -3.61
CA ASP C 457 16.03 -38.18 -3.94
C ASP C 457 14.87 -39.15 -3.84
N GLU C 458 14.11 -39.02 -2.77
CA GLU C 458 12.97 -39.87 -2.51
C GLU C 458 11.80 -39.65 -3.48
N ASP C 459 11.53 -38.39 -3.84
CA ASP C 459 10.44 -38.12 -4.79
C ASP C 459 10.75 -38.74 -6.15
N TYR C 460 12.02 -38.72 -6.54
CA TYR C 460 12.39 -39.28 -7.83
C TYR C 460 12.08 -40.77 -7.89
N VAL C 461 12.44 -41.48 -6.81
CA VAL C 461 12.17 -42.90 -6.73
C VAL C 461 10.67 -43.17 -6.88
N THR C 462 9.87 -42.38 -6.17
CA THR C 462 8.41 -42.48 -6.22
C THR C 462 7.90 -42.28 -7.64
N ALA C 463 8.40 -41.24 -8.31
CA ALA C 463 8.02 -40.98 -9.69
C ALA C 463 8.22 -42.26 -10.49
N LEU C 464 9.38 -42.90 -10.32
CA LEU C 464 9.66 -44.15 -11.01
C LEU C 464 8.65 -45.24 -10.67
N GLU C 465 8.17 -45.26 -9.43
CA GLU C 465 7.18 -46.26 -9.05
C GLU C 465 5.87 -46.08 -9.82
N TYR C 466 5.62 -44.88 -10.32
CA TYR C 466 4.44 -44.68 -11.16
C TYR C 466 4.66 -45.20 -12.56
N GLY C 467 5.92 -45.31 -12.97
CA GLY C 467 6.23 -45.91 -14.27
C GLY C 467 6.91 -45.03 -15.29
N LEU C 468 8.20 -45.26 -15.51
CA LEU C 468 8.94 -44.55 -16.55
C LEU C 468 9.11 -45.51 -17.72
N PRO C 469 8.62 -45.14 -18.91
CA PRO C 469 8.80 -46.04 -20.04
C PRO C 469 10.28 -46.19 -20.35
N PRO C 470 10.68 -47.31 -20.96
CA PRO C 470 12.10 -47.44 -21.27
C PRO C 470 12.50 -46.22 -22.09
N THR C 471 13.56 -45.54 -21.67
CA THR C 471 13.94 -44.26 -22.24
C THR C 471 15.45 -44.16 -22.44
N ALA C 472 15.87 -43.26 -23.33
CA ALA C 472 17.27 -42.98 -23.59
C ALA C 472 17.50 -41.48 -23.44
N GLY C 473 18.52 -41.11 -22.68
CA GLY C 473 18.79 -39.69 -22.46
C GLY C 473 20.21 -39.34 -22.83
N LEU C 474 20.42 -38.09 -23.23
CA LEU C 474 21.74 -37.63 -23.66
C LEU C 474 22.00 -36.21 -23.19
N GLY C 475 23.22 -35.96 -22.71
CA GLY C 475 23.64 -34.63 -22.30
C GLY C 475 24.81 -34.19 -23.16
N ILE C 476 24.75 -32.98 -23.69
CA ILE C 476 25.82 -32.49 -24.55
C ILE C 476 26.31 -31.13 -24.06
N GLY C 477 27.62 -30.99 -23.93
CA GLY C 477 28.21 -29.75 -23.46
C GLY C 477 28.24 -28.72 -24.56
N ILE C 478 27.23 -27.86 -24.61
CA ILE C 478 27.11 -26.89 -25.68
C ILE C 478 28.33 -25.99 -25.86
N ASP C 479 28.90 -25.49 -24.76
CA ASP C 479 30.07 -24.62 -24.87
C ASP C 479 31.22 -25.33 -25.58
N ARG C 480 31.52 -26.55 -25.13
CA ARG C 480 32.55 -27.37 -25.75
C ARG C 480 32.25 -27.51 -27.25
N MET C 481 31.01 -27.80 -27.57
CA MET C 481 30.60 -27.95 -28.96
C MET C 481 30.91 -26.69 -29.74
N ILE C 482 30.66 -25.53 -29.16
CA ILE C 482 30.88 -24.29 -29.90
C ILE C 482 32.36 -24.07 -30.16
N MET C 483 33.22 -24.45 -29.21
CA MET C 483 34.67 -24.33 -29.41
C MET C 483 35.08 -25.03 -30.69
N LEU C 484 34.65 -26.27 -30.83
CA LEU C 484 35.01 -27.08 -32.00
C LEU C 484 34.63 -26.43 -33.32
N PHE C 485 33.48 -25.77 -33.35
CA PHE C 485 32.99 -25.14 -34.57
C PHE C 485 33.54 -23.74 -34.82
N THR C 486 34.27 -23.17 -33.85
CA THR C 486 34.77 -21.81 -34.02
C THR C 486 36.29 -21.74 -33.86
N ASN C 487 36.93 -22.90 -33.75
CA ASN C 487 38.37 -22.99 -33.57
C ASN C 487 38.83 -22.18 -32.36
N SER C 488 38.01 -22.16 -31.34
CA SER C 488 38.38 -21.51 -30.10
C SER C 488 38.96 -22.60 -29.23
N HIS C 489 39.96 -22.26 -28.43
CA HIS C 489 40.63 -23.28 -27.65
C HIS C 489 40.54 -23.12 -26.14
N THR C 490 39.76 -22.14 -25.72
CA THR C 490 39.40 -22.04 -24.32
C THR C 490 37.90 -21.87 -24.30
N ILE C 491 37.30 -22.30 -23.21
CA ILE C 491 35.87 -22.12 -23.04
C ILE C 491 35.57 -20.63 -22.88
N ARG C 492 36.55 -19.87 -22.42
CA ARG C 492 36.35 -18.43 -22.23
C ARG C 492 36.20 -17.67 -23.53
N ASP C 493 36.67 -18.25 -24.63
CA ASP C 493 36.58 -17.59 -25.91
C ASP C 493 35.18 -17.74 -26.50
N VAL C 494 34.39 -18.59 -25.88
CA VAL C 494 33.08 -18.91 -26.42
C VAL C 494 31.93 -18.47 -25.51
N ILE C 495 32.29 -17.90 -24.36
CA ILE C 495 31.34 -17.45 -23.36
C ILE C 495 31.49 -15.94 -23.27
N LEU C 496 30.43 -15.22 -23.58
CA LEU C 496 30.45 -13.76 -23.57
C LEU C 496 31.07 -13.15 -22.34
N PHE C 497 30.60 -13.50 -21.15
CA PHE C 497 31.15 -12.90 -19.94
C PHE C 497 31.64 -13.96 -18.98
N PRO C 498 32.81 -14.56 -19.25
CA PRO C 498 33.39 -15.60 -18.39
C PRO C 498 33.67 -15.06 -17.01
N ALA C 499 33.67 -15.94 -16.02
CA ALA C 499 33.92 -15.54 -14.64
C ALA C 499 35.40 -15.25 -14.42
N MET C 500 35.70 -14.11 -13.81
CA MET C 500 37.07 -13.68 -13.54
C MET C 500 37.20 -13.40 -12.04
N ARG C 501 38.40 -13.61 -11.50
CA ARG C 501 38.69 -13.37 -10.08
C ARG C 501 39.01 -11.88 -9.90
N PRO C 502 38.19 -11.14 -9.12
CA PRO C 502 38.42 -9.71 -8.93
C PRO C 502 39.46 -9.36 -7.86
N LYS D . 15.32 -5.22 -16.23
CA LYS D . 14.12 -4.40 -16.35
C LYS D . 13.16 -4.77 -15.23
O LYS D . 13.03 -5.93 -14.90
CB LYS D . 13.44 -4.66 -17.69
CG LYS D . 14.22 -4.15 -18.87
CD LYS D . 14.08 -2.66 -19.04
CE LYS D . 15.29 -2.09 -19.73
NZ LYS D . 14.86 -0.99 -20.59
N LYS E . -32.67 37.77 27.70
CA LYS E . -33.86 37.00 28.05
C LYS E . -34.92 37.88 28.72
O LYS E . -34.69 39.08 28.85
CB LYS E . -33.55 35.81 28.94
CG LYS E . -32.58 34.92 28.27
CD LYS E . -33.23 33.79 27.52
CE LYS E . -32.28 33.21 26.47
NZ LYS E . -32.39 31.74 26.50
N LYS F . 22.95 -34.86 -16.69
CA LYS F . 23.91 -35.85 -17.13
C LYS F . 25.29 -35.37 -16.71
O LYS F . 25.71 -34.29 -17.08
CB LYS F . 23.87 -35.99 -18.65
CG LYS F . 22.64 -36.70 -19.18
CD LYS F . 22.56 -38.10 -18.64
CE LYS F . 21.17 -38.66 -18.80
NZ LYS F . 21.15 -39.59 -19.92
#